data_7TZ5
#
_entry.id   7TZ5
#
_cell.length_a   1.00
_cell.length_b   1.00
_cell.length_c   1.00
_cell.angle_alpha   90.00
_cell.angle_beta   90.00
_cell.angle_gamma   90.00
#
_symmetry.space_group_name_H-M   'P 1'
#
loop_
_entity.id
_entity.type
_entity.pdbx_description
1 polymer 'TJ5-5 heavy chain'
2 polymer 'TJ5-5 light chain'
3 polymer Hemagglutinin
#
loop_
_entity_poly.entity_id
_entity_poly.type
_entity_poly.pdbx_seq_one_letter_code
_entity_poly.pdbx_strand_id
1 'polypeptide(L)'
;VQLVQSGAEVKKPGSSVKVSCKASGVTFTYYTISWVRQAPGQGLEWMGGIMPMFGTPNYAQKFQGRVTITADEPTSTIYM
MLSSLRSEDTAVYYCASLGNYESGGYHPYFEYWGHGTLVTVSS
;
H,I,J
2 'polypeptide(L)'
;SVLTQPPSVSGAPGQRVTISCTGSSSNIGAGYDVHWYQQLPGTAPRLLIYGNSNRPSGVPDRFSGSRSGTSASLAITGLQ
AEDEADYYCQSYDNSLSGSGVFGGGTKL
;
L,M,N
3 'polypeptide(L)'
;NSTATLCLGHHAVPNGTIVKTITNDQIEVTNATELVQSSSTGEICDSPHQILDGENCTLIDALLGDPQCDGFQNKKWDLF
VERSKAYSNCYPYDVPDYASLRSLVASSGTLEFNNESFNWTGVTQNGTSSACIRRSNNSFFSRLNWLTHLNFKYPALNVT
MPNNEQFDKLYIWGVHHPGTDKDQIFLYAQASGRITVSTKRSQQAVIPNIGSRPRVRNIPSRISIYWTIVKPGDILLINS
TGNLIAPRGYFKIRSGKSSIMRSDAPIGKCNSECITPNGSIPNDKPFQNVNRITYGACPRYVKQSTLKLATGMRNVPEKQ
TRGIFGAIAGFIENGWEGMVDGWYGFRHQNSEGRGQAADLKSTQAAIDQINGKLNRLIGKTNEKFHQIEKEFSEVEGRIQ
DLEKYVEDTKIDLWSYNAELLVALENQHTIDLTDSEMNKLFEKTKKQLRENAEDMGNGCFKIYHKCDNACIGSIRNGTYD
HDVYRDEALNNRFQI
;
A,B,C
#
# COMPACT_ATOMS: atom_id res chain seq x y z
N VAL A 1 29.55 1.85 -35.68
CA VAL A 1 30.85 1.87 -35.02
C VAL A 1 31.96 1.76 -36.05
N GLN A 2 33.06 2.48 -35.82
CA GLN A 2 34.23 2.44 -36.68
C GLN A 2 35.46 2.37 -35.80
N LEU A 3 36.33 1.40 -36.06
CA LEU A 3 37.48 1.13 -35.20
C LEU A 3 38.72 1.71 -35.86
N VAL A 4 39.50 2.46 -35.08
CA VAL A 4 40.61 3.26 -35.62
C VAL A 4 41.90 2.78 -34.96
N GLN A 5 42.58 1.84 -35.60
CA GLN A 5 43.89 1.36 -35.14
C GLN A 5 44.96 1.82 -36.13
N SER A 6 46.09 2.29 -35.60
CA SER A 6 47.19 2.72 -36.47
C SER A 6 48.47 2.85 -35.66
N GLY A 7 49.59 2.92 -36.39
CA GLY A 7 50.89 3.17 -35.79
C GLY A 7 51.78 1.96 -35.65
N ALA A 8 52.60 1.94 -34.59
CA ALA A 8 53.39 0.77 -34.20
C ALA A 8 54.34 0.32 -35.31
N GLU A 9 55.32 1.18 -35.62
CA GLU A 9 56.21 0.91 -36.74
C GLU A 9 57.14 -0.27 -36.46
N VAL A 10 58.04 -0.11 -35.48
CA VAL A 10 59.10 -1.09 -35.22
C VAL A 10 59.37 -1.12 -33.72
N LYS A 11 59.67 -2.31 -33.19
CA LYS A 11 60.13 -2.44 -31.80
C LYS A 11 61.10 -3.63 -31.75
N LYS A 12 62.40 -3.33 -31.92
CA LYS A 12 63.40 -4.35 -32.22
C LYS A 12 63.89 -5.19 -31.04
N PRO A 13 64.51 -4.60 -30.02
CA PRO A 13 65.25 -5.42 -29.06
C PRO A 13 64.38 -6.16 -28.03
N GLY A 14 63.41 -5.47 -27.46
CA GLY A 14 62.63 -6.04 -26.37
C GLY A 14 61.16 -5.68 -26.48
N SER A 15 60.52 -5.44 -25.34
CA SER A 15 59.08 -5.20 -25.31
C SER A 15 58.81 -3.72 -25.48
N SER A 16 58.17 -3.36 -26.60
CA SER A 16 57.76 -1.98 -26.81
C SER A 16 56.40 -1.82 -27.46
N VAL A 17 55.70 -2.89 -27.83
CA VAL A 17 54.46 -2.75 -28.57
C VAL A 17 53.42 -2.03 -27.73
N LYS A 18 52.65 -1.17 -28.39
CA LYS A 18 51.46 -0.58 -27.79
C LYS A 18 50.55 -0.10 -28.90
N VAL A 19 49.29 -0.51 -28.84
CA VAL A 19 48.29 -0.23 -29.87
C VAL A 19 47.02 0.28 -29.20
N SER A 20 46.26 1.09 -29.93
CA SER A 20 45.21 1.90 -29.31
C SER A 20 43.80 1.50 -29.73
N CYS A 21 43.47 1.54 -31.02
CA CYS A 21 42.15 1.17 -31.51
C CYS A 21 41.02 1.89 -30.77
N LYS A 22 40.98 3.21 -30.96
CA LYS A 22 39.94 4.04 -30.35
C LYS A 22 38.60 3.78 -31.04
N ALA A 23 37.71 3.06 -30.38
CA ALA A 23 36.38 2.82 -30.92
C ALA A 23 35.56 4.10 -30.93
N SER A 24 34.79 4.30 -31.99
CA SER A 24 33.98 5.50 -32.17
C SER A 24 32.51 5.15 -32.12
N GLY A 25 31.78 5.78 -31.18
CA GLY A 25 30.34 5.78 -31.21
C GLY A 25 29.66 4.42 -31.15
N VAL A 26 30.07 3.56 -30.24
CA VAL A 26 29.41 2.28 -30.04
C VAL A 26 28.32 2.44 -29.00
N THR A 27 27.10 2.01 -29.34
CA THR A 27 25.93 2.33 -28.54
C THR A 27 25.77 1.40 -27.35
N PHE A 28 25.61 0.11 -27.61
CA PHE A 28 25.41 -0.85 -26.54
C PHE A 28 26.66 -0.94 -25.69
N THR A 29 26.50 -0.74 -24.38
CA THR A 29 27.65 -0.53 -23.52
C THR A 29 28.47 -1.80 -23.34
N TYR A 30 27.81 -2.95 -23.14
CA TYR A 30 28.54 -4.19 -22.89
C TYR A 30 29.02 -4.78 -24.21
N TYR A 31 29.93 -4.06 -24.87
CA TYR A 31 30.52 -4.51 -26.12
C TYR A 31 31.87 -5.16 -25.86
N THR A 32 32.61 -5.42 -26.93
CA THR A 32 33.89 -6.09 -26.86
C THR A 32 34.84 -5.53 -27.90
N ILE A 33 36.13 -5.68 -27.63
CA ILE A 33 37.17 -5.34 -28.58
C ILE A 33 38.18 -6.47 -28.57
N SER A 34 38.07 -7.42 -29.50
CA SER A 34 38.89 -8.61 -29.47
C SER A 34 40.04 -8.48 -30.46
N TRP A 35 41.26 -8.53 -29.95
CA TRP A 35 42.45 -8.31 -30.75
C TRP A 35 42.85 -9.61 -31.45
N VAL A 36 43.17 -9.51 -32.74
CA VAL A 36 43.48 -10.67 -33.56
C VAL A 36 44.68 -10.36 -34.45
N ARG A 37 45.59 -11.32 -34.57
CA ARG A 37 46.80 -11.16 -35.37
C ARG A 37 46.74 -12.02 -36.62
N GLN A 38 47.55 -11.64 -37.60
CA GLN A 38 47.65 -12.40 -38.85
C GLN A 38 49.08 -12.25 -39.37
N ALA A 39 49.91 -13.24 -39.08
CA ALA A 39 51.28 -13.22 -39.57
C ALA A 39 51.29 -13.27 -41.09
N PRO A 40 52.26 -12.63 -41.73
CA PRO A 40 52.31 -12.64 -43.20
C PRO A 40 52.69 -14.00 -43.73
N GLY A 41 51.71 -14.71 -44.30
CA GLY A 41 51.89 -16.08 -44.71
C GLY A 41 51.16 -17.11 -43.86
N GLN A 42 50.31 -16.67 -42.93
CA GLN A 42 49.56 -17.59 -42.11
C GLN A 42 48.22 -16.96 -41.77
N GLY A 43 47.26 -17.80 -41.43
CA GLY A 43 45.91 -17.34 -41.14
C GLY A 43 45.81 -16.69 -39.78
N LEU A 44 44.57 -16.45 -39.37
CA LEU A 44 44.32 -15.73 -38.13
C LEU A 44 44.71 -16.55 -36.93
N GLU A 45 44.75 -15.88 -35.78
CA GLU A 45 44.97 -16.55 -34.50
C GLU A 45 44.45 -15.62 -33.41
N TRP A 46 43.38 -16.02 -32.75
CA TRP A 46 42.84 -15.23 -31.65
C TRP A 46 43.93 -14.99 -30.63
N MET A 47 44.00 -13.76 -30.12
CA MET A 47 45.14 -13.34 -29.33
C MET A 47 44.80 -12.52 -28.09
N GLY A 48 43.62 -11.94 -28.01
CA GLY A 48 43.23 -11.22 -26.81
C GLY A 48 41.73 -11.05 -26.79
N GLY A 49 41.27 -10.19 -25.91
CA GLY A 49 39.87 -9.84 -25.86
C GLY A 49 39.55 -9.14 -24.56
N ILE A 50 38.57 -8.24 -24.63
CA ILE A 50 38.21 -7.43 -23.48
C ILE A 50 36.81 -6.89 -23.68
N MET A 51 36.13 -6.65 -22.57
CA MET A 51 34.93 -5.81 -22.55
C MET A 51 35.29 -4.60 -21.70
N PRO A 52 35.32 -3.38 -22.25
CA PRO A 52 35.73 -2.25 -21.43
C PRO A 52 34.86 -2.04 -20.20
N MET A 53 33.55 -2.21 -20.32
CA MET A 53 32.67 -1.99 -19.18
C MET A 53 32.67 -3.16 -18.19
N PHE A 54 32.86 -4.38 -18.68
CA PHE A 54 33.01 -5.53 -17.81
C PHE A 54 34.45 -5.55 -17.30
N GLY A 55 34.87 -6.65 -16.68
CA GLY A 55 36.19 -6.74 -16.10
C GLY A 55 36.98 -7.93 -16.61
N THR A 56 38.23 -8.00 -16.18
CA THR A 56 39.14 -9.12 -16.40
C THR A 56 39.29 -9.52 -17.87
N PRO A 57 40.10 -8.79 -18.64
CA PRO A 57 40.37 -9.18 -20.03
C PRO A 57 40.74 -10.66 -20.16
N ASN A 58 40.51 -11.21 -21.34
CA ASN A 58 40.65 -12.63 -21.60
C ASN A 58 41.71 -12.87 -22.67
N TYR A 59 42.57 -13.86 -22.45
CA TYR A 59 43.62 -14.21 -23.39
C TYR A 59 43.43 -15.64 -23.88
N ALA A 60 44.39 -16.11 -24.68
CA ALA A 60 44.28 -17.41 -25.33
C ALA A 60 45.21 -18.47 -24.75
N GLN A 61 45.89 -18.17 -23.64
CA GLN A 61 46.70 -19.13 -22.90
C GLN A 61 47.92 -19.61 -23.68
N LYS A 62 48.04 -19.19 -24.94
CA LYS A 62 49.30 -19.23 -25.64
C LYS A 62 50.04 -17.91 -25.55
N PHE A 63 49.41 -16.90 -24.95
CA PHE A 63 50.02 -15.61 -24.73
C PHE A 63 49.89 -15.12 -23.30
N GLN A 64 49.27 -15.90 -22.42
CA GLN A 64 49.08 -15.47 -21.03
C GLN A 64 50.43 -15.17 -20.39
N GLY A 65 50.67 -13.90 -20.07
CA GLY A 65 51.94 -13.48 -19.51
C GLY A 65 52.66 -12.48 -20.38
N ARG A 66 52.55 -12.62 -21.70
CA ARG A 66 53.20 -11.70 -22.62
C ARG A 66 52.22 -10.74 -23.29
N VAL A 67 51.00 -10.61 -22.77
CA VAL A 67 50.02 -9.66 -23.28
C VAL A 67 49.32 -9.00 -22.11
N THR A 68 48.71 -7.85 -22.38
CA THR A 68 47.95 -7.12 -21.37
C THR A 68 47.07 -6.10 -22.07
N ILE A 69 45.76 -6.18 -21.86
CA ILE A 69 44.81 -5.27 -22.47
C ILE A 69 44.22 -4.40 -21.37
N THR A 70 43.98 -3.12 -21.69
CA THR A 70 43.37 -2.18 -20.76
C THR A 70 42.32 -1.35 -21.49
N ALA A 71 41.85 -0.29 -20.85
CA ALA A 71 40.87 0.60 -21.45
C ALA A 71 41.03 2.02 -20.94
N ASP A 72 40.03 2.87 -21.18
CA ASP A 72 40.03 4.23 -20.66
C ASP A 72 38.60 4.77 -20.67
N GLU A 73 38.28 5.61 -19.68
CA GLU A 73 36.94 6.18 -19.65
C GLU A 73 36.76 7.33 -20.65
N PRO A 74 37.53 8.44 -20.54
CA PRO A 74 37.22 9.60 -21.40
C PRO A 74 37.37 9.29 -22.88
N THR A 75 38.56 8.84 -23.28
CA THR A 75 38.75 8.28 -24.61
C THR A 75 38.43 6.80 -24.54
N SER A 76 37.94 6.24 -25.66
CA SER A 76 37.54 4.85 -25.70
C SER A 76 38.68 3.93 -26.11
N THR A 77 39.92 4.33 -25.86
CA THR A 77 41.08 3.59 -26.34
C THR A 77 41.16 2.21 -25.67
N ILE A 78 41.83 1.29 -26.38
CA ILE A 78 41.98 -0.09 -25.97
C ILE A 78 43.47 -0.40 -26.09
N TYR A 79 44.20 -0.32 -24.99
CA TYR A 79 45.65 -0.40 -25.03
C TYR A 79 46.11 -1.83 -24.78
N MET A 80 47.00 -2.31 -25.64
CA MET A 80 47.57 -3.64 -25.55
C MET A 80 49.09 -3.57 -25.44
N MET A 81 49.64 -4.26 -24.45
CA MET A 81 51.08 -4.27 -24.21
C MET A 81 51.63 -5.67 -24.38
N LEU A 82 52.64 -5.82 -25.21
CA LEU A 82 53.35 -7.08 -25.42
C LEU A 82 54.68 -7.03 -24.69
N SER A 83 55.00 -8.10 -23.96
CA SER A 83 56.26 -8.19 -23.23
C SER A 83 57.14 -9.26 -23.85
N SER A 84 58.44 -8.97 -23.91
CA SER A 84 59.44 -9.90 -24.45
C SER A 84 59.14 -10.24 -25.91
N LEU A 85 59.22 -9.23 -26.77
CA LEU A 85 59.07 -9.44 -28.20
C LEU A 85 60.16 -10.36 -28.73
N ARG A 86 59.78 -11.22 -29.67
CA ARG A 86 60.70 -12.10 -30.36
C ARG A 86 60.45 -11.98 -31.87
N SER A 87 61.27 -12.69 -32.65
CA SER A 87 61.06 -12.71 -34.09
C SER A 87 59.75 -13.40 -34.48
N GLU A 88 59.11 -14.08 -33.54
CA GLU A 88 57.84 -14.75 -33.77
C GLU A 88 56.65 -13.84 -33.52
N ASP A 89 56.84 -12.53 -33.58
CA ASP A 89 55.75 -11.57 -33.41
C ASP A 89 55.81 -10.48 -34.46
N THR A 90 56.06 -10.86 -35.71
CA THR A 90 55.95 -9.97 -36.86
C THR A 90 54.66 -10.31 -37.57
N ALA A 91 53.73 -9.37 -37.60
CA ALA A 91 52.38 -9.68 -38.08
C ALA A 91 51.62 -8.37 -38.25
N VAL A 92 50.35 -8.49 -38.57
CA VAL A 92 49.40 -7.38 -38.58
C VAL A 92 48.37 -7.66 -37.49
N TYR A 93 48.13 -6.68 -36.64
CA TYR A 93 47.23 -6.86 -35.50
C TYR A 93 45.94 -6.10 -35.78
N TYR A 94 44.82 -6.80 -35.72
CA TYR A 94 43.51 -6.21 -35.94
C TYR A 94 42.77 -6.07 -34.62
N CYS A 95 41.81 -5.15 -34.58
CA CYS A 95 40.91 -5.04 -33.46
C CYS A 95 39.48 -5.06 -33.99
N ALA A 96 38.67 -5.96 -33.48
CA ALA A 96 37.34 -6.20 -34.00
C ALA A 96 36.33 -6.12 -32.87
N SER A 97 35.08 -5.82 -33.23
CA SER A 97 33.98 -5.75 -32.28
C SER A 97 33.04 -6.91 -32.52
N LEU A 98 32.62 -7.58 -31.45
CA LEU A 98 31.80 -8.78 -31.61
C LEU A 98 30.32 -8.43 -31.68
N GLY A 99 29.59 -9.23 -32.46
CA GLY A 99 28.16 -9.06 -32.58
C GLY A 99 27.45 -10.35 -32.21
N ASN A 100 26.14 -10.26 -32.11
CA ASN A 100 25.33 -11.32 -31.52
C ASN A 100 24.33 -11.90 -32.50
N TYR A 101 23.65 -12.94 -32.02
CA TYR A 101 22.47 -13.52 -32.64
C TYR A 101 21.91 -14.52 -31.67
N GLU A 102 20.60 -14.71 -31.70
CA GLU A 102 19.92 -15.59 -30.77
C GLU A 102 19.66 -16.94 -31.43
N SER A 103 20.35 -17.97 -30.96
CA SER A 103 20.21 -19.31 -31.50
C SER A 103 20.86 -20.28 -30.53
N GLY A 104 20.54 -21.56 -30.71
CA GLY A 104 21.22 -22.58 -29.95
C GLY A 104 22.67 -22.70 -30.37
N GLY A 105 23.52 -23.01 -29.40
CA GLY A 105 24.95 -23.02 -29.67
C GLY A 105 25.45 -21.64 -30.02
N TYR A 106 25.07 -20.63 -29.23
CA TYR A 106 25.47 -19.27 -29.52
C TYR A 106 26.98 -19.12 -29.39
N HIS A 107 27.51 -18.20 -30.14
CA HIS A 107 28.91 -18.01 -30.38
C HIS A 107 29.09 -16.61 -30.98
N PRO A 108 29.93 -15.75 -30.43
CA PRO A 108 29.99 -14.38 -30.93
C PRO A 108 30.98 -14.23 -32.07
N TYR A 109 30.56 -13.49 -33.10
CA TYR A 109 31.31 -13.34 -34.34
C TYR A 109 31.91 -11.95 -34.42
N PHE A 110 32.81 -11.74 -35.39
CA PHE A 110 33.57 -10.49 -35.45
C PHE A 110 32.88 -9.53 -36.41
N GLU A 111 31.98 -8.71 -35.88
CA GLU A 111 31.18 -7.85 -36.76
C GLU A 111 32.03 -6.83 -37.50
N TYR A 112 32.62 -5.89 -36.76
CA TYR A 112 33.32 -4.77 -37.35
C TYR A 112 34.82 -4.89 -37.12
N TRP A 113 35.60 -4.74 -38.20
CA TRP A 113 37.04 -4.85 -38.15
C TRP A 113 37.70 -3.48 -38.27
N GLY A 114 38.87 -3.37 -37.66
CA GLY A 114 39.68 -2.18 -37.81
C GLY A 114 40.49 -2.27 -39.07
N HIS A 115 41.70 -1.73 -39.05
CA HIS A 115 42.54 -1.71 -40.24
C HIS A 115 43.86 -2.43 -40.07
N GLY A 116 44.43 -2.46 -38.87
CA GLY A 116 45.62 -3.25 -38.64
C GLY A 116 46.92 -2.49 -38.56
N THR A 117 47.61 -2.59 -37.43
CA THR A 117 48.91 -1.98 -37.27
C THR A 117 49.98 -2.98 -37.72
N LEU A 118 50.99 -2.49 -38.41
CA LEU A 118 52.06 -3.34 -38.93
C LEU A 118 53.22 -3.35 -37.93
N VAL A 119 53.05 -4.13 -36.87
CA VAL A 119 54.16 -4.37 -35.97
C VAL A 119 55.24 -5.13 -36.72
N THR A 120 56.49 -4.71 -36.58
CA THR A 120 57.58 -5.39 -37.25
C THR A 120 58.80 -5.43 -36.33
N VAL A 121 59.46 -6.58 -36.31
CA VAL A 121 60.63 -6.81 -35.48
C VAL A 121 61.80 -7.14 -36.39
N SER A 122 62.89 -6.38 -36.28
CA SER A 122 64.06 -6.61 -37.11
C SER A 122 65.28 -6.07 -36.39
N SER A 123 66.45 -6.37 -36.95
CA SER A 123 67.72 -5.93 -36.37
C SER A 123 67.80 -4.42 -36.23
N VAL B 1 12.95 -42.32 -13.99
CA VAL B 1 11.93 -43.16 -13.38
C VAL B 1 12.06 -44.59 -13.88
N GLN B 2 11.87 -45.55 -12.97
CA GLN B 2 11.91 -46.97 -13.30
C GLN B 2 10.72 -47.65 -12.66
N LEU B 3 9.99 -48.44 -13.44
CA LEU B 3 8.75 -49.04 -13.01
C LEU B 3 8.99 -50.51 -12.69
N VAL B 4 8.52 -50.97 -11.53
CA VAL B 4 8.84 -52.29 -11.01
C VAL B 4 7.55 -53.07 -10.83
N GLN B 5 7.16 -53.84 -11.83
CA GLN B 5 6.02 -54.75 -11.75
C GLN B 5 6.52 -56.17 -11.57
N SER B 6 5.78 -56.98 -10.81
CA SER B 6 6.22 -58.35 -10.56
C SER B 6 5.08 -59.18 -9.99
N GLY B 7 5.22 -60.51 -10.12
CA GLY B 7 4.34 -61.44 -9.45
C GLY B 7 3.19 -61.99 -10.27
N ALA B 8 2.05 -62.22 -9.60
CA ALA B 8 0.78 -62.59 -10.24
C ALA B 8 0.91 -63.88 -11.04
N GLU B 9 1.14 -64.98 -10.33
CA GLU B 9 1.38 -66.25 -11.01
C GLU B 9 0.12 -66.80 -11.64
N VAL B 10 -0.87 -67.17 -10.82
CA VAL B 10 -2.08 -67.87 -11.28
C VAL B 10 -3.25 -67.43 -10.42
N LYS B 11 -4.44 -67.31 -11.02
CA LYS B 11 -5.68 -67.10 -10.26
C LYS B 11 -6.82 -67.77 -11.03
N LYS B 12 -7.10 -69.02 -10.71
CA LYS B 12 -7.91 -69.90 -11.56
C LYS B 12 -9.42 -69.69 -11.49
N PRO B 13 -10.07 -69.87 -10.34
CA PRO B 13 -11.54 -69.95 -10.34
C PRO B 13 -12.26 -68.61 -10.47
N GLY B 14 -11.81 -67.61 -9.73
CA GLY B 14 -12.51 -66.34 -9.69
C GLY B 14 -11.56 -65.16 -9.66
N SER B 15 -11.96 -64.10 -8.96
CA SER B 15 -11.21 -62.85 -8.95
C SER B 15 -10.10 -62.91 -7.90
N SER B 16 -8.86 -62.90 -8.34
CA SER B 16 -7.74 -62.80 -7.40
C SER B 16 -6.60 -61.92 -7.87
N VAL B 17 -6.66 -61.32 -9.07
CA VAL B 17 -5.51 -60.58 -9.58
C VAL B 17 -5.22 -59.38 -8.70
N LYS B 18 -3.93 -59.11 -8.50
CA LYS B 18 -3.51 -57.86 -7.88
C LYS B 18 -2.06 -57.61 -8.29
N VAL B 19 -1.80 -56.40 -8.79
CA VAL B 19 -0.49 -56.01 -9.30
C VAL B 19 -0.10 -54.66 -8.71
N SER B 20 1.21 -54.42 -8.60
CA SER B 20 1.70 -53.33 -7.77
C SER B 20 2.37 -52.22 -8.56
N CYS B 21 3.44 -52.51 -9.31
CA CYS B 21 4.13 -51.51 -10.11
C CYS B 21 4.53 -50.28 -9.29
N LYS B 22 5.45 -50.49 -8.34
CA LYS B 22 5.96 -49.42 -7.50
C LYS B 22 6.88 -48.51 -8.32
N ALA B 23 6.39 -47.32 -8.66
CA ALA B 23 7.22 -46.37 -9.39
C ALA B 23 8.32 -45.80 -8.49
N SER B 24 9.51 -45.62 -9.07
CA SER B 24 10.68 -45.14 -8.32
C SER B 24 11.07 -43.76 -8.82
N GLY B 25 11.09 -42.79 -7.91
CA GLY B 25 11.74 -41.52 -8.15
C GLY B 25 11.22 -40.72 -9.32
N VAL B 26 9.91 -40.57 -9.43
CA VAL B 26 9.32 -39.71 -10.46
C VAL B 26 9.18 -38.31 -9.89
N THR B 27 9.66 -37.32 -10.64
CA THR B 27 9.83 -35.98 -10.11
C THR B 27 8.55 -35.15 -10.22
N PHE B 28 8.05 -34.96 -11.43
CA PHE B 28 6.84 -34.18 -11.63
C PHE B 28 5.66 -34.90 -11.00
N THR B 29 4.92 -34.19 -10.14
CA THR B 29 3.95 -34.86 -9.29
C THR B 29 2.74 -35.33 -10.08
N TYR B 30 2.24 -34.53 -11.00
CA TYR B 30 1.03 -34.88 -11.74
C TYR B 30 1.38 -35.82 -12.90
N TYR B 31 1.86 -37.00 -12.55
CA TYR B 31 2.22 -38.02 -13.51
C TYR B 31 1.08 -39.01 -13.67
N THR B 32 1.36 -40.11 -14.37
CA THR B 32 0.35 -41.12 -14.68
C THR B 32 0.98 -42.51 -14.64
N ILE B 33 0.13 -43.50 -14.45
CA ILE B 33 0.53 -44.90 -14.53
C ILE B 33 -0.59 -45.64 -15.27
N SER B 34 -0.40 -45.92 -16.54
CA SER B 34 -1.47 -46.47 -17.36
C SER B 34 -1.21 -47.95 -17.62
N TRP B 35 -2.16 -48.79 -17.26
CA TRP B 35 -2.01 -50.23 -17.38
C TRP B 35 -2.41 -50.69 -18.77
N VAL B 36 -1.60 -51.57 -19.36
CA VAL B 36 -1.84 -52.06 -20.71
C VAL B 36 -1.59 -53.57 -20.73
N ARG B 37 -2.48 -54.30 -21.40
CA ARG B 37 -2.36 -55.74 -21.52
C ARG B 37 -1.92 -56.13 -22.92
N GLN B 38 -1.38 -57.34 -23.04
CA GLN B 38 -0.98 -57.87 -24.33
C GLN B 38 -1.15 -59.38 -24.29
N ALA B 39 -2.29 -59.85 -24.79
CA ALA B 39 -2.54 -61.29 -24.83
C ALA B 39 -1.52 -61.97 -25.74
N PRO B 40 -1.14 -63.21 -25.43
CA PRO B 40 -0.14 -63.88 -26.27
C PRO B 40 -0.71 -64.26 -27.63
N GLY B 41 -0.29 -63.53 -28.66
CA GLY B 41 -0.87 -63.66 -29.98
C GLY B 41 -1.73 -62.50 -30.42
N GLN B 42 -1.77 -61.41 -29.66
CA GLN B 42 -2.56 -60.25 -30.04
C GLN B 42 -1.86 -58.99 -29.55
N GLY B 43 -2.19 -57.87 -30.18
CA GLY B 43 -1.55 -56.61 -29.87
C GLY B 43 -2.05 -56.02 -28.57
N LEU B 44 -1.63 -54.78 -28.32
CA LEU B 44 -1.93 -54.12 -27.07
C LEU B 44 -3.40 -53.76 -26.98
N GLU B 45 -3.82 -53.38 -25.78
CA GLU B 45 -5.17 -52.88 -25.56
C GLU B 45 -5.17 -52.06 -24.27
N TRP B 46 -5.32 -50.76 -24.39
CA TRP B 46 -5.46 -49.91 -23.22
C TRP B 46 -6.57 -50.44 -22.33
N MET B 47 -6.34 -50.43 -21.03
CA MET B 47 -7.31 -51.01 -20.12
C MET B 47 -7.52 -50.24 -18.83
N GLY B 48 -6.69 -49.27 -18.50
CA GLY B 48 -6.88 -48.51 -17.29
C GLY B 48 -6.01 -47.28 -17.34
N GLY B 49 -5.92 -46.61 -16.21
CA GLY B 49 -5.06 -45.44 -16.11
C GLY B 49 -5.44 -44.66 -14.87
N ILE B 50 -4.43 -43.98 -14.31
CA ILE B 50 -4.63 -43.26 -13.06
C ILE B 50 -3.57 -42.18 -12.97
N MET B 51 -3.90 -41.10 -12.28
CA MET B 51 -2.91 -40.14 -11.81
C MET B 51 -2.95 -40.23 -10.30
N PRO B 52 -1.89 -40.68 -9.64
CA PRO B 52 -1.98 -40.85 -8.18
C PRO B 52 -2.34 -39.57 -7.44
N MET B 53 -1.81 -38.44 -7.86
CA MET B 53 -2.09 -37.18 -7.17
C MET B 53 -3.44 -36.59 -7.56
N PHE B 54 -3.89 -36.81 -8.77
CA PHE B 54 -5.23 -36.42 -9.19
C PHE B 54 -6.21 -37.46 -8.68
N GLY B 55 -7.45 -37.43 -9.15
CA GLY B 55 -8.48 -38.33 -8.68
C GLY B 55 -9.15 -39.08 -9.81
N THR B 56 -10.03 -40.01 -9.42
CA THR B 56 -10.94 -40.73 -10.31
C THR B 56 -10.22 -41.44 -11.46
N PRO B 57 -9.62 -42.61 -11.21
CA PRO B 57 -9.00 -43.38 -12.31
C PRO B 57 -9.92 -43.51 -13.51
N ASN B 58 -9.31 -43.66 -14.68
CA ASN B 58 -10.01 -43.62 -15.96
C ASN B 58 -9.91 -44.96 -16.66
N TYR B 59 -11.01 -45.40 -17.27
CA TYR B 59 -11.09 -46.76 -17.80
C TYR B 59 -11.40 -46.75 -19.30
N ALA B 60 -11.56 -47.93 -19.86
CA ALA B 60 -11.77 -48.08 -21.30
C ALA B 60 -13.19 -48.52 -21.66
N GLN B 61 -14.08 -48.65 -20.68
CA GLN B 61 -15.49 -48.94 -20.89
C GLN B 61 -15.73 -50.34 -21.46
N LYS B 62 -14.67 -51.05 -21.80
CA LYS B 62 -14.74 -52.49 -22.03
C LYS B 62 -14.34 -53.27 -20.80
N PHE B 63 -13.91 -52.58 -19.75
CA PHE B 63 -13.58 -53.20 -18.48
C PHE B 63 -14.27 -52.54 -17.30
N GLN B 64 -15.06 -51.49 -17.52
CA GLN B 64 -15.69 -50.78 -16.42
C GLN B 64 -16.56 -51.73 -15.61
N GLY B 65 -16.16 -52.00 -14.38
CA GLY B 65 -16.88 -52.92 -13.52
C GLY B 65 -16.04 -54.08 -13.04
N ARG B 66 -15.15 -54.57 -13.89
CA ARG B 66 -14.30 -55.70 -13.55
C ARG B 66 -12.87 -55.31 -13.24
N VAL B 67 -12.59 -54.00 -13.11
CA VAL B 67 -11.24 -53.52 -12.81
C VAL B 67 -11.33 -52.38 -11.82
N THR B 68 -10.21 -52.11 -11.14
CA THR B 68 -10.15 -51.06 -10.13
C THR B 68 -8.70 -50.74 -9.83
N ILE B 69 -8.29 -49.49 -10.03
CA ILE B 69 -6.94 -49.04 -9.70
C ILE B 69 -7.01 -48.15 -8.47
N THR B 70 -5.98 -48.23 -7.62
CA THR B 70 -5.82 -47.37 -6.45
C THR B 70 -4.37 -46.89 -6.38
N ALA B 71 -4.02 -46.29 -5.24
CA ALA B 71 -2.64 -45.82 -5.04
C ALA B 71 -2.23 -45.91 -3.57
N ASP B 72 -1.12 -45.27 -3.20
CA ASP B 72 -0.69 -45.23 -1.82
C ASP B 72 0.25 -44.04 -1.63
N GLU B 73 0.21 -43.43 -0.44
CA GLU B 73 1.10 -42.31 -0.18
C GLU B 73 2.52 -42.74 0.15
N PRO B 74 2.76 -43.52 1.24
CA PRO B 74 4.15 -43.79 1.64
C PRO B 74 4.94 -44.55 0.59
N THR B 75 4.44 -45.71 0.19
CA THR B 75 4.95 -46.40 -0.99
C THR B 75 4.20 -45.87 -2.21
N SER B 76 4.88 -45.85 -3.35
CA SER B 76 4.28 -45.32 -4.57
C SER B 76 3.54 -46.39 -5.36
N THR B 77 3.06 -47.44 -4.70
CA THR B 77 2.45 -48.57 -5.39
C THR B 77 1.18 -48.16 -6.11
N ILE B 78 0.84 -48.95 -7.12
CA ILE B 78 -0.33 -48.73 -7.97
C ILE B 78 -1.08 -50.05 -8.01
N TYR B 79 -2.09 -50.20 -7.16
CA TYR B 79 -2.76 -51.48 -6.98
C TYR B 79 -3.96 -51.56 -7.90
N MET B 80 -4.03 -52.66 -8.66
CA MET B 80 -5.07 -52.91 -9.64
C MET B 80 -5.73 -54.25 -9.36
N MET B 81 -7.05 -54.24 -9.24
CA MET B 81 -7.81 -55.42 -8.90
C MET B 81 -8.78 -55.79 -10.03
N LEU B 82 -8.75 -57.05 -10.45
CA LEU B 82 -9.67 -57.60 -11.44
C LEU B 82 -10.74 -58.42 -10.74
N SER B 83 -11.99 -58.25 -11.15
CA SER B 83 -13.07 -59.04 -10.60
C SER B 83 -13.69 -59.92 -11.69
N SER B 84 -14.10 -61.12 -11.30
CA SER B 84 -14.71 -62.11 -12.20
C SER B 84 -13.75 -62.46 -13.34
N LEU B 85 -12.64 -63.10 -12.97
CA LEU B 85 -11.68 -63.58 -13.95
C LEU B 85 -12.31 -64.63 -14.84
N ARG B 86 -11.94 -64.60 -16.12
CA ARG B 86 -12.37 -65.58 -17.11
C ARG B 86 -11.15 -66.03 -17.91
N SER B 87 -11.37 -67.01 -18.79
CA SER B 87 -10.28 -67.46 -19.65
C SER B 87 -9.85 -66.39 -20.64
N GLU B 88 -10.62 -65.32 -20.77
CA GLU B 88 -10.29 -64.21 -21.66
C GLU B 88 -9.42 -63.16 -20.98
N ASP B 89 -8.72 -63.52 -19.91
CA ASP B 89 -7.80 -62.62 -19.23
C ASP B 89 -6.48 -63.30 -18.93
N THR B 90 -5.94 -64.01 -19.91
CA THR B 90 -4.59 -64.56 -19.84
C THR B 90 -3.72 -63.72 -20.75
N ALA B 91 -2.76 -63.02 -20.16
CA ALA B 91 -2.00 -62.03 -20.91
C ALA B 91 -0.79 -61.60 -20.08
N VAL B 92 -0.08 -60.60 -20.58
CA VAL B 92 0.98 -59.92 -19.86
C VAL B 92 0.53 -58.49 -19.64
N TYR B 93 0.64 -58.00 -18.41
CA TYR B 93 0.12 -56.68 -18.06
C TYR B 93 1.30 -55.76 -17.80
N TYR B 94 1.35 -54.64 -18.52
CA TYR B 94 2.40 -53.65 -18.38
C TYR B 94 1.87 -52.44 -17.63
N CYS B 95 2.79 -51.70 -17.01
CA CYS B 95 2.46 -50.41 -16.44
C CYS B 95 3.44 -49.39 -16.98
N ALA B 96 2.91 -48.32 -17.55
CA ALA B 96 3.73 -47.34 -18.24
C ALA B 96 3.43 -45.95 -17.70
N SER B 97 4.39 -45.05 -17.87
CA SER B 97 4.26 -43.67 -17.45
C SER B 97 4.17 -42.78 -18.68
N LEU B 98 3.23 -41.85 -18.68
CA LEU B 98 3.01 -41.03 -19.86
C LEU B 98 3.90 -39.79 -19.85
N GLY B 99 4.28 -39.35 -21.06
CA GLY B 99 5.05 -38.15 -21.21
C GLY B 99 4.36 -37.20 -22.18
N ASN B 100 4.89 -35.99 -22.25
CA ASN B 100 4.22 -34.90 -22.95
C ASN B 100 5.03 -34.38 -24.12
N TYR B 101 4.43 -33.42 -24.81
CA TYR B 101 5.04 -32.58 -25.82
C TYR B 101 4.03 -31.51 -26.18
N GLU B 102 4.53 -30.35 -26.57
CA GLU B 102 3.68 -29.20 -26.84
C GLU B 102 3.47 -29.08 -28.34
N SER B 103 2.25 -29.37 -28.79
CA SER B 103 1.90 -29.31 -30.21
C SER B 103 0.39 -29.31 -30.33
N GLY B 104 -0.08 -28.93 -31.51
CA GLY B 104 -1.50 -29.06 -31.79
C GLY B 104 -1.91 -30.51 -31.90
N GLY B 105 -3.13 -30.80 -31.46
CA GLY B 105 -3.56 -32.18 -31.39
C GLY B 105 -2.75 -32.97 -30.39
N TYR B 106 -2.57 -32.42 -29.20
CA TYR B 106 -1.76 -33.09 -28.19
C TYR B 106 -2.42 -34.39 -27.76
N HIS B 107 -1.59 -35.31 -27.36
CA HIS B 107 -1.88 -36.70 -27.09
C HIS B 107 -0.74 -37.28 -26.25
N PRO B 108 -1.00 -37.89 -25.10
CA PRO B 108 0.11 -38.34 -24.27
C PRO B 108 0.54 -39.76 -24.61
N TYR B 109 1.85 -39.95 -24.69
CA TYR B 109 2.45 -41.20 -25.16
C TYR B 109 3.07 -41.95 -23.99
N PHE B 110 3.46 -43.21 -24.24
CA PHE B 110 3.90 -44.09 -23.15
C PHE B 110 5.40 -44.03 -23.04
N GLU B 111 5.91 -43.11 -22.22
CA GLU B 111 7.36 -42.91 -22.15
C GLU B 111 8.10 -44.13 -21.61
N TYR B 112 7.86 -44.48 -20.35
CA TYR B 112 8.61 -45.51 -19.65
C TYR B 112 7.74 -46.72 -19.39
N TRP B 113 8.24 -47.91 -19.72
CA TRP B 113 7.51 -49.15 -19.53
C TRP B 113 8.11 -49.96 -18.39
N GLY B 114 7.26 -50.76 -17.77
CA GLY B 114 7.70 -51.71 -16.77
C GLY B 114 8.15 -52.98 -17.44
N HIS B 115 7.90 -54.12 -16.81
CA HIS B 115 8.35 -55.39 -17.35
C HIS B 115 7.22 -56.38 -17.62
N GLY B 116 6.15 -56.36 -16.85
CA GLY B 116 5.00 -57.18 -17.16
C GLY B 116 4.83 -58.41 -16.29
N THR B 117 3.70 -58.49 -15.61
CA THR B 117 3.35 -59.66 -14.81
C THR B 117 2.61 -60.65 -15.70
N LEU B 118 2.91 -61.93 -15.53
CA LEU B 118 2.31 -62.97 -16.35
C LEU B 118 1.10 -63.55 -15.62
N VAL B 119 0.00 -62.81 -15.67
CA VAL B 119 -1.27 -63.36 -15.19
C VAL B 119 -1.61 -64.57 -16.05
N THR B 120 -2.05 -65.65 -15.40
CA THR B 120 -2.43 -66.85 -16.13
C THR B 120 -3.62 -67.51 -15.46
N VAL B 121 -4.57 -67.96 -16.27
CA VAL B 121 -5.79 -68.60 -15.79
C VAL B 121 -5.83 -70.00 -16.39
N SER B 122 -5.91 -71.01 -15.52
CA SER B 122 -5.96 -72.39 -15.99
C SER B 122 -6.63 -73.23 -14.92
N SER B 123 -7.02 -74.45 -15.31
CA SER B 123 -7.69 -75.39 -14.42
C SER B 123 -6.90 -75.65 -13.15
N VAL C 1 -20.34 -11.99 -39.94
CA VAL C 1 -20.80 -10.70 -40.44
C VAL C 1 -21.34 -10.86 -41.87
N GLN C 2 -22.43 -10.15 -42.16
CA GLN C 2 -23.02 -10.15 -43.50
C GLN C 2 -23.34 -8.72 -43.87
N LEU C 3 -22.93 -8.31 -45.06
CA LEU C 3 -23.05 -6.91 -45.49
C LEU C 3 -24.22 -6.79 -46.47
N VAL C 4 -25.08 -5.81 -46.26
CA VAL C 4 -26.34 -5.70 -46.98
C VAL C 4 -26.36 -4.36 -47.72
N GLN C 5 -25.93 -4.36 -48.98
CA GLN C 5 -26.01 -3.20 -49.85
C GLN C 5 -27.20 -3.37 -50.79
N SER C 6 -27.84 -2.26 -51.16
CA SER C 6 -29.00 -2.36 -52.03
C SER C 6 -29.37 -0.99 -52.57
N GLY C 7 -30.11 -0.98 -53.68
CA GLY C 7 -30.76 0.22 -54.20
C GLY C 7 -30.01 0.96 -55.29
N ALA C 8 -30.12 2.29 -55.26
CA ALA C 8 -29.35 3.20 -56.12
C ALA C 8 -29.59 2.90 -57.61
N GLU C 9 -30.82 3.16 -58.05
CA GLU C 9 -31.18 2.83 -59.42
C GLU C 9 -30.50 3.75 -60.42
N VAL C 10 -30.83 5.04 -60.41
CA VAL C 10 -30.36 5.99 -61.42
C VAL C 10 -30.17 7.34 -60.77
N LYS C 11 -29.15 8.09 -61.22
CA LYS C 11 -29.00 9.50 -60.82
C LYS C 11 -28.35 10.25 -61.99
N LYS C 12 -29.19 10.82 -62.86
CA LYS C 12 -28.76 11.28 -64.18
C LYS C 12 -28.03 12.63 -64.20
N PRO C 13 -28.67 13.74 -63.79
CA PRO C 13 -28.09 15.06 -64.10
C PRO C 13 -26.91 15.47 -63.22
N GLY C 14 -27.04 15.28 -61.92
CA GLY C 14 -26.04 15.75 -60.98
C GLY C 14 -25.79 14.74 -59.87
N SER C 15 -25.55 15.23 -58.66
CA SER C 15 -25.15 14.38 -57.55
C SER C 15 -26.40 13.89 -56.81
N SER C 16 -26.65 12.58 -56.86
CA SER C 16 -27.73 12.01 -56.08
C SER C 16 -27.39 10.69 -55.40
N VAL C 17 -26.23 10.09 -55.66
CA VAL C 17 -25.96 8.74 -55.18
C VAL C 17 -25.95 8.72 -53.65
N LYS C 18 -26.51 7.65 -53.10
CA LYS C 18 -26.39 7.38 -51.68
C LYS C 18 -26.59 5.89 -51.46
N VAL C 19 -25.66 5.27 -50.74
CA VAL C 19 -25.66 3.82 -50.51
C VAL C 19 -25.44 3.56 -49.02
N SER C 20 -25.95 2.43 -48.55
CA SER C 20 -26.10 2.21 -47.12
C SER C 20 -25.21 1.11 -46.56
N CYS C 21 -25.32 -0.12 -47.05
CA CYS C 21 -24.48 -1.23 -46.59
C CYS C 21 -24.52 -1.38 -45.06
N LYS C 22 -25.70 -1.74 -44.55
CA LYS C 22 -25.87 -1.97 -43.12
C LYS C 22 -25.18 -3.26 -42.70
N ALA C 23 -24.06 -3.15 -42.01
CA ALA C 23 -23.36 -4.32 -41.51
C ALA C 23 -24.13 -4.98 -40.39
N SER C 24 -24.14 -6.31 -40.37
CA SER C 24 -24.90 -7.08 -39.38
C SER C 24 -23.94 -7.84 -38.49
N GLY C 25 -24.03 -7.60 -37.18
CA GLY C 25 -23.40 -8.46 -36.19
C GLY C 25 -21.91 -8.62 -36.29
N VAL C 26 -21.18 -7.51 -36.45
CA VAL C 26 -19.72 -7.55 -36.44
C VAL C 26 -19.25 -7.36 -35.01
N THR C 27 -18.38 -8.27 -34.55
CA THR C 27 -18.04 -8.36 -33.14
C THR C 27 -16.93 -7.39 -32.76
N PHE C 28 -15.78 -7.50 -33.40
CA PHE C 28 -14.65 -6.65 -33.08
C PHE C 28 -14.96 -5.22 -33.49
N THR C 29 -14.84 -4.30 -32.54
CA THR C 29 -15.38 -2.95 -32.74
C THR C 29 -14.59 -2.16 -33.77
N TYR C 30 -13.26 -2.25 -33.74
CA TYR C 30 -12.43 -1.46 -34.65
C TYR C 30 -12.32 -2.16 -36.00
N TYR C 31 -13.46 -2.26 -36.68
CA TYR C 31 -13.53 -2.86 -38.00
C TYR C 31 -13.49 -1.79 -39.08
N THR C 32 -13.77 -2.19 -40.31
CA THR C 32 -13.70 -1.31 -41.47
C THR C 32 -14.79 -1.66 -42.45
N ILE C 33 -15.15 -0.68 -43.27
CA ILE C 33 -16.06 -0.87 -44.39
C ILE C 33 -15.50 -0.11 -45.58
N SER C 34 -14.82 -0.79 -46.49
CA SER C 34 -14.12 -0.12 -47.57
C SER C 34 -14.89 -0.29 -48.87
N TRP C 35 -15.24 0.81 -49.50
CA TRP C 35 -16.06 0.81 -50.70
C TRP C 35 -15.17 0.58 -51.93
N VAL C 36 -15.63 -0.26 -52.84
CA VAL C 36 -14.89 -0.60 -54.04
C VAL C 36 -15.83 -0.63 -55.23
N ARG C 37 -15.40 -0.05 -56.34
CA ARG C 37 -16.19 0.00 -57.56
C ARG C 37 -15.64 -0.95 -58.61
N GLN C 38 -16.49 -1.32 -59.56
CA GLN C 38 -16.08 -2.17 -60.67
C GLN C 38 -16.92 -1.78 -61.88
N ALA C 39 -16.38 -0.91 -62.72
CA ALA C 39 -17.07 -0.54 -63.94
C ALA C 39 -17.25 -1.75 -64.84
N PRO C 40 -18.33 -1.81 -65.61
CA PRO C 40 -18.55 -2.98 -66.46
C PRO C 40 -17.58 -3.01 -67.62
N GLY C 41 -16.61 -3.92 -67.54
CA GLY C 41 -15.51 -3.97 -68.47
C GLY C 41 -14.16 -3.59 -67.91
N GLN C 42 -14.05 -3.39 -66.60
CA GLN C 42 -12.77 -3.03 -65.99
C GLN C 42 -12.72 -3.62 -64.59
N GLY C 43 -11.49 -3.77 -64.09
CA GLY C 43 -11.28 -4.35 -62.79
C GLY C 43 -11.62 -3.38 -61.67
N LEU C 44 -11.27 -3.78 -60.45
CA LEU C 44 -11.62 -3.01 -59.28
C LEU C 44 -10.85 -1.70 -59.23
N GLU C 45 -11.28 -0.84 -58.31
CA GLU C 45 -10.54 0.38 -58.01
C GLU C 45 -10.98 0.86 -56.64
N TRP C 46 -10.08 0.78 -55.67
CA TRP C 46 -10.36 1.30 -54.33
C TRP C 46 -10.82 2.73 -54.43
N MET C 47 -11.86 3.08 -53.68
CA MET C 47 -12.45 4.40 -53.81
C MET C 47 -12.81 5.06 -52.48
N GLY C 48 -12.77 4.35 -51.37
CA GLY C 48 -13.08 4.95 -50.09
C GLY C 48 -12.67 4.00 -48.99
N GLY C 49 -13.12 4.31 -47.79
CA GLY C 49 -12.85 3.46 -46.65
C GLY C 49 -13.08 4.22 -45.38
N ILE C 50 -13.53 3.50 -44.36
CA ILE C 50 -13.91 4.13 -43.10
C ILE C 50 -13.76 3.10 -41.99
N MET C 51 -13.49 3.59 -40.79
CA MET C 51 -13.64 2.80 -39.57
C MET C 51 -14.74 3.50 -38.78
N PRO C 52 -15.91 2.89 -38.59
CA PRO C 52 -16.98 3.62 -37.91
C PRO C 52 -16.61 4.09 -36.51
N MET C 53 -15.89 3.28 -35.75
CA MET C 53 -15.54 3.67 -34.39
C MET C 53 -14.35 4.61 -34.35
N PHE C 54 -13.42 4.50 -35.30
CA PHE C 54 -12.33 5.45 -35.43
C PHE C 54 -12.86 6.68 -36.14
N GLY C 55 -11.98 7.58 -36.59
CA GLY C 55 -12.38 8.82 -37.20
C GLY C 55 -11.75 9.01 -38.57
N THR C 56 -12.17 10.10 -39.23
CA THR C 56 -11.60 10.59 -40.48
C THR C 56 -11.54 9.54 -41.58
N PRO C 57 -12.65 9.27 -42.27
CA PRO C 57 -12.63 8.35 -43.41
C PRO C 57 -11.51 8.65 -44.38
N ASN C 58 -11.07 7.61 -45.10
CA ASN C 58 -9.89 7.68 -45.95
C ASN C 58 -10.30 7.50 -47.40
N TYR C 59 -9.66 8.24 -48.30
CA TYR C 59 -10.01 8.26 -49.71
C TYR C 59 -8.82 7.79 -50.56
N ALA C 60 -8.97 7.89 -51.88
CA ALA C 60 -7.96 7.44 -52.80
C ALA C 60 -7.29 8.57 -53.57
N GLN C 61 -7.64 9.82 -53.28
CA GLN C 61 -7.01 11.01 -53.85
C GLN C 61 -7.28 11.14 -55.35
N LYS C 62 -7.95 10.16 -55.94
CA LYS C 62 -8.60 10.34 -57.23
C LYS C 62 -10.08 10.64 -57.07
N PHE C 63 -10.58 10.62 -55.85
CA PHE C 63 -11.95 11.00 -55.55
C PHE C 63 -12.05 12.04 -54.46
N GLN C 64 -10.94 12.47 -53.87
CA GLN C 64 -10.97 13.41 -52.76
C GLN C 64 -11.70 14.68 -53.16
N GLY C 65 -12.85 14.93 -52.55
CA GLY C 65 -13.66 16.08 -52.88
C GLY C 65 -15.01 15.69 -53.43
N ARG C 66 -15.08 14.58 -54.14
CA ARG C 66 -16.32 14.12 -54.74
C ARG C 66 -16.87 12.85 -54.10
N VAL C 67 -16.40 12.50 -52.90
CA VAL C 67 -16.96 11.39 -52.13
C VAL C 67 -17.04 11.82 -50.67
N THR C 68 -17.86 11.10 -49.91
CA THR C 68 -18.02 11.37 -48.48
C THR C 68 -18.66 10.16 -47.83
N ILE C 69 -17.97 9.56 -46.87
CA ILE C 69 -18.47 8.40 -46.14
C ILE C 69 -18.80 8.84 -44.72
N THR C 70 -19.91 8.33 -44.17
CA THR C 70 -20.30 8.59 -42.80
C THR C 70 -20.71 7.28 -42.14
N ALA C 71 -21.26 7.38 -40.94
CA ALA C 71 -21.75 6.20 -40.23
C ALA C 71 -23.00 6.52 -39.42
N ASP C 72 -23.39 5.61 -38.52
CA ASP C 72 -24.51 5.86 -37.62
C ASP C 72 -24.36 4.97 -36.39
N GLU C 73 -24.81 5.46 -35.24
CA GLU C 73 -24.70 4.65 -34.03
C GLU C 73 -25.80 3.58 -33.95
N PRO C 74 -27.11 3.95 -33.93
CA PRO C 74 -28.13 2.92 -33.68
C PRO C 74 -28.17 1.86 -34.76
N THR C 75 -28.36 2.28 -36.00
CA THR C 75 -28.17 1.41 -37.15
C THR C 75 -26.71 1.48 -37.56
N SER C 76 -26.19 0.37 -38.08
CA SER C 76 -24.78 0.31 -38.46
C SER C 76 -24.53 0.76 -39.90
N THR C 77 -25.41 1.60 -40.44
CA THR C 77 -25.31 1.97 -41.84
C THR C 77 -24.04 2.77 -42.13
N ILE C 78 -23.56 2.61 -43.36
CA ILE C 78 -22.36 3.29 -43.86
C ILE C 78 -22.80 4.09 -45.07
N TYR C 79 -23.07 5.38 -44.88
CA TYR C 79 -23.65 6.21 -45.93
C TYR C 79 -22.54 6.87 -46.72
N MET C 80 -22.63 6.77 -48.05
CA MET C 80 -21.63 7.32 -48.95
C MET C 80 -22.30 8.24 -49.96
N MET C 81 -21.77 9.46 -50.09
CA MET C 81 -22.36 10.46 -50.97
C MET C 81 -21.36 10.83 -52.05
N LEU C 82 -21.81 10.76 -53.30
CA LEU C 82 -21.03 11.17 -54.46
C LEU C 82 -21.52 12.52 -54.94
N SER C 83 -20.59 13.42 -55.27
CA SER C 83 -20.94 14.74 -55.76
C SER C 83 -20.50 14.91 -57.21
N SER C 84 -21.35 15.56 -58.00
CA SER C 84 -21.08 15.85 -59.40
C SER C 84 -20.86 14.56 -60.21
N LEU C 85 -21.91 13.77 -60.30
CA LEU C 85 -21.87 12.57 -61.13
C LEU C 85 -21.64 12.92 -62.59
N ARG C 86 -20.86 12.09 -63.26
CA ARG C 86 -20.62 12.18 -64.69
C ARG C 86 -20.87 10.81 -65.30
N SER C 87 -20.68 10.71 -66.62
CA SER C 87 -20.83 9.43 -67.28
C SER C 87 -19.73 8.44 -66.87
N GLU C 88 -18.70 8.91 -66.17
CA GLU C 88 -17.60 8.08 -65.73
C GLU C 88 -17.84 7.46 -64.35
N ASP C 89 -19.08 7.41 -63.89
CA ASP C 89 -19.44 6.75 -62.65
C ASP C 89 -20.61 5.81 -62.84
N THR C 90 -20.57 5.01 -63.90
CA THR C 90 -21.50 3.91 -64.11
C THR C 90 -20.75 2.64 -63.79
N ALA C 91 -21.17 1.94 -62.73
CA ALA C 91 -20.38 0.82 -62.22
C ALA C 91 -21.22 0.05 -61.23
N VAL C 92 -20.60 -0.93 -60.58
CA VAL C 92 -21.17 -1.67 -59.46
C VAL C 92 -20.32 -1.36 -58.25
N TYR C 93 -20.95 -0.97 -57.15
CA TYR C 93 -20.23 -0.53 -55.97
C TYR C 93 -20.39 -1.57 -54.88
N TYR C 94 -19.28 -2.06 -54.36
CA TYR C 94 -19.26 -3.07 -53.31
C TYR C 94 -18.85 -2.44 -51.99
N CYS C 95 -19.24 -3.08 -50.90
CA CYS C 95 -18.76 -2.71 -49.58
C CYS C 95 -18.22 -3.96 -48.91
N ALA C 96 -16.98 -3.88 -48.45
CA ALA C 96 -16.29 -5.04 -47.92
C ALA C 96 -15.73 -4.73 -46.55
N SER C 97 -15.50 -5.77 -45.76
CA SER C 97 -14.93 -5.66 -44.43
C SER C 97 -13.53 -6.23 -44.43
N LEU C 98 -12.59 -5.53 -43.83
CA LEU C 98 -11.20 -5.96 -43.89
C LEU C 98 -10.87 -6.92 -42.75
N GLY C 99 -9.95 -7.84 -43.04
CA GLY C 99 -9.49 -8.79 -42.04
C GLY C 99 -7.98 -8.74 -41.92
N ASN C 100 -7.48 -9.37 -40.87
CA ASN C 100 -6.08 -9.24 -40.48
C ASN C 100 -5.33 -10.56 -40.59
N TYR C 101 -4.03 -10.45 -40.32
CA TYR C 101 -3.11 -11.55 -40.14
C TYR C 101 -1.80 -10.96 -39.65
N GLU C 102 -1.09 -11.71 -38.81
CA GLU C 102 0.13 -11.23 -38.19
C GLU C 102 1.33 -11.74 -39.00
N SER C 103 2.02 -10.82 -39.67
CA SER C 103 3.18 -11.17 -40.47
C SER C 103 3.91 -9.88 -40.81
N GLY C 104 5.15 -10.03 -41.25
CA GLY C 104 5.90 -8.89 -41.76
C GLY C 104 5.30 -8.38 -43.05
N GLY C 105 5.37 -7.07 -43.23
CA GLY C 105 4.71 -6.46 -44.37
C GLY C 105 3.21 -6.64 -44.31
N TYR C 106 2.62 -6.33 -43.16
CA TYR C 106 1.19 -6.52 -42.99
C TYR C 106 0.43 -5.56 -43.90
N HIS C 107 -0.75 -6.00 -44.28
CA HIS C 107 -1.60 -5.43 -45.31
C HIS C 107 -3.00 -6.00 -45.11
N PRO C 108 -4.04 -5.19 -44.99
CA PRO C 108 -5.37 -5.75 -44.69
C PRO C 108 -6.12 -6.09 -45.96
N TYR C 109 -6.75 -7.27 -45.96
CA TYR C 109 -7.41 -7.85 -47.12
C TYR C 109 -8.93 -7.77 -46.96
N PHE C 110 -9.65 -8.03 -48.05
CA PHE C 110 -11.09 -7.80 -48.07
C PHE C 110 -11.80 -9.10 -47.71
N GLU C 111 -12.04 -9.32 -46.42
CA GLU C 111 -12.59 -10.60 -45.98
C GLU C 111 -13.99 -10.83 -46.54
N TYR C 112 -14.96 -10.03 -46.11
CA TYR C 112 -16.36 -10.25 -46.43
C TYR C 112 -16.86 -9.20 -47.40
N TRP C 113 -17.52 -9.63 -48.47
CA TRP C 113 -18.03 -8.74 -49.49
C TRP C 113 -19.55 -8.63 -49.41
N GLY C 114 -20.06 -7.50 -49.85
CA GLY C 114 -21.49 -7.31 -49.95
C GLY C 114 -21.97 -7.85 -51.27
N HIS C 115 -22.96 -7.19 -51.87
CA HIS C 115 -23.53 -7.66 -53.12
C HIS C 115 -23.42 -6.67 -54.27
N GLY C 116 -23.49 -5.38 -53.99
CA GLY C 116 -23.26 -4.40 -55.03
C GLY C 116 -24.49 -3.69 -55.55
N THR C 117 -24.52 -2.37 -55.39
CA THR C 117 -25.60 -1.55 -55.94
C THR C 117 -25.25 -1.20 -57.38
N LEU C 118 -26.27 -1.10 -58.22
CA LEU C 118 -26.08 -0.82 -59.65
C LEU C 118 -26.35 0.67 -59.90
N VAL C 119 -25.38 1.50 -59.53
CA VAL C 119 -25.46 2.90 -59.91
C VAL C 119 -25.42 2.98 -61.43
N THR C 120 -26.27 3.81 -62.01
CA THR C 120 -26.30 3.96 -63.45
C THR C 120 -26.64 5.40 -63.80
N VAL C 121 -25.91 5.96 -64.76
CA VAL C 121 -26.09 7.33 -65.20
C VAL C 121 -26.47 7.30 -66.67
N SER C 122 -27.62 7.88 -67.01
CA SER C 122 -28.07 7.89 -68.40
C SER C 122 -29.00 9.09 -68.59
N SER C 123 -29.22 9.43 -69.85
CA SER C 123 -30.09 10.56 -70.22
C SER C 123 -31.49 10.42 -69.63
N SER D 1 -7.45 -51.89 -31.15
CA SER D 1 -8.35 -52.65 -32.01
C SER D 1 -9.05 -51.75 -33.01
N VAL D 2 -9.42 -50.55 -32.55
CA VAL D 2 -10.28 -49.66 -33.35
C VAL D 2 -9.54 -49.17 -34.58
N LEU D 3 -8.28 -48.77 -34.44
CA LEU D 3 -7.52 -48.28 -35.58
C LEU D 3 -7.29 -49.40 -36.59
N THR D 4 -7.49 -49.08 -37.87
CA THR D 4 -7.21 -50.02 -38.93
C THR D 4 -5.72 -50.15 -39.11
N GLN D 5 -5.23 -51.38 -39.12
CA GLN D 5 -3.81 -51.65 -39.13
C GLN D 5 -3.49 -52.64 -40.23
N PRO D 6 -2.38 -52.47 -40.95
CA PRO D 6 -1.94 -53.49 -41.89
C PRO D 6 -1.81 -54.82 -41.18
N PRO D 7 -2.68 -55.78 -41.51
CA PRO D 7 -2.99 -56.88 -40.57
C PRO D 7 -1.77 -57.61 -40.03
N SER D 8 -1.00 -58.23 -40.90
CA SER D 8 0.11 -59.04 -40.43
C SER D 8 1.33 -58.93 -41.34
N VAL D 9 1.30 -58.07 -42.34
CA VAL D 9 2.35 -58.01 -43.35
C VAL D 9 2.93 -56.61 -43.37
N SER D 10 4.26 -56.53 -43.26
CA SER D 10 5.02 -55.36 -43.67
C SER D 10 5.84 -55.65 -44.91
N GLY D 11 5.76 -56.87 -45.44
CA GLY D 11 6.49 -57.29 -46.61
C GLY D 11 7.97 -57.02 -46.49
N ALA D 12 8.63 -57.72 -45.57
CA ALA D 12 10.01 -57.43 -45.21
C ALA D 12 10.91 -57.45 -46.44
N PRO D 13 11.31 -56.29 -46.94
CA PRO D 13 12.18 -56.23 -48.11
C PRO D 13 13.63 -56.34 -47.71
N GLY D 14 14.52 -56.01 -48.64
CA GLY D 14 15.90 -55.78 -48.25
C GLY D 14 15.99 -54.46 -47.52
N GLN D 15 17.01 -53.66 -47.79
CA GLN D 15 17.23 -52.43 -47.04
C GLN D 15 16.59 -51.21 -47.69
N ARG D 16 15.49 -51.39 -48.41
CA ARG D 16 14.76 -50.30 -49.03
C ARG D 16 13.88 -49.62 -47.99
N VAL D 17 12.96 -48.77 -48.44
CA VAL D 17 12.03 -48.07 -47.55
C VAL D 17 10.82 -48.96 -47.32
N THR D 18 10.44 -49.10 -46.05
CA THR D 18 9.25 -49.87 -45.68
C THR D 18 8.30 -48.96 -44.94
N ILE D 19 7.02 -49.05 -45.28
CA ILE D 19 6.00 -48.12 -44.82
C ILE D 19 4.79 -48.89 -44.31
N SER D 20 4.33 -48.56 -43.12
CA SER D 20 3.09 -49.08 -42.55
C SER D 20 2.09 -47.95 -42.43
N CYS D 21 0.90 -48.15 -42.99
CA CYS D 21 -0.10 -47.10 -43.08
C CYS D 21 -1.31 -47.47 -42.23
N THR D 22 -1.68 -46.60 -41.30
CA THR D 22 -2.84 -46.79 -40.46
C THR D 22 -3.79 -45.62 -40.64
N GLY D 23 -5.09 -45.91 -40.69
CA GLY D 23 -6.08 -44.86 -40.88
C GLY D 23 -7.36 -45.21 -40.17
N SER D 24 -8.13 -44.17 -39.88
CA SER D 24 -9.49 -44.33 -39.38
C SER D 24 -10.24 -43.02 -39.58
N SER D 25 -11.53 -43.07 -39.35
CA SER D 25 -12.44 -41.97 -39.68
C SER D 25 -12.32 -40.88 -38.62
N SER D 26 -13.29 -39.97 -38.60
CA SER D 26 -13.37 -38.97 -37.55
C SER D 26 -13.35 -39.65 -36.18
N ASN D 27 -13.03 -38.87 -35.15
CA ASN D 27 -12.60 -39.29 -33.82
C ASN D 27 -11.15 -39.74 -33.82
N ILE D 28 -10.52 -39.89 -34.99
CA ILE D 28 -9.08 -40.07 -35.11
C ILE D 28 -8.58 -39.02 -36.10
N GLY D 29 -9.46 -38.63 -37.01
CA GLY D 29 -9.21 -37.56 -37.96
C GLY D 29 -9.67 -36.21 -37.49
N ALA D 30 -10.11 -36.10 -36.24
CA ALA D 30 -10.58 -34.83 -35.67
C ALA D 30 -9.45 -33.99 -35.13
N GLY D 31 -8.21 -34.26 -35.54
CA GLY D 31 -7.07 -33.46 -35.16
C GLY D 31 -6.07 -34.15 -34.25
N TYR D 32 -6.29 -35.41 -33.91
CA TYR D 32 -5.38 -36.08 -32.99
C TYR D 32 -4.23 -36.74 -33.74
N ASP D 33 -3.18 -37.04 -32.99
CA ASP D 33 -1.92 -37.47 -33.58
C ASP D 33 -1.86 -38.99 -33.69
N VAL D 34 -0.69 -39.51 -34.05
CA VAL D 34 -0.37 -40.92 -33.88
C VAL D 34 1.03 -41.02 -33.30
N HIS D 35 1.32 -42.17 -32.70
CA HIS D 35 2.66 -42.49 -32.21
C HIS D 35 3.06 -43.82 -32.83
N TRP D 36 4.23 -44.32 -32.45
CA TRP D 36 4.72 -45.58 -33.03
C TRP D 36 5.60 -46.29 -32.01
N TYR D 37 5.12 -47.41 -31.51
CA TYR D 37 5.82 -48.18 -30.48
C TYR D 37 6.35 -49.47 -31.08
N GLN D 38 7.66 -49.59 -31.20
CA GLN D 38 8.26 -50.85 -31.62
C GLN D 38 8.34 -51.78 -30.42
N GLN D 39 8.06 -53.05 -30.67
CA GLN D 39 8.04 -54.07 -29.62
C GLN D 39 9.03 -55.16 -30.00
N LEU D 40 10.20 -55.15 -29.40
CA LEU D 40 11.09 -56.27 -29.58
C LEU D 40 10.44 -57.52 -28.99
N PRO D 41 10.66 -58.69 -29.59
CA PRO D 41 9.94 -59.90 -29.14
C PRO D 41 10.09 -60.17 -27.66
N GLY D 42 8.98 -60.09 -26.93
CA GLY D 42 8.98 -60.31 -25.50
C GLY D 42 9.12 -59.05 -24.66
N THR D 43 10.19 -58.31 -24.89
CA THR D 43 10.50 -57.13 -24.08
C THR D 43 9.43 -56.05 -24.28
N ALA D 44 9.26 -55.23 -23.25
CA ALA D 44 8.26 -54.16 -23.30
C ALA D 44 8.56 -53.21 -24.46
N PRO D 45 7.53 -52.75 -25.15
CA PRO D 45 7.73 -51.95 -26.36
C PRO D 45 8.48 -50.65 -26.10
N ARG D 46 9.20 -50.19 -27.11
CA ARG D 46 10.00 -48.98 -27.04
C ARG D 46 9.42 -47.95 -28.00
N LEU D 47 9.36 -46.70 -27.55
CA LEU D 47 8.77 -45.62 -28.33
C LEU D 47 9.70 -45.14 -29.43
N LEU D 48 9.13 -44.84 -30.60
CA LEU D 48 9.89 -44.39 -31.77
C LEU D 48 9.50 -43.03 -32.29
N ILE D 49 8.21 -42.70 -32.35
CA ILE D 49 7.77 -41.43 -32.90
C ILE D 49 6.64 -40.92 -32.02
N TYR D 50 6.68 -39.64 -31.69
CA TYR D 50 5.58 -39.00 -31.00
C TYR D 50 5.25 -37.71 -31.73
N GLY D 51 3.96 -37.44 -31.89
CA GLY D 51 3.56 -36.27 -32.64
C GLY D 51 3.74 -36.40 -34.13
N ASN D 52 3.82 -37.63 -34.62
CA ASN D 52 3.87 -37.98 -36.04
C ASN D 52 5.21 -37.65 -36.69
N SER D 53 6.07 -36.89 -36.01
CA SER D 53 7.35 -36.56 -36.62
C SER D 53 8.54 -36.62 -35.69
N ASN D 54 8.38 -36.49 -34.38
CA ASN D 54 9.52 -36.37 -33.50
C ASN D 54 10.13 -37.74 -33.22
N ARG D 55 11.33 -37.74 -32.65
CA ARG D 55 12.02 -38.95 -32.30
C ARG D 55 12.55 -38.82 -30.87
N PRO D 56 12.26 -39.75 -30.00
CA PRO D 56 12.65 -39.60 -28.59
C PRO D 56 14.15 -39.72 -28.39
N SER D 57 14.58 -39.67 -27.14
CA SER D 57 15.99 -39.72 -26.80
C SER D 57 16.54 -41.11 -27.09
N GLY D 58 17.24 -41.28 -28.21
CA GLY D 58 17.88 -42.54 -28.50
C GLY D 58 17.23 -43.35 -29.60
N VAL D 59 16.79 -42.67 -30.66
CA VAL D 59 16.30 -43.38 -31.85
C VAL D 59 16.98 -42.78 -33.08
N PRO D 60 17.54 -43.60 -33.96
CA PRO D 60 18.30 -43.07 -35.09
C PRO D 60 17.43 -42.36 -36.12
N ASP D 61 18.06 -41.84 -37.17
CA ASP D 61 17.38 -41.19 -38.28
C ASP D 61 16.81 -42.17 -39.29
N ARG D 62 16.72 -43.44 -38.93
CA ARG D 62 16.18 -44.45 -39.82
C ARG D 62 14.67 -44.44 -39.85
N PHE D 63 14.03 -44.03 -38.76
CA PHE D 63 12.58 -44.06 -38.63
C PHE D 63 12.00 -42.67 -38.85
N SER D 64 10.80 -42.64 -39.45
CA SER D 64 10.11 -41.39 -39.69
C SER D 64 8.64 -41.69 -39.91
N GLY D 65 7.82 -40.64 -39.80
CA GLY D 65 6.39 -40.80 -40.00
C GLY D 65 5.75 -39.48 -40.36
N SER D 66 4.45 -39.55 -40.66
CA SER D 66 3.67 -38.36 -41.01
C SER D 66 2.18 -38.66 -41.05
N ARG D 67 1.36 -37.77 -40.49
CA ARG D 67 -0.09 -37.89 -40.61
C ARG D 67 -0.56 -36.93 -41.70
N SER D 68 -1.14 -37.48 -42.76
CA SER D 68 -1.55 -36.72 -43.93
C SER D 68 -3.07 -36.78 -44.04
N GLY D 69 -3.74 -35.80 -43.45
CA GLY D 69 -5.20 -35.74 -43.53
C GLY D 69 -5.89 -36.71 -42.59
N THR D 70 -6.51 -37.74 -43.15
CA THR D 70 -7.27 -38.72 -42.38
C THR D 70 -6.58 -40.08 -42.46
N SER D 71 -5.25 -40.05 -42.44
CA SER D 71 -4.45 -41.27 -42.43
C SER D 71 -3.05 -40.91 -41.95
N ALA D 72 -2.38 -41.91 -41.40
CA ALA D 72 -1.01 -41.76 -40.93
C ALA D 72 -0.19 -42.95 -41.37
N SER D 73 1.12 -42.75 -41.48
CA SER D 73 1.98 -43.79 -42.02
C SER D 73 3.37 -43.69 -41.42
N LEU D 74 3.84 -44.78 -40.84
CA LEU D 74 5.25 -44.90 -40.50
C LEU D 74 6.07 -44.99 -41.78
N ALA D 75 7.32 -44.55 -41.69
CA ALA D 75 8.22 -44.62 -42.84
C ALA D 75 9.61 -45.02 -42.32
N ILE D 76 9.94 -46.30 -42.49
CA ILE D 76 11.27 -46.80 -42.13
C ILE D 76 12.16 -46.51 -43.33
N THR D 77 12.88 -45.38 -43.26
CA THR D 77 13.67 -44.93 -44.41
C THR D 77 14.81 -45.91 -44.71
N GLY D 78 15.71 -46.10 -43.75
CA GLY D 78 16.68 -47.18 -43.86
C GLY D 78 16.08 -48.49 -43.38
N LEU D 79 16.92 -49.51 -43.29
CA LEU D 79 16.49 -50.78 -42.73
C LEU D 79 17.72 -51.60 -42.37
N GLN D 80 17.56 -52.49 -41.41
CA GLN D 80 18.60 -53.44 -41.04
C GLN D 80 17.95 -54.65 -40.42
N ALA D 81 18.71 -55.75 -40.37
CA ALA D 81 18.16 -57.03 -39.97
C ALA D 81 18.10 -57.22 -38.45
N GLU D 82 18.55 -56.25 -37.68
CA GLU D 82 18.42 -56.29 -36.23
C GLU D 82 17.29 -55.41 -35.72
N ASP D 83 16.39 -54.96 -36.60
CA ASP D 83 15.25 -54.13 -36.25
C ASP D 83 13.94 -54.86 -36.54
N GLU D 84 13.97 -56.18 -36.59
CA GLU D 84 12.76 -56.95 -36.87
C GLU D 84 11.91 -57.03 -35.61
N ALA D 85 10.79 -56.31 -35.60
CA ALA D 85 9.93 -56.26 -34.43
C ALA D 85 8.59 -55.65 -34.84
N ASP D 86 7.61 -55.79 -33.94
CA ASP D 86 6.27 -55.28 -34.17
C ASP D 86 6.28 -53.76 -34.25
N TYR D 87 5.14 -53.20 -34.65
CA TYR D 87 4.97 -51.75 -34.72
C TYR D 87 3.51 -51.42 -34.44
N TYR D 88 3.27 -50.66 -33.40
CA TYR D 88 1.93 -50.34 -32.94
C TYR D 88 1.72 -48.84 -33.03
N CYS D 89 0.52 -48.43 -33.37
CA CYS D 89 0.18 -47.02 -33.51
C CYS D 89 -0.88 -46.67 -32.48
N GLN D 90 -0.68 -45.57 -31.77
CA GLN D 90 -1.67 -45.08 -30.83
C GLN D 90 -2.35 -43.87 -31.44
N SER D 91 -3.61 -43.65 -31.07
CA SER D 91 -4.32 -42.44 -31.42
C SER D 91 -5.33 -42.17 -30.32
N TYR D 92 -6.16 -41.17 -30.52
CA TYR D 92 -7.19 -40.85 -29.55
C TYR D 92 -8.55 -41.08 -30.19
N ASP D 93 -9.57 -41.20 -29.36
CA ASP D 93 -10.92 -41.42 -29.83
C ASP D 93 -11.86 -40.55 -29.00
N ASN D 94 -13.00 -40.22 -29.60
CA ASN D 94 -14.02 -39.42 -28.94
C ASN D 94 -15.33 -40.20 -28.78
N SER D 95 -15.22 -41.49 -28.47
CA SER D 95 -16.41 -42.22 -28.06
C SER D 95 -16.59 -42.04 -26.56
N LEU D 96 -16.46 -40.79 -26.12
CA LEU D 96 -16.72 -40.29 -24.79
C LEU D 96 -15.71 -40.75 -23.75
N SER D 97 -14.93 -41.79 -24.03
CA SER D 97 -13.67 -41.99 -23.31
C SER D 97 -12.51 -42.25 -24.27
N GLY D 98 -12.61 -43.37 -24.99
CA GLY D 98 -11.76 -43.76 -26.10
C GLY D 98 -10.31 -43.36 -26.09
N SER D 99 -9.55 -43.66 -25.04
CA SER D 99 -8.23 -43.06 -24.97
C SER D 99 -7.20 -43.78 -25.84
N GLY D 100 -6.85 -45.01 -25.49
CA GLY D 100 -5.71 -45.64 -26.10
C GLY D 100 -5.99 -46.61 -27.22
N VAL D 101 -6.56 -46.14 -28.33
CA VAL D 101 -6.78 -47.04 -29.45
C VAL D 101 -5.43 -47.45 -30.02
N PHE D 102 -5.18 -48.75 -30.11
CA PHE D 102 -3.89 -49.26 -30.53
C PHE D 102 -3.95 -49.96 -31.88
N GLY D 103 -4.76 -50.99 -32.03
CA GLY D 103 -4.81 -51.72 -33.28
C GLY D 103 -4.33 -53.15 -33.17
N GLY D 104 -3.71 -53.66 -34.22
CA GLY D 104 -3.20 -55.02 -34.21
C GLY D 104 -1.70 -55.08 -34.32
N GLY D 105 -1.11 -54.06 -34.93
CA GLY D 105 0.32 -54.03 -35.10
C GLY D 105 0.79 -54.80 -36.32
N THR D 106 1.75 -54.24 -37.03
CA THR D 106 2.35 -54.90 -38.18
C THR D 106 3.35 -55.92 -37.69
N LYS D 107 4.19 -56.42 -38.59
CA LYS D 107 5.21 -57.39 -38.21
C LYS D 107 6.42 -57.22 -39.11
N LEU D 108 7.59 -57.13 -38.47
CA LEU D 108 8.87 -57.16 -39.16
C LEU D 108 9.04 -55.99 -40.13
N SER E 1 -5.08 -0.27 -60.71
CA SER E 1 -4.51 0.19 -61.97
C SER E 1 -3.00 0.27 -61.91
N VAL E 2 -2.47 0.51 -60.71
CA VAL E 2 -1.06 0.83 -60.56
C VAL E 2 -0.17 -0.38 -60.84
N LEU E 3 -0.53 -1.54 -60.29
CA LEU E 3 0.27 -2.74 -60.52
C LEU E 3 0.17 -3.19 -61.96
N THR E 4 1.32 -3.57 -62.52
CA THR E 4 1.35 -4.20 -63.82
C THR E 4 0.73 -5.58 -63.73
N GLN E 5 -0.23 -5.84 -64.59
CA GLN E 5 -0.99 -7.08 -64.56
C GLN E 5 -0.96 -7.73 -65.92
N PRO E 6 -0.86 -9.06 -65.99
CA PRO E 6 -1.00 -9.73 -67.28
C PRO E 6 -2.31 -9.33 -67.92
N PRO E 7 -2.25 -8.59 -69.04
CA PRO E 7 -3.39 -7.74 -69.43
C PRO E 7 -4.72 -8.46 -69.51
N SER E 8 -4.81 -9.46 -70.39
CA SER E 8 -6.09 -10.12 -70.59
C SER E 8 -5.92 -11.62 -70.81
N VAL E 9 -4.72 -12.15 -70.69
CA VAL E 9 -4.45 -13.53 -71.03
C VAL E 9 -3.89 -14.24 -69.81
N SER E 10 -4.48 -15.38 -69.47
CA SER E 10 -3.86 -16.39 -68.64
C SER E 10 -3.53 -17.63 -69.45
N GLY E 11 -3.78 -17.61 -70.75
CA GLY E 11 -3.53 -18.72 -71.64
C GLY E 11 -4.11 -20.01 -71.12
N ALA E 12 -5.44 -20.11 -71.05
CA ALA E 12 -6.12 -21.20 -70.38
C ALA E 12 -5.66 -22.54 -70.95
N PRO E 13 -4.83 -23.27 -70.21
CA PRO E 13 -4.34 -24.58 -70.68
C PRO E 13 -5.31 -25.67 -70.31
N GLY E 14 -4.87 -26.92 -70.43
CA GLY E 14 -5.61 -27.99 -69.81
C GLY E 14 -5.39 -27.92 -68.31
N GLN E 15 -5.18 -29.06 -67.65
CA GLN E 15 -5.10 -29.09 -66.20
C GLN E 15 -3.67 -28.98 -65.69
N ARG E 16 -2.79 -28.29 -66.42
CA ARG E 16 -1.41 -28.08 -65.99
C ARG E 16 -1.38 -26.91 -65.00
N VAL E 17 -0.18 -26.42 -64.71
CA VAL E 17 0.02 -25.30 -63.80
C VAL E 17 -0.14 -24.00 -64.59
N THR E 18 -0.93 -23.08 -64.04
CA THR E 18 -1.13 -21.77 -64.65
C THR E 18 -0.71 -20.70 -63.65
N ILE E 19 0.04 -19.71 -64.14
CA ILE E 19 0.70 -18.72 -63.30
C ILE E 19 0.43 -17.33 -63.83
N SER E 20 -0.01 -16.44 -62.95
CA SER E 20 -0.18 -15.02 -63.26
C SER E 20 0.83 -14.23 -62.45
N CYS E 21 1.61 -13.39 -63.12
CA CYS E 21 2.72 -12.68 -62.49
C CYS E 21 2.43 -11.18 -62.50
N THR E 22 2.44 -10.56 -61.34
CA THR E 22 2.26 -9.12 -61.19
C THR E 22 3.49 -8.52 -60.55
N GLY E 23 3.91 -7.37 -61.06
CA GLY E 23 5.09 -6.71 -60.54
C GLY E 23 4.94 -5.20 -60.58
N SER E 24 5.66 -4.56 -59.67
CA SER E 24 5.78 -3.11 -59.67
C SER E 24 7.00 -2.73 -58.86
N SER E 25 7.39 -1.47 -58.98
CA SER E 25 8.65 -0.98 -58.43
C SER E 25 8.49 -0.75 -56.93
N SER E 26 9.45 -0.02 -56.34
CA SER E 26 9.33 0.40 -54.95
C SER E 26 7.99 1.08 -54.72
N ASN E 27 7.58 1.16 -53.45
CA ASN E 27 6.24 1.44 -52.95
C ASN E 27 5.34 0.21 -53.09
N ILE E 28 5.78 -0.85 -53.78
CA ILE E 28 5.12 -2.15 -53.76
C ILE E 28 6.18 -3.17 -53.40
N GLY E 29 7.43 -2.88 -53.74
CA GLY E 29 8.57 -3.67 -53.37
C GLY E 29 9.26 -3.22 -52.10
N ALA E 30 8.66 -2.29 -51.36
CA ALA E 30 9.20 -1.79 -50.11
C ALA E 30 8.83 -2.66 -48.93
N GLY E 31 8.42 -3.90 -49.17
CA GLY E 31 8.13 -4.85 -48.11
C GLY E 31 6.67 -5.22 -47.98
N TYR E 32 5.79 -4.74 -48.86
CA TYR E 32 4.38 -5.02 -48.72
C TYR E 32 4.00 -6.29 -49.48
N ASP E 33 2.89 -6.88 -49.09
CA ASP E 33 2.48 -8.18 -49.57
C ASP E 33 1.65 -8.06 -50.83
N VAL E 34 1.09 -9.18 -51.30
CA VAL E 34 0.02 -9.19 -52.28
C VAL E 34 -1.04 -10.18 -51.82
N HIS E 35 -2.25 -10.01 -52.35
CA HIS E 35 -3.34 -10.94 -52.12
C HIS E 35 -3.85 -11.41 -53.48
N TRP E 36 -4.93 -12.18 -53.49
CA TRP E 36 -5.45 -12.73 -54.74
C TRP E 36 -6.95 -12.95 -54.62
N TYR E 37 -7.72 -12.17 -55.34
CA TYR E 37 -9.18 -12.20 -55.27
C TYR E 37 -9.73 -12.76 -56.56
N GLN E 38 -10.30 -13.95 -56.51
CA GLN E 38 -11.01 -14.49 -57.68
C GLN E 38 -12.41 -13.91 -57.71
N GLN E 39 -12.87 -13.58 -58.90
CA GLN E 39 -14.18 -12.99 -59.10
C GLN E 39 -14.97 -13.88 -60.04
N LEU E 40 -15.88 -14.68 -59.49
CA LEU E 40 -16.79 -15.40 -60.36
C LEU E 40 -17.64 -14.40 -61.13
N PRO E 41 -17.96 -14.71 -62.38
CA PRO E 41 -18.64 -13.72 -63.23
C PRO E 41 -19.91 -13.15 -62.60
N GLY E 42 -19.87 -11.85 -62.30
CA GLY E 42 -20.99 -11.17 -61.67
C GLY E 42 -20.90 -11.09 -60.15
N THR E 43 -20.79 -12.24 -59.50
CA THR E 43 -20.80 -12.30 -58.05
C THR E 43 -19.58 -11.60 -57.46
N ALA E 44 -19.74 -11.10 -56.24
CA ALA E 44 -18.67 -10.39 -55.56
C ALA E 44 -17.45 -11.30 -55.40
N PRO E 45 -16.25 -10.76 -55.58
CA PRO E 45 -15.05 -11.60 -55.60
C PRO E 45 -14.80 -12.31 -54.27
N ARG E 46 -14.16 -13.47 -54.36
CA ARG E 46 -13.84 -14.29 -53.22
C ARG E 46 -12.34 -14.34 -53.03
N LEU E 47 -11.90 -14.24 -51.77
CA LEU E 47 -10.48 -14.22 -51.43
C LEU E 47 -9.85 -15.61 -51.55
N LEU E 48 -8.60 -15.66 -52.02
CA LEU E 48 -7.86 -16.92 -52.18
C LEU E 48 -6.54 -16.97 -51.44
N ILE E 49 -5.78 -15.89 -51.42
CA ILE E 49 -4.47 -15.89 -50.78
C ILE E 49 -4.31 -14.57 -50.05
N TYR E 50 -3.80 -14.60 -48.83
CA TYR E 50 -3.39 -13.40 -48.15
C TYR E 50 -2.00 -13.61 -47.56
N GLY E 51 -1.15 -12.60 -47.70
CA GLY E 51 0.22 -12.76 -47.27
C GLY E 51 1.07 -13.57 -48.20
N ASN E 52 0.63 -13.70 -49.45
CA ASN E 52 1.37 -14.33 -50.54
C ASN E 52 1.43 -15.85 -50.41
N SER E 53 1.03 -16.40 -49.26
CA SER E 53 1.10 -17.84 -49.12
C SER E 53 -0.09 -18.48 -48.44
N ASN E 54 -0.86 -17.78 -47.62
CA ASN E 54 -1.89 -18.41 -46.83
C ASN E 54 -3.14 -18.65 -47.67
N ARG E 55 -4.04 -19.46 -47.13
CA ARG E 55 -5.30 -19.76 -47.79
C ARG E 55 -6.43 -19.62 -46.78
N PRO E 56 -7.47 -18.87 -47.08
CA PRO E 56 -8.51 -18.61 -46.08
C PRO E 56 -9.38 -19.83 -45.82
N SER E 57 -10.42 -19.65 -45.02
CA SER E 57 -11.31 -20.74 -44.64
C SER E 57 -12.14 -21.15 -45.85
N GLY E 58 -11.76 -22.26 -46.48
CA GLY E 58 -12.56 -22.78 -47.57
C GLY E 58 -11.98 -22.59 -48.96
N VAL E 59 -10.67 -22.76 -49.10
CA VAL E 59 -10.04 -22.75 -50.41
C VAL E 59 -9.15 -23.98 -50.53
N PRO E 60 -9.27 -24.76 -51.60
CA PRO E 60 -8.49 -26.01 -51.70
C PRO E 60 -7.00 -25.79 -51.88
N ASP E 61 -6.25 -26.89 -52.01
CA ASP E 61 -4.81 -26.83 -52.22
C ASP E 61 -4.43 -26.66 -53.68
N ARG E 62 -5.36 -26.18 -54.50
CA ARG E 62 -5.09 -25.95 -55.91
C ARG E 62 -4.40 -24.62 -56.15
N PHE E 63 -4.60 -23.65 -55.26
CA PHE E 63 -4.09 -22.30 -55.43
C PHE E 63 -2.92 -22.05 -54.51
N SER E 64 -1.90 -21.36 -55.03
CA SER E 64 -0.76 -20.96 -54.22
C SER E 64 -0.08 -19.77 -54.89
N GLY E 65 0.78 -19.10 -54.13
CA GLY E 65 1.48 -17.95 -54.64
C GLY E 65 2.75 -17.69 -53.86
N SER E 66 3.48 -16.65 -54.28
CA SER E 66 4.72 -16.26 -53.63
C SER E 66 5.22 -14.91 -54.14
N ARG E 67 5.68 -14.05 -53.25
CA ARG E 67 6.31 -12.79 -53.64
C ARG E 67 7.82 -12.97 -53.56
N SER E 68 8.48 -12.90 -54.71
CA SER E 68 9.92 -13.14 -54.80
C SER E 68 10.62 -11.83 -55.17
N GLY E 69 11.08 -11.11 -54.17
CA GLY E 69 11.78 -9.86 -54.39
C GLY E 69 10.87 -8.72 -54.78
N THR E 70 10.94 -8.29 -56.03
CA THR E 70 10.17 -7.15 -56.52
C THR E 70 9.14 -7.63 -57.54
N SER E 71 8.57 -8.80 -57.28
CA SER E 71 7.51 -9.35 -58.12
C SER E 71 6.77 -10.41 -57.33
N ALA E 72 5.52 -10.63 -57.70
CA ALA E 72 4.69 -11.66 -57.09
C ALA E 72 3.97 -12.42 -58.18
N SER E 73 3.59 -13.66 -57.87
CA SER E 73 2.99 -14.52 -58.88
C SER E 73 2.04 -15.50 -58.23
N LEU E 74 0.80 -15.53 -58.72
CA LEU E 74 -0.10 -16.62 -58.39
C LEU E 74 0.37 -17.90 -59.05
N ALA E 75 0.01 -19.03 -58.46
CA ALA E 75 0.37 -20.33 -59.02
C ALA E 75 -0.81 -21.28 -58.80
N ILE E 76 -1.59 -21.49 -59.86
CA ILE E 76 -2.70 -22.45 -59.83
C ILE E 76 -2.08 -23.81 -60.14
N THR E 77 -1.76 -24.56 -59.09
CA THR E 77 -1.07 -25.83 -59.27
C THR E 77 -1.90 -26.82 -60.07
N GLY E 78 -3.06 -27.19 -59.53
CA GLY E 78 -4.03 -27.93 -60.31
C GLY E 78 -4.86 -27.01 -61.17
N LEU E 79 -5.89 -27.57 -61.79
CA LEU E 79 -6.83 -26.77 -62.56
C LEU E 79 -8.09 -27.59 -62.81
N GLN E 80 -9.20 -26.89 -62.99
CA GLN E 80 -10.45 -27.53 -63.37
C GLN E 80 -11.30 -26.51 -64.11
N ALA E 81 -12.30 -27.01 -64.84
CA ALA E 81 -13.06 -26.17 -65.75
C ALA E 81 -14.19 -25.41 -65.06
N GLU E 82 -14.38 -25.57 -63.75
CA GLU E 82 -15.35 -24.80 -63.00
C GLU E 82 -14.71 -23.70 -62.17
N ASP E 83 -13.45 -23.36 -62.45
CA ASP E 83 -12.73 -22.30 -61.75
C ASP E 83 -12.39 -21.15 -62.71
N GLU E 84 -13.11 -21.03 -63.80
CA GLU E 84 -12.85 -20.00 -64.79
C GLU E 84 -13.39 -18.66 -64.27
N ALA E 85 -12.48 -17.76 -63.87
CA ALA E 85 -12.88 -16.48 -63.32
C ALA E 85 -11.68 -15.55 -63.31
N ASP E 86 -11.95 -14.27 -63.02
CA ASP E 86 -10.90 -13.26 -62.94
C ASP E 86 -10.01 -13.53 -61.73
N TYR E 87 -8.84 -12.89 -61.73
CA TYR E 87 -7.95 -12.93 -60.58
C TYR E 87 -7.32 -11.56 -60.41
N TYR E 88 -7.49 -10.98 -59.22
CA TYR E 88 -7.08 -9.62 -58.93
C TYR E 88 -6.02 -9.69 -57.85
N CYS E 89 -5.06 -8.78 -57.92
CA CYS E 89 -3.99 -8.71 -56.94
C CYS E 89 -4.06 -7.38 -56.23
N GLN E 90 -3.98 -7.40 -54.91
CA GLN E 90 -3.92 -6.18 -54.14
C GLN E 90 -2.51 -6.00 -53.63
N SER E 91 -2.10 -4.74 -53.44
CA SER E 91 -0.83 -4.43 -52.81
C SER E 91 -1.00 -3.08 -52.14
N TYR E 92 0.08 -2.56 -51.58
CA TYR E 92 0.04 -1.27 -50.94
C TYR E 92 0.93 -0.31 -51.72
N ASP E 93 0.75 0.98 -51.47
CA ASP E 93 1.51 2.01 -52.13
C ASP E 93 1.87 3.08 -51.12
N ASN E 94 2.95 3.79 -51.39
CA ASN E 94 3.41 4.88 -50.53
C ASN E 94 3.42 6.20 -51.28
N SER E 95 2.41 6.44 -52.12
CA SER E 95 2.22 7.77 -52.66
C SER E 95 1.37 8.57 -51.68
N LEU E 96 1.74 8.47 -50.40
CA LEU E 96 1.22 9.22 -49.28
C LEU E 96 -0.20 8.83 -48.89
N SER E 97 -0.95 8.15 -49.77
CA SER E 97 -2.10 7.38 -49.31
C SER E 97 -2.09 5.98 -49.87
N GLY E 98 -2.22 5.89 -51.20
CA GLY E 98 -2.04 4.69 -52.01
C GLY E 98 -2.46 3.35 -51.44
N SER E 99 -3.69 3.20 -50.94
CA SER E 99 -4.00 1.97 -50.22
C SER E 99 -4.33 0.82 -51.14
N GLY E 100 -5.46 0.91 -51.84
CA GLY E 100 -5.99 -0.27 -52.50
C GLY E 100 -5.65 -0.40 -53.96
N VAL E 101 -4.36 -0.39 -54.30
CA VAL E 101 -3.97 -0.59 -55.69
C VAL E 101 -4.31 -2.02 -56.11
N PHE E 102 -5.06 -2.15 -57.19
CA PHE E 102 -5.56 -3.45 -57.63
C PHE E 102 -4.97 -3.90 -58.95
N GLY E 103 -5.15 -3.13 -60.02
CA GLY E 103 -4.67 -3.54 -61.32
C GLY E 103 -5.79 -3.75 -62.32
N GLY E 104 -5.61 -4.68 -63.25
CA GLY E 104 -6.62 -4.94 -64.26
C GLY E 104 -7.21 -6.32 -64.16
N GLY E 105 -6.43 -7.26 -63.65
CA GLY E 105 -6.89 -8.61 -63.48
C GLY E 105 -6.73 -9.47 -64.72
N THR E 106 -6.34 -10.71 -64.52
CA THR E 106 -6.20 -11.67 -65.61
C THR E 106 -7.58 -12.20 -65.96
N LYS E 107 -7.63 -13.28 -66.74
CA LYS E 107 -8.90 -13.88 -67.11
C LYS E 107 -8.71 -15.37 -67.30
N LEU E 108 -9.61 -16.15 -66.70
CA LEU E 108 -9.68 -17.59 -66.92
C LEU E 108 -8.41 -18.31 -66.49
N SER F 1 44.13 -22.43 -35.63
CA SER F 1 45.04 -23.55 -35.83
C SER F 1 44.38 -24.88 -35.51
N VAL F 2 43.55 -24.87 -34.47
CA VAL F 2 43.01 -26.12 -33.93
C VAL F 2 42.05 -26.77 -34.92
N LEU F 3 41.18 -25.98 -35.55
CA LEU F 3 40.23 -26.53 -36.49
C LEU F 3 40.95 -27.07 -37.73
N THR F 4 40.56 -28.25 -38.17
CA THR F 4 41.10 -28.82 -39.40
C THR F 4 40.53 -28.08 -40.59
N GLN F 5 41.41 -27.65 -41.48
CA GLN F 5 41.03 -26.81 -42.58
C GLN F 5 41.58 -27.37 -43.88
N PRO F 6 40.82 -27.33 -44.97
CA PRO F 6 41.39 -27.69 -46.28
C PRO F 6 42.62 -26.85 -46.55
N PRO F 7 43.79 -27.49 -46.58
CA PRO F 7 45.04 -26.75 -46.31
C PRO F 7 45.25 -25.51 -47.16
N SER F 8 45.33 -25.69 -48.48
CA SER F 8 45.62 -24.55 -49.34
C SER F 8 44.85 -24.60 -50.64
N VAL F 9 43.92 -25.53 -50.81
CA VAL F 9 43.25 -25.75 -52.07
C VAL F 9 41.75 -25.62 -51.88
N SER F 10 41.12 -24.82 -52.73
CA SER F 10 39.69 -24.90 -52.98
C SER F 10 39.40 -25.38 -54.40
N GLY F 11 40.45 -25.68 -55.17
CA GLY F 11 40.33 -26.13 -56.53
C GLY F 11 39.46 -25.23 -57.36
N ALA F 12 39.89 -23.98 -57.56
CA ALA F 12 39.07 -22.96 -58.18
C ALA F 12 38.49 -23.44 -59.51
N PRO F 13 37.20 -23.76 -59.53
CA PRO F 13 36.57 -24.24 -60.76
C PRO F 13 36.09 -23.10 -61.62
N GLY F 14 35.27 -23.41 -62.61
CA GLY F 14 34.57 -22.37 -63.32
C GLY F 14 33.45 -21.84 -62.44
N GLN F 15 32.26 -21.64 -63.01
CA GLN F 15 31.18 -20.98 -62.28
C GLN F 15 30.35 -21.95 -61.45
N ARG F 16 30.90 -23.13 -61.14
CA ARG F 16 30.15 -24.19 -60.47
C ARG F 16 30.11 -23.94 -58.97
N VAL F 17 29.69 -24.95 -58.21
CA VAL F 17 29.61 -24.87 -56.76
C VAL F 17 30.96 -25.26 -56.17
N THR F 18 31.44 -24.48 -55.22
CA THR F 18 32.69 -24.76 -54.53
C THR F 18 32.41 -24.85 -53.04
N ILE F 19 32.99 -25.87 -52.39
CA ILE F 19 32.69 -26.22 -51.01
C ILE F 19 33.98 -26.40 -50.24
N SER F 20 34.09 -25.74 -49.09
CA SER F 20 35.19 -25.92 -48.16
C SER F 20 34.64 -26.56 -46.89
N CYS F 21 35.25 -27.67 -46.47
CA CYS F 21 34.74 -28.46 -45.36
C CYS F 21 35.73 -28.41 -44.21
N THR F 22 35.27 -27.97 -43.04
CA THR F 22 36.08 -27.94 -41.84
C THR F 22 35.43 -28.79 -40.77
N GLY F 23 36.25 -29.56 -40.04
CA GLY F 23 35.73 -30.42 -39.01
C GLY F 23 36.71 -30.55 -37.87
N SER F 24 36.16 -30.89 -36.71
CA SER F 24 36.99 -31.25 -35.55
C SER F 24 36.12 -32.02 -34.57
N SER F 25 36.78 -32.57 -33.57
CA SER F 25 36.16 -33.51 -32.65
C SER F 25 35.32 -32.75 -31.62
N SER F 26 34.95 -33.42 -30.54
CA SER F 26 34.28 -32.76 -29.42
C SER F 26 35.08 -31.55 -28.97
N ASN F 27 34.42 -30.64 -28.27
CA ASN F 27 34.79 -29.25 -27.98
C ASN F 27 34.55 -28.36 -29.19
N ILE F 28 34.22 -28.91 -30.36
CA ILE F 28 33.71 -28.15 -31.50
C ILE F 28 32.42 -28.80 -31.93
N GLY F 29 32.30 -30.10 -31.68
CA GLY F 29 31.09 -30.86 -31.91
C GLY F 29 30.17 -30.94 -30.72
N ALA F 30 30.46 -30.21 -29.65
CA ALA F 30 29.65 -30.18 -28.45
C ALA F 30 28.49 -29.22 -28.54
N GLY F 31 28.13 -28.79 -29.74
CA GLY F 31 26.98 -27.94 -29.96
C GLY F 31 27.30 -26.54 -30.43
N TYR F 32 28.57 -26.21 -30.67
CA TYR F 32 28.91 -24.86 -31.05
C TYR F 32 28.87 -24.69 -32.56
N ASP F 33 28.77 -23.44 -33.00
CA ASP F 33 28.51 -23.14 -34.39
C ASP F 33 29.82 -22.97 -35.15
N VAL F 34 29.73 -22.52 -36.41
CA VAL F 34 30.85 -22.02 -37.15
C VAL F 34 30.43 -20.73 -37.86
N HIS F 35 31.42 -19.93 -38.22
CA HIS F 35 31.21 -18.74 -39.02
C HIS F 35 32.09 -18.82 -40.25
N TRP F 36 32.13 -17.76 -41.05
CA TRP F 36 32.90 -17.79 -42.28
C TRP F 36 33.34 -16.38 -42.64
N TYR F 37 34.63 -16.10 -42.52
CA TYR F 37 35.17 -14.77 -42.74
C TYR F 37 35.96 -14.76 -44.02
N GLN F 38 35.45 -14.08 -45.04
CA GLN F 38 36.20 -13.87 -46.27
C GLN F 38 37.19 -12.75 -46.05
N GLN F 39 38.40 -12.93 -46.57
CA GLN F 39 39.48 -11.95 -46.42
C GLN F 39 39.96 -11.56 -47.80
N LEU F 40 39.55 -10.40 -48.28
CA LEU F 40 40.13 -9.89 -49.51
C LEU F 40 41.61 -9.63 -49.28
N PRO F 41 42.45 -9.86 -50.29
CA PRO F 41 43.89 -9.74 -50.10
C PRO F 41 44.30 -8.40 -49.51
N GLY F 42 44.87 -8.44 -48.31
CA GLY F 42 45.30 -7.24 -47.61
C GLY F 42 44.28 -6.66 -46.65
N THR F 43 43.09 -6.34 -47.16
CA THR F 43 42.08 -5.68 -46.35
C THR F 43 41.58 -6.60 -45.23
N ALA F 44 41.05 -5.99 -44.17
CA ALA F 44 40.54 -6.74 -43.05
C ALA F 44 39.40 -7.65 -43.49
N PRO F 45 39.34 -8.87 -42.96
CA PRO F 45 38.34 -9.84 -43.43
C PRO F 45 36.92 -9.37 -43.22
N ARG F 46 36.03 -9.82 -44.09
CA ARG F 46 34.62 -9.48 -44.07
C ARG F 46 33.79 -10.71 -43.75
N LEU F 47 32.83 -10.56 -42.85
CA LEU F 47 31.99 -11.66 -42.41
C LEU F 47 31.01 -12.07 -43.49
N LEU F 48 30.79 -13.38 -43.63
CA LEU F 48 29.87 -13.94 -44.62
C LEU F 48 28.73 -14.75 -44.05
N ILE F 49 28.97 -15.56 -43.03
CA ILE F 49 27.94 -16.42 -42.46
C ILE F 49 28.14 -16.44 -40.96
N TYR F 50 27.05 -16.33 -40.21
CA TYR F 50 27.10 -16.57 -38.78
C TYR F 50 25.98 -17.51 -38.40
N GLY F 51 26.28 -18.46 -37.52
CA GLY F 51 25.30 -19.47 -37.18
C GLY F 51 25.10 -20.53 -38.22
N ASN F 52 26.08 -20.69 -39.11
CA ASN F 52 26.13 -21.73 -40.13
C ASN F 52 25.13 -21.52 -41.24
N SER F 53 24.19 -20.59 -41.09
CA SER F 53 23.22 -20.38 -42.17
C SER F 53 22.90 -18.94 -42.47
N ASN F 54 23.08 -18.00 -41.56
CA ASN F 54 22.62 -16.64 -41.79
C ASN F 54 23.60 -15.88 -42.68
N ARG F 55 23.16 -14.73 -43.17
CA ARG F 55 23.99 -13.88 -44.00
C ARG F 55 23.88 -12.45 -43.49
N PRO F 56 24.98 -11.78 -43.21
CA PRO F 56 24.90 -10.44 -42.61
C PRO F 56 24.39 -9.40 -43.59
N SER F 57 24.38 -8.15 -43.17
CA SER F 57 23.86 -7.05 -43.99
C SER F 57 24.81 -6.79 -45.14
N GLY F 58 24.46 -7.26 -46.32
CA GLY F 58 25.25 -6.96 -47.50
C GLY F 58 26.07 -8.12 -48.04
N VAL F 59 25.50 -9.32 -48.04
CA VAL F 59 26.13 -10.47 -48.68
C VAL F 59 25.11 -11.15 -49.57
N PRO F 60 25.43 -11.42 -50.83
CA PRO F 60 24.45 -11.97 -51.76
C PRO F 60 24.04 -13.40 -51.44
N ASP F 61 23.14 -13.96 -52.24
CA ASP F 61 22.67 -15.34 -52.10
C ASP F 61 23.62 -16.34 -52.73
N ARG F 62 24.86 -15.94 -52.99
CA ARG F 62 25.84 -16.83 -53.59
C ARG F 62 26.49 -17.73 -52.56
N PHE F 63 26.55 -17.30 -51.30
CA PHE F 63 27.23 -18.03 -50.24
C PHE F 63 26.21 -18.73 -49.34
N SER F 64 26.59 -19.92 -48.88
CA SER F 64 25.77 -20.64 -47.92
C SER F 64 26.64 -21.65 -47.18
N GLY F 65 26.12 -22.16 -46.07
CA GLY F 65 26.83 -23.14 -45.29
C GLY F 65 25.88 -23.98 -44.46
N SER F 66 26.47 -24.95 -43.75
CA SER F 66 25.70 -25.83 -42.88
C SER F 66 26.61 -26.68 -41.99
N ARG F 67 26.28 -26.81 -40.72
CA ARG F 67 26.99 -27.72 -39.82
C ARG F 67 26.17 -29.00 -39.70
N SER F 68 26.72 -30.10 -40.20
CA SER F 68 26.04 -31.38 -40.24
C SER F 68 26.74 -32.34 -39.28
N GLY F 69 26.26 -32.39 -38.04
CA GLY F 69 26.83 -33.28 -37.05
C GLY F 69 28.14 -32.80 -36.47
N THR F 70 29.23 -33.46 -36.82
CA THR F 70 30.55 -33.15 -36.29
C THR F 70 31.43 -32.62 -37.41
N SER F 71 30.84 -31.84 -38.31
CA SER F 71 31.57 -31.20 -39.39
C SER F 71 30.73 -30.06 -39.93
N ALA F 72 31.41 -29.08 -40.53
CA ALA F 72 30.74 -27.94 -41.13
C ALA F 72 31.38 -27.68 -42.49
N SER F 73 30.61 -27.05 -43.37
CA SER F 73 31.07 -26.85 -44.75
C SER F 73 30.47 -25.58 -45.32
N LEU F 74 31.33 -24.71 -45.82
CA LEU F 74 30.88 -23.60 -46.65
C LEU F 74 30.36 -24.15 -47.97
N ALA F 75 29.47 -23.40 -48.60
CA ALA F 75 28.93 -23.78 -49.90
C ALA F 75 28.77 -22.52 -50.74
N ILE F 76 29.71 -22.29 -51.65
CA ILE F 76 29.64 -21.17 -52.58
C ILE F 76 28.81 -21.66 -53.75
N THR F 77 27.50 -21.40 -53.70
CA THR F 77 26.59 -21.92 -54.72
C THR F 77 26.93 -21.37 -56.09
N GLY F 78 26.84 -20.05 -56.26
CA GLY F 78 27.37 -19.41 -57.44
C GLY F 78 28.86 -19.21 -57.32
N LEU F 79 29.43 -18.54 -58.32
CA LEU F 79 30.84 -18.18 -58.27
C LEU F 79 31.08 -17.09 -59.31
N GLN F 80 32.02 -16.20 -59.00
CA GLN F 80 32.43 -15.17 -59.94
C GLN F 80 33.90 -14.84 -59.68
N ALA F 81 34.54 -14.25 -60.67
CA ALA F 81 35.99 -14.10 -60.65
C ALA F 81 36.46 -12.89 -59.86
N GLU F 82 35.55 -12.11 -59.27
CA GLU F 82 35.92 -11.03 -58.37
C GLU F 82 35.68 -11.39 -56.91
N ASP F 83 35.55 -12.68 -56.59
CA ASP F 83 35.38 -13.16 -55.23
C ASP F 83 36.54 -14.04 -54.81
N GLU F 84 37.69 -13.89 -55.45
CA GLU F 84 38.85 -14.72 -55.14
C GLU F 84 39.50 -14.19 -53.86
N ALA F 85 39.34 -14.92 -52.76
CA ALA F 85 39.85 -14.49 -51.47
C ALA F 85 39.84 -15.68 -50.51
N ASP F 86 40.48 -15.50 -49.37
CA ASP F 86 40.57 -16.53 -48.36
C ASP F 86 39.21 -16.78 -47.71
N TYR F 87 39.12 -17.86 -46.96
CA TYR F 87 37.91 -18.17 -46.19
C TYR F 87 38.31 -18.85 -44.90
N TYR F 88 37.98 -18.23 -43.78
CA TYR F 88 38.36 -18.70 -42.46
C TYR F 88 37.11 -19.10 -41.71
N CYS F 89 37.21 -20.13 -40.89
CA CYS F 89 36.10 -20.62 -40.10
C CYS F 89 36.42 -20.42 -38.63
N GLN F 90 35.47 -19.89 -37.87
CA GLN F 90 35.63 -19.78 -36.43
C GLN F 90 34.74 -20.80 -35.77
N SER F 91 35.18 -21.29 -34.61
CA SER F 91 34.35 -22.14 -33.78
C SER F 91 34.74 -21.88 -32.34
N TYR F 92 34.15 -22.63 -31.42
CA TYR F 92 34.48 -22.48 -30.02
C TYR F 92 35.16 -23.74 -29.54
N ASP F 93 35.81 -23.66 -28.38
CA ASP F 93 36.54 -24.77 -27.81
C ASP F 93 36.32 -24.78 -26.31
N ASN F 94 36.47 -25.94 -25.70
CA ASN F 94 36.31 -26.11 -24.27
C ASN F 94 37.60 -26.62 -23.64
N SER F 95 38.75 -26.13 -24.09
CA SER F 95 39.98 -26.37 -23.36
C SER F 95 40.13 -25.30 -22.31
N LEU F 96 39.03 -25.06 -21.59
CA LEU F 96 38.91 -24.18 -20.43
C LEU F 96 39.02 -22.70 -20.76
N SER F 97 39.56 -22.34 -21.93
CA SER F 97 39.31 -21.02 -22.48
C SER F 97 38.88 -21.08 -23.93
N GLY F 98 39.79 -21.56 -24.78
CA GLY F 98 39.58 -21.92 -26.17
C GLY F 98 38.59 -21.12 -27.00
N SER F 99 38.71 -19.80 -27.04
CA SER F 99 37.62 -19.05 -27.67
C SER F 99 37.70 -19.09 -29.19
N GLY F 100 38.71 -18.44 -29.76
CA GLY F 100 38.69 -18.19 -31.19
C GLY F 100 39.48 -19.14 -32.05
N VAL F 101 39.11 -20.42 -32.09
CA VAL F 101 39.81 -21.32 -32.99
C VAL F 101 39.48 -20.95 -34.42
N PHE F 102 40.52 -20.72 -35.23
CA PHE F 102 40.33 -20.26 -36.59
C PHE F 102 40.75 -21.28 -37.63
N GLY F 103 42.00 -21.71 -37.61
CA GLY F 103 42.48 -22.65 -38.61
C GLY F 103 43.54 -22.06 -39.51
N GLY F 104 43.55 -22.48 -40.77
CA GLY F 104 44.53 -21.97 -41.72
C GLY F 104 43.90 -21.20 -42.86
N GLY F 105 42.66 -21.55 -43.19
CA GLY F 105 41.96 -20.87 -44.26
C GLY F 105 42.24 -21.46 -45.62
N THR F 106 41.21 -21.55 -46.44
CA THR F 106 41.34 -22.04 -47.80
C THR F 106 41.89 -20.92 -48.68
N LYS F 107 41.82 -21.09 -49.99
CA LYS F 107 42.27 -20.06 -50.91
C LYS F 107 41.45 -20.12 -52.18
N LEU F 108 41.00 -18.96 -52.64
CA LEU F 108 40.33 -18.80 -53.93
C LEU F 108 39.04 -19.61 -54.01
N ASN G 1 -17.56 25.99 84.44
CA ASN G 1 -18.90 25.57 84.84
C ASN G 1 -19.96 26.53 84.33
N SER G 2 -19.54 27.58 83.63
CA SER G 2 -20.45 28.38 82.82
C SER G 2 -20.35 28.07 81.33
N THR G 3 -19.84 26.90 80.95
CA THR G 3 -19.58 26.63 79.55
C THR G 3 -20.00 25.19 79.25
N ALA G 4 -20.13 24.90 77.95
CA ALA G 4 -20.41 23.56 77.45
C ALA G 4 -19.55 23.41 76.20
N THR G 5 -18.42 22.72 76.30
CA THR G 5 -17.60 22.52 75.12
C THR G 5 -18.42 21.85 74.02
N LEU G 6 -18.34 22.38 72.81
CA LEU G 6 -19.02 21.77 71.67
C LEU G 6 -18.04 21.54 70.53
N CYS G 7 -17.85 20.27 70.18
CA CYS G 7 -16.91 19.85 69.17
C CYS G 7 -17.69 19.32 67.97
N LEU G 8 -17.28 19.70 66.76
CA LEU G 8 -17.94 19.12 65.60
C LEU G 8 -17.11 17.96 65.07
N GLY G 9 -15.84 18.19 64.79
CA GLY G 9 -14.96 17.18 64.25
C GLY G 9 -15.44 16.46 63.00
N HIS G 10 -14.64 15.50 62.56
CA HIS G 10 -14.93 14.70 61.38
C HIS G 10 -14.53 13.26 61.66
N HIS G 11 -15.00 12.36 60.80
CA HIS G 11 -14.75 10.94 61.02
C HIS G 11 -13.33 10.56 60.56
N ALA G 12 -12.90 9.35 60.96
CA ALA G 12 -11.66 8.76 60.49
C ALA G 12 -11.74 7.24 60.49
N VAL G 13 -10.81 6.62 59.77
CA VAL G 13 -10.70 5.16 59.72
C VAL G 13 -9.25 4.80 60.04
N PRO G 14 -9.01 3.58 60.50
CA PRO G 14 -7.61 3.16 60.72
C PRO G 14 -6.84 2.82 59.47
N ASN G 15 -7.51 2.28 58.45
CA ASN G 15 -6.85 1.89 57.21
C ASN G 15 -7.19 2.87 56.10
N GLY G 16 -6.16 3.41 55.44
CA GLY G 16 -6.36 4.37 54.38
C GLY G 16 -5.56 3.99 53.16
N THR G 17 -5.87 4.67 52.05
CA THR G 17 -5.23 4.43 50.77
C THR G 17 -4.67 5.75 50.24
N ILE G 18 -3.46 5.69 49.68
CA ILE G 18 -2.79 6.87 49.16
C ILE G 18 -3.23 7.11 47.73
N VAL G 19 -3.65 8.34 47.41
CA VAL G 19 -4.00 8.71 46.06
C VAL G 19 -3.23 9.97 45.67
N LYS G 20 -3.22 10.24 44.37
CA LYS G 20 -2.61 11.43 43.79
C LYS G 20 -3.64 12.51 43.47
N THR G 21 -3.26 13.77 43.67
CA THR G 21 -4.10 14.89 43.28
C THR G 21 -3.27 15.85 42.43
N ILE G 22 -3.89 16.95 41.99
CA ILE G 22 -3.18 17.97 41.23
C ILE G 22 -2.05 18.58 42.04
N THR G 23 -2.27 18.78 43.34
CA THR G 23 -1.32 19.51 44.17
C THR G 23 -0.51 18.61 45.10
N ASN G 24 -0.81 17.32 45.16
CA ASN G 24 -0.13 16.47 46.13
C ASN G 24 -0.03 15.06 45.56
N ASP G 25 1.19 14.53 45.52
CA ASP G 25 1.41 13.22 44.93
C ASP G 25 0.83 12.10 45.78
N GLN G 26 0.79 12.27 47.10
CA GLN G 26 0.44 11.18 48.01
C GLN G 26 -0.40 11.69 49.18
N ILE G 27 -1.72 11.48 49.11
CA ILE G 27 -2.60 11.86 50.21
C ILE G 27 -3.50 10.67 50.54
N GLU G 28 -3.64 10.41 51.84
CA GLU G 28 -4.38 9.27 52.36
C GLU G 28 -5.84 9.64 52.54
N VAL G 29 -6.73 8.83 51.99
CA VAL G 29 -8.16 9.03 52.19
C VAL G 29 -8.73 7.82 52.92
N THR G 30 -9.95 7.98 53.42
CA THR G 30 -10.57 6.92 54.21
C THR G 30 -10.93 5.70 53.37
N ASN G 31 -11.14 5.89 52.07
CA ASN G 31 -11.61 4.81 51.24
C ASN G 31 -11.36 5.17 49.79
N ALA G 32 -11.12 4.15 48.97
CA ALA G 32 -10.92 4.35 47.55
C ALA G 32 -11.44 3.12 46.82
N THR G 33 -11.65 3.30 45.52
CA THR G 33 -12.03 2.22 44.64
C THR G 33 -11.09 2.17 43.45
N GLU G 34 -10.88 0.98 42.92
CA GLU G 34 -9.98 0.81 41.80
C GLU G 34 -10.73 1.23 40.55
N LEU G 35 -10.07 2.03 39.72
CA LEU G 35 -10.73 2.52 38.53
C LEU G 35 -10.31 1.79 37.26
N VAL G 36 -9.29 0.94 37.33
CA VAL G 36 -8.80 0.18 36.20
C VAL G 36 -9.14 -1.29 36.40
N GLN G 37 -9.95 -1.85 35.51
CA GLN G 37 -10.22 -3.28 35.55
C GLN G 37 -9.02 -4.07 35.06
N SER G 38 -8.83 -5.25 35.63
CA SER G 38 -7.69 -6.08 35.29
C SER G 38 -7.99 -7.53 35.63
N SER G 39 -7.49 -8.44 34.81
CA SER G 39 -7.47 -9.88 35.10
C SER G 39 -8.88 -10.42 35.32
N SER G 40 -9.66 -10.43 34.24
CA SER G 40 -10.96 -11.07 34.25
C SER G 40 -10.81 -12.59 34.11
N THR G 41 -11.94 -13.26 33.79
CA THR G 41 -12.09 -14.68 34.10
C THR G 41 -11.02 -15.54 33.43
N GLY G 42 -11.03 -15.60 32.10
CA GLY G 42 -10.10 -16.45 31.37
C GLY G 42 -10.74 -17.30 30.30
N GLU G 43 -12.06 -17.30 30.16
CA GLU G 43 -12.79 -18.05 29.16
C GLU G 43 -13.47 -17.01 28.31
N ILE G 44 -13.60 -17.20 26.99
CA ILE G 44 -14.48 -16.30 26.29
C ILE G 44 -15.90 -16.85 26.35
N CYS G 45 -16.70 -16.24 27.20
CA CYS G 45 -18.10 -16.53 27.39
C CYS G 45 -18.90 -16.05 26.17
N ASP G 46 -19.87 -16.89 25.73
CA ASP G 46 -20.68 -16.78 24.52
C ASP G 46 -21.87 -15.80 24.48
N SER G 47 -22.20 -15.06 25.52
CA SER G 47 -23.37 -14.21 25.29
C SER G 47 -23.04 -12.77 25.68
N PRO G 48 -23.67 -11.79 25.03
CA PRO G 48 -24.71 -11.86 24.01
C PRO G 48 -24.30 -11.74 22.55
N HIS G 49 -23.02 -11.80 22.23
CA HIS G 49 -22.64 -11.79 20.83
C HIS G 49 -22.62 -13.22 20.34
N GLN G 50 -23.00 -13.42 19.08
CA GLN G 50 -22.98 -14.77 18.54
C GLN G 50 -21.54 -15.13 18.23
N ILE G 51 -20.97 -15.95 19.07
CA ILE G 51 -19.59 -16.38 18.94
C ILE G 51 -19.55 -17.62 18.08
N LEU G 52 -18.58 -17.69 17.18
CA LEU G 52 -18.31 -18.90 16.42
C LEU G 52 -16.85 -19.21 16.75
N ASP G 53 -16.62 -20.19 17.59
CA ASP G 53 -15.24 -20.54 17.91
C ASP G 53 -14.59 -21.30 16.78
N GLY G 54 -13.61 -20.69 16.14
CA GLY G 54 -12.92 -21.35 15.05
C GLY G 54 -12.06 -22.46 15.59
N GLU G 55 -12.46 -23.72 15.50
CA GLU G 55 -11.63 -24.79 16.04
C GLU G 55 -10.31 -24.89 15.29
N ASN G 56 -10.19 -25.87 14.42
CA ASN G 56 -9.06 -26.18 13.58
C ASN G 56 -8.98 -25.31 12.32
N CYS G 57 -9.94 -24.43 12.09
CA CYS G 57 -10.03 -23.68 10.84
C CYS G 57 -9.61 -22.23 11.01
N THR G 58 -8.87 -21.73 10.01
CA THR G 58 -8.65 -20.31 9.86
C THR G 58 -9.86 -19.72 9.14
N LEU G 59 -10.00 -18.40 9.19
CA LEU G 59 -11.11 -17.79 8.48
C LEU G 59 -11.05 -18.09 6.98
N ILE G 60 -9.87 -17.93 6.37
CA ILE G 60 -9.76 -18.17 4.93
C ILE G 60 -10.05 -19.62 4.57
N ASP G 61 -9.52 -20.57 5.35
CA ASP G 61 -9.83 -21.98 5.11
C ASP G 61 -11.33 -22.24 5.22
N ALA G 62 -11.95 -21.68 6.24
CA ALA G 62 -13.39 -21.82 6.38
C ALA G 62 -14.10 -21.18 5.22
N LEU G 63 -13.57 -20.10 4.69
CA LEU G 63 -14.19 -19.47 3.54
C LEU G 63 -14.10 -20.39 2.32
N LEU G 64 -12.90 -20.87 1.99
CA LEU G 64 -12.74 -21.74 0.84
C LEU G 64 -13.42 -23.08 1.02
N GLY G 65 -13.37 -23.64 2.23
CA GLY G 65 -14.00 -24.92 2.46
C GLY G 65 -13.09 -26.13 2.46
N ASP G 66 -11.93 -26.06 3.12
CA ASP G 66 -11.13 -27.27 3.34
C ASP G 66 -11.95 -28.34 4.06
N PRO G 67 -11.95 -29.57 3.56
CA PRO G 67 -12.81 -30.64 4.11
C PRO G 67 -12.84 -30.79 5.62
N GLN G 68 -11.71 -30.73 6.30
CA GLN G 68 -11.73 -30.77 7.75
C GLN G 68 -12.64 -29.70 8.34
N CYS G 69 -12.91 -28.66 7.56
CA CYS G 69 -13.63 -27.48 8.03
C CYS G 69 -15.02 -27.38 7.39
N ASP G 70 -15.52 -28.50 6.86
CA ASP G 70 -16.81 -28.56 6.16
C ASP G 70 -17.98 -28.05 6.99
N GLY G 71 -17.96 -28.23 8.31
CA GLY G 71 -19.12 -27.80 9.07
C GLY G 71 -19.39 -26.31 9.08
N PHE G 72 -18.42 -25.48 8.69
CA PHE G 72 -18.61 -24.03 8.72
C PHE G 72 -19.22 -23.54 7.40
N GLN G 73 -20.44 -24.00 7.12
CA GLN G 73 -21.10 -23.66 5.88
C GLN G 73 -22.34 -22.86 6.20
N ASN G 74 -22.47 -21.69 5.58
CA ASN G 74 -23.62 -20.79 5.75
C ASN G 74 -23.72 -20.28 7.17
N LYS G 75 -22.66 -20.43 7.96
CA LYS G 75 -22.64 -19.93 9.32
C LYS G 75 -22.62 -18.41 9.32
N LYS G 76 -23.16 -17.84 10.39
CA LYS G 76 -23.07 -16.42 10.65
C LYS G 76 -22.32 -16.22 11.95
N TRP G 77 -21.89 -14.99 12.22
CA TRP G 77 -21.19 -14.78 13.46
C TRP G 77 -21.16 -13.29 13.76
N ASP G 78 -21.12 -12.97 15.05
CA ASP G 78 -20.74 -11.65 15.50
C ASP G 78 -19.23 -11.52 15.68
N LEU G 79 -18.62 -12.53 16.28
CA LEU G 79 -17.19 -12.57 16.54
C LEU G 79 -16.62 -13.92 16.18
N PHE G 80 -15.68 -13.94 15.25
CA PHE G 80 -14.98 -15.17 14.88
C PHE G 80 -13.73 -15.29 15.75
N VAL G 81 -13.57 -16.43 16.42
CA VAL G 81 -12.42 -16.64 17.30
C VAL G 81 -11.49 -17.60 16.60
N GLU G 82 -10.33 -17.12 16.20
CA GLU G 82 -9.32 -17.93 15.55
C GLU G 82 -8.34 -18.46 16.58
N ARG G 83 -8.03 -19.75 16.51
CA ARG G 83 -7.11 -20.37 17.45
C ARG G 83 -5.72 -20.39 16.86
N SER G 84 -4.72 -20.35 17.74
CA SER G 84 -3.33 -20.35 17.30
C SER G 84 -2.89 -21.73 16.83
N LYS G 85 -3.64 -22.76 17.15
CA LYS G 85 -3.32 -24.13 16.76
C LYS G 85 -3.78 -24.44 15.34
N ALA G 86 -4.57 -23.57 14.74
CA ALA G 86 -5.11 -23.82 13.41
C ALA G 86 -4.00 -24.09 12.40
N TYR G 87 -4.31 -24.95 11.45
CA TYR G 87 -3.39 -25.38 10.40
C TYR G 87 -4.20 -25.84 9.19
N SER G 88 -3.61 -25.68 8.01
CA SER G 88 -4.26 -26.07 6.77
C SER G 88 -3.87 -27.47 6.31
N ASN G 89 -4.85 -28.19 5.73
CA ASN G 89 -4.67 -29.55 5.25
C ASN G 89 -5.30 -29.75 3.89
N CYS G 90 -5.35 -28.71 3.07
CA CYS G 90 -5.81 -28.85 1.70
C CYS G 90 -4.67 -28.55 0.76
N TYR G 91 -4.97 -28.07 -0.43
CA TYR G 91 -3.92 -27.78 -1.38
C TYR G 91 -3.16 -26.54 -0.92
N PRO G 92 -1.82 -26.56 -0.94
CA PRO G 92 -1.05 -25.38 -0.55
C PRO G 92 -1.47 -24.17 -1.34
N TYR G 93 -1.70 -23.06 -0.66
CA TYR G 93 -2.15 -21.86 -1.34
C TYR G 93 -1.52 -20.65 -0.69
N ASP G 94 -1.44 -19.58 -1.46
CA ASP G 94 -1.10 -18.26 -0.94
C ASP G 94 -2.14 -17.28 -1.41
N VAL G 95 -2.29 -16.18 -0.69
CA VAL G 95 -3.21 -15.14 -1.10
C VAL G 95 -2.47 -13.81 -1.20
N PRO G 96 -2.34 -13.24 -2.39
CA PRO G 96 -1.82 -11.87 -2.48
C PRO G 96 -2.75 -10.92 -1.76
N ASP G 97 -2.18 -10.03 -0.95
CA ASP G 97 -2.96 -9.16 -0.07
C ASP G 97 -3.88 -9.98 0.82
N TYR G 98 -3.34 -11.06 1.38
CA TYR G 98 -4.03 -11.85 2.39
C TYR G 98 -4.69 -11.01 3.46
N ALA G 99 -3.98 -10.04 4.01
CA ALA G 99 -4.53 -9.23 5.10
C ALA G 99 -5.82 -8.55 4.70
N SER G 100 -5.90 -8.02 3.48
CA SER G 100 -7.14 -7.37 3.04
C SER G 100 -8.28 -8.35 2.85
N LEU G 101 -8.03 -9.52 2.27
CA LEU G 101 -9.09 -10.50 2.08
C LEU G 101 -9.62 -11.00 3.42
N ARG G 102 -8.72 -11.38 4.32
CA ARG G 102 -9.12 -11.78 5.67
C ARG G 102 -9.99 -10.73 6.33
N SER G 103 -9.61 -9.46 6.20
CA SER G 103 -10.34 -8.38 6.86
C SER G 103 -11.74 -8.23 6.29
N LEU G 104 -11.85 -8.30 4.97
CA LEU G 104 -13.13 -8.06 4.32
C LEU G 104 -14.12 -9.18 4.57
N VAL G 105 -13.66 -10.41 4.62
CA VAL G 105 -14.55 -11.51 4.99
C VAL G 105 -14.99 -11.39 6.44
N ALA G 106 -14.02 -11.17 7.33
CA ALA G 106 -14.32 -11.01 8.75
C ALA G 106 -15.34 -9.93 9.05
N SER G 107 -15.19 -8.76 8.43
CA SER G 107 -16.13 -7.67 8.70
C SER G 107 -17.53 -7.96 8.18
N SER G 108 -17.65 -8.72 7.09
CA SER G 108 -18.97 -9.02 6.57
C SER G 108 -19.74 -9.92 7.52
N GLY G 109 -19.07 -10.90 8.12
CA GLY G 109 -19.70 -11.66 9.18
C GLY G 109 -20.67 -12.72 8.74
N THR G 110 -20.56 -13.23 7.52
CA THR G 110 -21.45 -14.27 7.03
C THR G 110 -20.71 -15.08 6.00
N LEU G 111 -20.99 -16.38 5.98
CA LEU G 111 -20.47 -17.28 4.98
C LEU G 111 -21.57 -17.75 4.03
N GLU G 112 -22.70 -17.07 4.04
CA GLU G 112 -23.81 -17.38 3.14
C GLU G 112 -23.32 -17.51 1.72
N PHE G 113 -23.56 -18.66 1.11
CA PHE G 113 -23.06 -18.97 -0.22
C PHE G 113 -24.23 -19.40 -1.07
N ASN G 114 -24.33 -18.86 -2.27
CA ASN G 114 -25.34 -19.27 -3.23
C ASN G 114 -24.63 -19.83 -4.45
N ASN G 115 -24.96 -21.06 -4.82
CA ASN G 115 -24.35 -21.62 -6.01
C ASN G 115 -24.86 -20.87 -7.23
N GLU G 116 -24.01 -20.67 -8.21
CA GLU G 116 -24.42 -20.02 -9.44
C GLU G 116 -23.98 -20.88 -10.62
N SER G 117 -24.82 -20.94 -11.65
CA SER G 117 -24.57 -21.74 -12.84
C SER G 117 -23.75 -21.02 -13.91
N PHE G 118 -22.43 -21.22 -13.88
CA PHE G 118 -21.59 -20.69 -14.95
C PHE G 118 -21.64 -21.68 -16.10
N ASN G 119 -21.57 -21.18 -17.33
CA ASN G 119 -21.54 -22.09 -18.48
C ASN G 119 -20.11 -22.46 -18.82
N TRP G 120 -19.63 -23.55 -18.25
CA TRP G 120 -18.29 -24.08 -18.54
C TRP G 120 -18.32 -25.17 -19.59
N THR G 121 -18.99 -24.93 -20.71
CA THR G 121 -19.02 -25.94 -21.78
C THR G 121 -17.64 -26.13 -22.37
N GLY G 122 -17.17 -27.38 -22.39
CA GLY G 122 -15.92 -27.70 -23.04
C GLY G 122 -14.76 -28.06 -22.13
N VAL G 123 -14.93 -28.03 -20.80
CA VAL G 123 -13.84 -28.36 -19.89
C VAL G 123 -14.34 -29.34 -18.85
N THR G 124 -13.40 -30.04 -18.21
CA THR G 124 -13.72 -30.96 -17.13
C THR G 124 -13.89 -30.24 -15.81
N GLN G 125 -14.98 -30.51 -15.13
CA GLN G 125 -15.32 -29.91 -13.85
C GLN G 125 -14.98 -30.84 -12.68
N ASN G 126 -15.10 -30.31 -11.47
CA ASN G 126 -14.94 -31.07 -10.23
C ASN G 126 -13.58 -31.74 -10.11
N GLY G 127 -12.53 -31.04 -10.53
CA GLY G 127 -11.16 -31.49 -10.30
C GLY G 127 -10.87 -31.81 -8.84
N THR G 128 -9.91 -32.69 -8.57
CA THR G 128 -9.76 -33.31 -7.26
C THR G 128 -8.28 -33.62 -7.07
N SER G 129 -7.83 -33.67 -5.81
CA SER G 129 -6.42 -33.84 -5.54
C SER G 129 -6.21 -34.75 -4.34
N SER G 130 -5.07 -35.45 -4.34
CA SER G 130 -4.70 -36.31 -3.22
C SER G 130 -4.09 -35.57 -2.05
N ALA G 131 -3.88 -34.27 -2.17
CA ALA G 131 -3.37 -33.50 -1.05
C ALA G 131 -4.48 -33.02 -0.13
N CYS G 132 -5.73 -33.11 -0.58
CA CYS G 132 -6.88 -32.61 0.16
C CYS G 132 -7.96 -33.70 0.15
N ILE G 133 -7.82 -34.68 1.05
CA ILE G 133 -8.73 -35.81 1.17
C ILE G 133 -9.82 -35.52 2.19
N ARG G 134 -11.08 -35.70 1.78
CA ARG G 134 -12.22 -35.49 2.67
C ARG G 134 -12.58 -36.73 3.47
N ARG G 135 -12.99 -37.80 2.80
CA ARG G 135 -13.39 -39.04 3.45
C ARG G 135 -12.67 -40.18 2.74
N SER G 136 -11.33 -40.12 2.82
CA SER G 136 -10.39 -41.05 2.21
C SER G 136 -10.47 -41.02 0.70
N ASN G 137 -11.27 -40.13 0.12
CA ASN G 137 -11.28 -39.91 -1.32
C ASN G 137 -10.64 -38.56 -1.61
N ASN G 138 -10.02 -38.46 -2.77
CA ASN G 138 -9.50 -37.20 -3.27
C ASN G 138 -10.62 -36.18 -3.47
N SER G 139 -10.40 -34.96 -3.03
CA SER G 139 -11.43 -33.93 -3.16
C SER G 139 -10.74 -32.58 -3.35
N PHE G 140 -11.44 -31.50 -3.02
CA PHE G 140 -10.90 -30.17 -3.25
C PHE G 140 -11.67 -29.19 -2.37
N PHE G 141 -11.29 -27.91 -2.45
CA PHE G 141 -12.02 -26.89 -1.74
C PHE G 141 -13.47 -26.92 -2.19
N SER G 142 -14.37 -27.02 -1.23
CA SER G 142 -15.79 -27.16 -1.56
C SER G 142 -16.33 -25.99 -2.36
N ARG G 143 -15.77 -24.80 -2.20
CA ARG G 143 -16.31 -23.61 -2.86
C ARG G 143 -15.61 -23.24 -4.16
N LEU G 144 -14.57 -23.95 -4.55
CA LEU G 144 -13.85 -23.67 -5.78
C LEU G 144 -14.08 -24.84 -6.73
N ASN G 145 -14.01 -24.57 -8.02
CA ASN G 145 -14.28 -25.58 -9.04
C ASN G 145 -13.06 -25.68 -9.95
N TRP G 146 -12.31 -26.76 -9.80
CA TRP G 146 -11.08 -26.95 -10.57
C TRP G 146 -11.41 -27.45 -11.96
N LEU G 147 -11.13 -26.62 -12.97
CA LEU G 147 -11.41 -26.98 -14.34
C LEU G 147 -10.14 -27.56 -14.91
N THR G 148 -10.26 -28.67 -15.62
CA THR G 148 -9.14 -29.27 -16.32
C THR G 148 -9.55 -29.52 -17.77
N HIS G 149 -8.62 -30.06 -18.55
CA HIS G 149 -8.86 -30.35 -19.95
C HIS G 149 -9.91 -31.44 -20.13
N LEU G 150 -10.55 -31.42 -21.29
CA LEU G 150 -11.44 -32.51 -21.72
C LEU G 150 -11.03 -32.93 -23.11
N ASN G 151 -10.73 -34.22 -23.28
CA ASN G 151 -10.21 -34.75 -24.54
C ASN G 151 -8.94 -34.00 -24.95
N PHE G 152 -8.14 -33.63 -23.97
CA PHE G 152 -6.86 -32.98 -24.22
C PHE G 152 -6.98 -31.65 -24.94
N LYS G 153 -8.11 -30.98 -24.76
CA LYS G 153 -8.29 -29.64 -25.27
C LYS G 153 -8.86 -28.80 -24.15
N TYR G 154 -8.42 -27.56 -24.09
CA TYR G 154 -8.92 -26.56 -23.15
C TYR G 154 -9.30 -25.34 -23.97
N PRO G 155 -10.56 -25.23 -24.38
CA PRO G 155 -10.94 -24.11 -25.23
C PRO G 155 -10.86 -22.81 -24.45
N ALA G 156 -10.62 -21.72 -25.17
CA ALA G 156 -10.61 -20.42 -24.54
C ALA G 156 -11.98 -20.16 -23.92
N LEU G 157 -12.00 -19.87 -22.62
CA LEU G 157 -13.27 -19.58 -22.00
C LEU G 157 -13.56 -18.09 -22.08
N ASN G 158 -14.85 -17.77 -22.17
CA ASN G 158 -15.34 -16.40 -22.21
C ASN G 158 -16.73 -16.44 -21.59
N VAL G 159 -16.76 -16.59 -20.28
CA VAL G 159 -17.98 -16.87 -19.56
C VAL G 159 -18.45 -15.58 -18.91
N THR G 160 -19.75 -15.34 -18.93
CA THR G 160 -20.29 -14.11 -18.40
C THR G 160 -21.37 -14.46 -17.40
N MET G 161 -21.53 -13.61 -16.42
CA MET G 161 -22.57 -13.88 -15.45
C MET G 161 -23.07 -12.53 -14.95
N PRO G 162 -24.28 -12.11 -15.29
CA PRO G 162 -24.73 -10.78 -14.85
C PRO G 162 -25.26 -10.79 -13.43
N ASN G 163 -25.04 -9.67 -12.76
CA ASN G 163 -25.62 -9.39 -11.45
C ASN G 163 -26.93 -8.63 -11.62
N ASN G 164 -28.05 -9.34 -11.51
CA ASN G 164 -29.35 -8.69 -11.61
C ASN G 164 -30.07 -8.63 -10.26
N GLU G 165 -29.33 -8.79 -9.17
CA GLU G 165 -29.86 -8.64 -7.83
C GLU G 165 -29.66 -7.20 -7.35
N GLN G 166 -29.87 -6.97 -6.05
CA GLN G 166 -29.78 -5.64 -5.47
C GLN G 166 -28.67 -5.55 -4.42
N PHE G 167 -27.85 -6.58 -4.28
CA PHE G 167 -26.76 -6.58 -3.33
C PHE G 167 -25.46 -6.92 -4.05
N ASP G 168 -24.34 -6.59 -3.42
CA ASP G 168 -23.05 -6.90 -3.99
C ASP G 168 -22.79 -8.41 -3.90
N LYS G 169 -21.93 -8.88 -4.79
CA LYS G 169 -21.49 -10.27 -4.79
C LYS G 169 -19.99 -10.32 -4.60
N LEU G 170 -19.52 -11.21 -3.74
CA LEU G 170 -18.09 -11.44 -3.59
C LEU G 170 -17.75 -12.75 -4.29
N TYR G 171 -16.99 -12.70 -5.36
CA TYR G 171 -16.53 -13.88 -6.08
C TYR G 171 -15.11 -14.21 -5.68
N ILE G 172 -14.86 -15.47 -5.31
CA ILE G 172 -13.52 -15.98 -5.04
C ILE G 172 -13.13 -16.94 -6.14
N TRP G 173 -11.97 -16.72 -6.75
CA TRP G 173 -11.45 -17.61 -7.78
C TRP G 173 -9.95 -17.70 -7.61
N GLY G 174 -9.30 -18.53 -8.40
CA GLY G 174 -7.88 -18.72 -8.20
C GLY G 174 -7.16 -19.08 -9.47
N VAL G 175 -5.83 -19.02 -9.40
CA VAL G 175 -4.96 -19.38 -10.50
C VAL G 175 -4.00 -20.46 -10.01
N HIS G 176 -3.86 -21.52 -10.78
CA HIS G 176 -2.98 -22.63 -10.41
C HIS G 176 -1.60 -22.43 -11.03
N HIS G 177 -0.55 -22.58 -10.20
CA HIS G 177 0.84 -22.48 -10.65
C HIS G 177 1.47 -23.86 -10.55
N PRO G 178 1.50 -24.63 -11.64
CA PRO G 178 2.11 -25.96 -11.59
C PRO G 178 3.59 -25.87 -11.31
N GLY G 179 4.13 -26.92 -10.71
CA GLY G 179 5.54 -26.88 -10.40
C GLY G 179 6.48 -27.25 -11.53
N THR G 180 5.99 -27.80 -12.63
CA THR G 180 6.85 -28.13 -13.75
C THR G 180 6.12 -27.76 -15.04
N ASP G 181 6.88 -27.39 -16.07
CA ASP G 181 6.25 -27.25 -17.39
C ASP G 181 5.61 -28.55 -17.84
N LYS G 182 6.16 -29.68 -17.42
CA LYS G 182 5.58 -30.98 -17.73
C LYS G 182 4.17 -31.08 -17.17
N ASP G 183 4.00 -30.78 -15.88
CA ASP G 183 2.69 -30.83 -15.23
C ASP G 183 1.69 -29.91 -15.88
N GLN G 184 2.14 -28.76 -16.37
CA GLN G 184 1.24 -27.84 -17.06
C GLN G 184 0.53 -28.52 -18.22
N ILE G 185 1.25 -29.28 -19.05
CA ILE G 185 0.64 -30.01 -20.15
C ILE G 185 -0.37 -31.04 -19.65
N PHE G 186 0.02 -31.90 -18.71
CA PHE G 186 -0.92 -32.91 -18.22
C PHE G 186 -2.23 -32.31 -17.78
N LEU G 187 -2.19 -31.14 -17.18
CA LEU G 187 -3.46 -30.64 -16.68
C LEU G 187 -4.23 -29.88 -17.75
N TYR G 188 -3.60 -29.01 -18.52
CA TYR G 188 -4.39 -28.16 -19.38
C TYR G 188 -4.12 -28.27 -20.87
N ALA G 189 -3.20 -29.12 -21.30
CA ALA G 189 -2.86 -29.24 -22.71
C ALA G 189 -2.30 -27.99 -23.37
N GLN G 190 -2.15 -26.89 -22.64
CA GLN G 190 -1.59 -25.67 -23.20
C GLN G 190 -0.35 -25.25 -22.43
N ALA G 191 0.74 -24.99 -23.16
CA ALA G 191 2.01 -24.69 -22.53
C ALA G 191 1.96 -23.39 -21.73
N SER G 192 1.29 -22.38 -22.25
CA SER G 192 1.27 -21.05 -21.65
C SER G 192 -0.09 -20.83 -21.01
N GLY G 193 -0.31 -19.62 -20.52
CA GLY G 193 -1.53 -19.34 -19.81
C GLY G 193 -1.67 -17.91 -19.34
N ARG G 194 -2.89 -17.42 -19.33
CA ARG G 194 -3.15 -16.05 -18.93
C ARG G 194 -4.62 -15.96 -18.59
N ILE G 195 -4.92 -15.28 -17.50
CA ILE G 195 -6.27 -15.14 -16.96
C ILE G 195 -6.57 -13.66 -16.85
N THR G 196 -7.80 -13.29 -17.17
CA THR G 196 -8.20 -11.89 -17.13
C THR G 196 -9.66 -11.86 -16.75
N VAL G 197 -9.97 -11.40 -15.55
CA VAL G 197 -11.35 -11.25 -15.13
C VAL G 197 -11.65 -9.78 -14.95
N SER G 198 -12.78 -9.36 -15.46
CA SER G 198 -13.08 -7.95 -15.57
C SER G 198 -14.50 -7.67 -15.14
N THR G 199 -14.73 -6.46 -14.68
CA THR G 199 -16.06 -5.90 -14.50
C THR G 199 -16.08 -4.56 -15.22
N LYS G 200 -17.21 -3.86 -15.16
CA LYS G 200 -17.24 -2.53 -15.73
C LYS G 200 -16.22 -1.61 -15.06
N ARG G 201 -15.88 -1.86 -13.80
CA ARG G 201 -15.00 -0.95 -13.08
C ARG G 201 -13.56 -1.43 -12.92
N SER G 202 -13.30 -2.73 -12.99
CA SER G 202 -11.99 -3.25 -12.65
C SER G 202 -11.52 -4.28 -13.68
N GLN G 203 -10.21 -4.47 -13.73
CA GLN G 203 -9.58 -5.51 -14.52
C GLN G 203 -8.45 -6.13 -13.71
N GLN G 204 -8.47 -7.45 -13.56
CA GLN G 204 -7.39 -8.19 -12.91
C GLN G 204 -6.79 -9.22 -13.87
N ALA G 205 -5.58 -8.97 -14.35
CA ALA G 205 -4.94 -9.84 -15.32
C ALA G 205 -3.79 -10.54 -14.61
N VAL G 206 -3.89 -11.87 -14.47
CA VAL G 206 -2.89 -12.68 -13.79
C VAL G 206 -2.29 -13.67 -14.77
N ILE G 207 -0.96 -13.76 -14.76
CA ILE G 207 -0.21 -14.72 -15.57
C ILE G 207 0.45 -15.76 -14.66
N PRO G 208 0.06 -17.02 -14.72
CA PRO G 208 0.64 -18.04 -13.83
C PRO G 208 2.14 -18.18 -14.05
N ASN G 209 2.84 -18.66 -13.03
CA ASN G 209 4.30 -18.83 -13.09
C ASN G 209 4.68 -20.29 -12.89
N ILE G 210 5.04 -20.94 -13.99
CA ILE G 210 5.46 -22.33 -13.94
C ILE G 210 6.85 -22.41 -13.33
N GLY G 211 7.00 -23.28 -12.34
CA GLY G 211 8.27 -23.43 -11.65
C GLY G 211 8.07 -24.24 -10.39
N SER G 212 9.11 -24.93 -9.95
CA SER G 212 9.06 -25.71 -8.72
C SER G 212 9.34 -24.84 -7.52
N ARG G 213 8.50 -24.97 -6.51
CA ARG G 213 8.62 -24.37 -5.21
C ARG G 213 8.94 -25.44 -4.19
N PRO G 214 9.41 -25.07 -3.00
CA PRO G 214 9.63 -26.10 -1.97
C PRO G 214 8.39 -26.94 -1.72
N ARG G 215 8.58 -28.25 -1.60
CA ARG G 215 7.43 -29.13 -1.51
C ARG G 215 6.83 -29.00 -0.12
N VAL G 216 5.61 -28.50 -0.05
CA VAL G 216 4.87 -28.50 1.20
C VAL G 216 3.79 -29.58 1.11
N ARG G 217 3.92 -30.57 1.99
CA ARG G 217 3.14 -31.81 1.98
C ARG G 217 3.11 -32.46 0.60
N ASN G 218 4.28 -32.60 0.00
CA ASN G 218 4.48 -33.28 -1.27
C ASN G 218 3.86 -32.56 -2.46
N ILE G 219 3.58 -31.27 -2.36
CA ILE G 219 3.06 -30.51 -3.49
C ILE G 219 4.03 -29.40 -3.85
N PRO G 220 4.58 -29.37 -5.06
CA PRO G 220 5.51 -28.33 -5.45
C PRO G 220 4.83 -27.14 -6.10
N SER G 221 3.52 -27.23 -6.26
CA SER G 221 2.68 -26.21 -6.88
C SER G 221 1.89 -25.45 -5.81
N ARG G 222 1.27 -24.35 -6.24
CA ARG G 222 0.56 -23.47 -5.35
C ARG G 222 -0.73 -23.05 -6.02
N ILE G 223 -1.67 -22.55 -5.23
CA ILE G 223 -2.85 -21.87 -5.73
C ILE G 223 -2.89 -20.45 -5.19
N SER G 224 -2.98 -19.48 -6.08
CA SER G 224 -3.13 -18.09 -5.67
C SER G 224 -4.62 -17.74 -5.69
N ILE G 225 -5.10 -17.14 -4.62
CA ILE G 225 -6.51 -16.84 -4.47
C ILE G 225 -6.74 -15.36 -4.75
N TYR G 226 -7.78 -15.05 -5.51
CA TYR G 226 -8.11 -13.66 -5.80
C TYR G 226 -9.59 -13.47 -5.53
N TRP G 227 -10.00 -12.23 -5.38
CA TRP G 227 -11.41 -11.94 -5.17
C TRP G 227 -11.78 -10.76 -6.04
N THR G 228 -13.05 -10.70 -6.42
CA THR G 228 -13.59 -9.56 -7.16
C THR G 228 -15.00 -9.33 -6.67
N ILE G 229 -15.33 -8.06 -6.49
CA ILE G 229 -16.65 -7.63 -6.06
C ILE G 229 -17.42 -7.11 -7.26
N VAL G 230 -18.67 -7.52 -7.38
CA VAL G 230 -19.54 -7.13 -8.48
C VAL G 230 -20.72 -6.41 -7.87
N LYS G 231 -20.86 -5.14 -8.19
CA LYS G 231 -21.93 -4.34 -7.64
C LYS G 231 -23.22 -4.54 -8.45
N PRO G 232 -24.37 -4.20 -7.87
CA PRO G 232 -25.62 -4.30 -8.60
C PRO G 232 -25.58 -3.56 -9.94
N GLY G 233 -26.05 -4.22 -10.99
CA GLY G 233 -26.04 -3.64 -12.31
C GLY G 233 -24.81 -3.95 -13.14
N ASP G 234 -23.74 -4.40 -12.52
CA ASP G 234 -22.51 -4.76 -13.20
C ASP G 234 -22.54 -6.22 -13.60
N ILE G 235 -21.49 -6.66 -14.29
CA ILE G 235 -21.44 -8.00 -14.86
C ILE G 235 -20.02 -8.49 -14.69
N LEU G 236 -19.86 -9.72 -14.24
CA LEU G 236 -18.56 -10.38 -14.20
C LEU G 236 -18.30 -11.09 -15.52
N LEU G 237 -17.08 -10.96 -16.03
CA LEU G 237 -16.68 -11.62 -17.26
C LEU G 237 -15.33 -12.28 -17.06
N ILE G 238 -15.25 -13.59 -17.21
CA ILE G 238 -14.00 -14.32 -17.01
C ILE G 238 -13.51 -14.84 -18.35
N ASN G 239 -12.41 -14.28 -18.84
CA ASN G 239 -11.71 -14.82 -20.00
C ASN G 239 -10.52 -15.58 -19.42
N SER G 240 -10.41 -16.86 -19.77
CA SER G 240 -9.28 -17.68 -19.35
C SER G 240 -8.83 -18.63 -20.44
N THR G 241 -7.53 -18.70 -20.65
CA THR G 241 -6.94 -19.68 -21.56
C THR G 241 -6.23 -20.81 -20.82
N GLY G 242 -6.56 -21.01 -19.54
CA GLY G 242 -5.99 -22.09 -18.75
C GLY G 242 -5.68 -21.72 -17.32
N ASN G 243 -5.45 -22.73 -16.48
CA ASN G 243 -5.00 -22.59 -15.10
C ASN G 243 -6.03 -21.91 -14.21
N LEU G 244 -7.25 -21.75 -14.68
CA LEU G 244 -8.29 -21.09 -13.89
C LEU G 244 -8.95 -22.06 -12.92
N ILE G 245 -8.88 -21.74 -11.63
CA ILE G 245 -9.67 -22.43 -10.60
C ILE G 245 -10.96 -21.63 -10.49
N ALA G 246 -12.01 -22.16 -11.05
CA ALA G 246 -13.23 -21.41 -11.23
C ALA G 246 -14.08 -21.36 -9.96
N PRO G 247 -14.82 -20.28 -9.77
CA PRO G 247 -15.77 -20.20 -8.66
C PRO G 247 -17.05 -20.98 -8.95
N ARG G 248 -17.69 -21.42 -7.88
CA ARG G 248 -18.95 -22.15 -7.98
C ARG G 248 -20.14 -21.27 -7.67
N GLY G 249 -19.89 -20.00 -7.36
CA GLY G 249 -20.96 -19.10 -7.01
C GLY G 249 -20.41 -17.84 -6.37
N TYR G 250 -21.25 -17.17 -5.61
CA TYR G 250 -20.86 -15.92 -4.99
C TYR G 250 -21.18 -15.94 -3.52
N PHE G 251 -20.48 -15.12 -2.77
CA PHE G 251 -20.81 -14.89 -1.38
C PHE G 251 -21.64 -13.63 -1.25
N LYS G 252 -22.66 -13.67 -0.41
CA LYS G 252 -23.33 -12.44 -0.04
C LYS G 252 -22.35 -11.61 0.78
N ILE G 253 -22.37 -10.30 0.62
CA ILE G 253 -21.51 -9.43 1.41
C ILE G 253 -22.39 -8.41 2.11
N ARG G 254 -22.24 -8.33 3.42
CA ARG G 254 -23.01 -7.47 4.30
C ARG G 254 -22.08 -6.48 4.97
N SER G 255 -22.66 -5.49 5.61
CA SER G 255 -21.92 -4.57 6.46
C SER G 255 -22.49 -4.66 7.86
N GLY G 256 -21.63 -4.67 8.87
CA GLY G 256 -22.12 -4.75 10.23
C GLY G 256 -21.07 -4.78 11.33
N LYS G 257 -21.42 -5.36 12.47
CA LYS G 257 -20.58 -5.34 13.66
C LYS G 257 -19.64 -6.53 13.77
N SER G 258 -19.51 -7.34 12.74
CA SER G 258 -18.74 -8.56 12.86
C SER G 258 -17.25 -8.27 12.81
N SER G 259 -16.46 -9.16 13.40
CA SER G 259 -15.01 -9.00 13.38
C SER G 259 -14.36 -10.35 13.58
N ILE G 260 -13.04 -10.34 13.79
CA ILE G 260 -12.27 -11.56 13.98
C ILE G 260 -11.21 -11.33 15.06
N MET G 261 -10.87 -12.39 15.78
CA MET G 261 -9.91 -12.26 16.87
C MET G 261 -9.08 -13.51 17.06
N ARG G 262 -7.78 -13.36 17.26
CA ARG G 262 -6.89 -14.45 17.61
C ARG G 262 -6.88 -14.62 19.14
N SER G 263 -7.19 -15.82 19.62
CA SER G 263 -7.25 -16.05 21.05
C SER G 263 -7.25 -17.55 21.31
N ASP G 264 -6.71 -17.94 22.47
CA ASP G 264 -6.70 -19.35 22.88
C ASP G 264 -7.58 -19.63 24.10
N ALA G 265 -8.38 -18.67 24.52
CA ALA G 265 -9.30 -18.86 25.63
C ALA G 265 -10.47 -19.78 25.28
N PRO G 266 -10.85 -20.69 26.18
CA PRO G 266 -12.00 -21.57 25.95
C PRO G 266 -13.29 -20.76 25.88
N ILE G 267 -14.29 -21.28 25.15
CA ILE G 267 -15.60 -20.63 25.07
C ILE G 267 -16.49 -20.98 26.26
N GLY G 268 -17.09 -19.94 26.84
CA GLY G 268 -17.97 -20.00 28.01
C GLY G 268 -19.46 -19.65 27.88
N LYS G 269 -20.23 -20.11 28.88
CA LYS G 269 -21.66 -19.87 29.04
C LYS G 269 -21.94 -18.65 29.95
N CYS G 270 -21.90 -17.45 29.38
CA CYS G 270 -22.05 -16.22 30.18
C CYS G 270 -22.53 -15.08 29.31
N ASN G 271 -22.66 -13.92 29.96
CA ASN G 271 -23.18 -12.71 29.37
C ASN G 271 -22.12 -11.67 29.73
N SER G 272 -21.39 -11.16 28.73
CA SER G 272 -20.38 -10.13 28.94
C SER G 272 -20.26 -9.33 27.65
N GLU G 273 -20.14 -8.01 27.74
CA GLU G 273 -20.18 -7.31 26.46
C GLU G 273 -18.86 -7.24 25.69
N CYS G 274 -17.70 -7.16 26.33
CA CYS G 274 -16.46 -7.02 25.54
C CYS G 274 -15.63 -8.28 25.61
N ILE G 275 -15.20 -8.79 24.47
CA ILE G 275 -14.37 -9.97 24.46
C ILE G 275 -12.99 -9.55 23.98
N THR G 276 -11.97 -10.02 24.70
CA THR G 276 -10.55 -9.92 24.38
C THR G 276 -9.89 -11.29 24.38
N PRO G 277 -8.69 -11.40 23.80
CA PRO G 277 -7.99 -12.70 23.82
C PRO G 277 -7.67 -13.22 25.20
N ASN G 278 -7.67 -12.38 26.23
CA ASN G 278 -7.45 -12.91 27.57
C ASN G 278 -8.74 -13.49 28.13
N GLY G 279 -9.87 -13.16 27.52
CA GLY G 279 -11.18 -13.52 28.02
C GLY G 279 -12.10 -12.32 28.07
N SER G 280 -13.35 -12.61 28.40
CA SER G 280 -14.33 -11.55 28.53
C SER G 280 -13.99 -10.75 29.77
N ILE G 281 -14.28 -9.46 29.74
CA ILE G 281 -14.01 -8.65 30.94
C ILE G 281 -15.22 -7.83 31.35
N PRO G 282 -15.43 -7.58 32.64
CA PRO G 282 -16.49 -6.66 33.06
C PRO G 282 -16.21 -5.27 32.48
N ASN G 283 -17.28 -4.51 32.26
CA ASN G 283 -17.13 -3.17 31.70
C ASN G 283 -17.68 -2.09 32.63
N ASP G 284 -17.78 -2.38 33.92
CA ASP G 284 -18.19 -1.37 34.90
C ASP G 284 -17.17 -0.26 35.08
N LYS G 285 -15.86 -0.55 34.92
CA LYS G 285 -14.79 0.42 35.11
C LYS G 285 -14.51 1.17 33.82
N PRO G 286 -14.10 2.44 33.85
CA PRO G 286 -13.87 3.15 32.59
C PRO G 286 -12.59 2.74 31.88
N PHE G 287 -11.58 2.21 32.57
CA PHE G 287 -10.33 1.85 31.93
C PHE G 287 -9.97 0.40 32.26
N GLN G 288 -9.07 -0.15 31.47
CA GLN G 288 -8.61 -1.52 31.67
C GLN G 288 -7.20 -1.64 31.10
N ASN G 289 -6.44 -2.58 31.64
CA ASN G 289 -5.01 -2.71 31.34
C ASN G 289 -4.67 -4.10 30.80
N VAL G 290 -5.68 -4.89 30.46
CA VAL G 290 -5.50 -6.30 30.13
C VAL G 290 -4.97 -6.47 28.72
N ASN G 291 -5.61 -5.87 27.72
CA ASN G 291 -5.15 -6.03 26.35
C ASN G 291 -5.68 -4.89 25.50
N ARG G 292 -4.82 -4.35 24.64
CA ARG G 292 -5.23 -3.31 23.71
C ARG G 292 -6.15 -3.80 22.61
N ILE G 293 -6.16 -5.09 22.29
CA ILE G 293 -7.08 -5.64 21.30
C ILE G 293 -8.37 -6.02 22.02
N THR G 294 -9.47 -5.41 21.61
CA THR G 294 -10.76 -5.65 22.26
C THR G 294 -11.89 -5.67 21.25
N TYR G 295 -13.03 -6.20 21.70
CA TYR G 295 -14.26 -6.15 20.92
C TYR G 295 -15.46 -5.94 21.83
N GLY G 296 -16.30 -5.00 21.45
CA GLY G 296 -17.57 -4.61 22.06
C GLY G 296 -17.44 -3.31 22.83
N ALA G 297 -18.44 -3.02 23.67
CA ALA G 297 -18.32 -1.79 24.48
C ALA G 297 -17.50 -1.97 25.75
N CYS G 298 -16.20 -1.75 25.68
CA CYS G 298 -15.32 -2.08 26.80
C CYS G 298 -14.49 -0.87 27.19
N PRO G 299 -14.03 -0.83 28.44
CA PRO G 299 -13.14 0.27 28.83
C PRO G 299 -11.88 0.31 27.99
N ARG G 300 -11.29 1.50 27.99
CA ARG G 300 -10.12 1.81 27.19
C ARG G 300 -8.81 1.35 27.81
N TYR G 301 -7.94 0.80 26.97
CA TYR G 301 -6.64 0.31 27.41
C TYR G 301 -5.72 1.45 27.78
N VAL G 302 -5.11 1.38 28.96
CA VAL G 302 -4.14 2.38 29.36
C VAL G 302 -2.89 1.64 29.85
N LYS G 303 -1.77 2.36 29.88
CA LYS G 303 -0.51 1.77 30.34
C LYS G 303 -0.38 1.67 31.84
N GLN G 304 -1.04 2.54 32.60
CA GLN G 304 -0.91 2.48 34.04
C GLN G 304 -1.52 1.21 34.60
N SER G 305 -0.87 0.67 35.63
CA SER G 305 -1.33 -0.52 36.32
C SER G 305 -2.34 -0.22 37.41
N THR G 306 -2.39 1.01 37.92
CA THR G 306 -3.33 1.34 38.98
C THR G 306 -3.66 2.83 38.94
N LEU G 307 -4.91 3.14 39.26
CA LEU G 307 -5.39 4.52 39.36
C LEU G 307 -6.48 4.54 40.41
N LYS G 308 -6.17 5.07 41.59
CA LYS G 308 -7.11 5.03 42.71
C LYS G 308 -7.93 6.31 42.69
N LEU G 309 -9.24 6.16 42.63
CA LEU G 309 -10.14 7.30 42.69
C LEU G 309 -10.62 7.45 44.13
N ALA G 310 -10.33 8.60 44.73
CA ALA G 310 -10.79 8.85 46.09
C ALA G 310 -12.30 8.85 46.16
N THR G 311 -12.83 8.19 47.18
CA THR G 311 -14.26 8.13 47.45
C THR G 311 -14.56 8.56 48.87
N GLY G 312 -13.62 9.25 49.52
CA GLY G 312 -13.83 9.72 50.86
C GLY G 312 -13.00 10.94 51.18
N MET G 313 -13.23 11.46 52.38
CA MET G 313 -12.59 12.66 52.89
C MET G 313 -11.12 12.42 53.24
N ARG G 314 -10.43 13.52 53.53
CA ARG G 314 -9.05 13.49 54.04
C ARG G 314 -8.87 12.66 55.31
N ASN G 315 -7.81 11.85 55.30
CA ASN G 315 -7.41 10.98 56.41
C ASN G 315 -6.40 11.69 57.30
N VAL G 316 -6.75 11.98 58.55
CA VAL G 316 -5.82 12.69 59.43
C VAL G 316 -5.54 11.82 60.64
N PRO G 317 -4.49 10.98 60.59
CA PRO G 317 -4.14 10.04 61.67
C PRO G 317 -3.20 10.53 62.77
N GLU G 318 -3.78 11.24 63.75
CA GLU G 318 -3.07 11.51 65.00
C GLU G 318 -4.05 11.51 66.16
CA PHE G 331 -8.08 23.64 61.57
C PHE G 331 -8.42 22.56 62.59
N ILE G 332 -9.32 21.64 62.20
CA ILE G 332 -9.72 20.54 63.06
C ILE G 332 -8.48 19.69 63.29
N GLU G 333 -7.98 19.71 64.53
CA GLU G 333 -6.66 19.16 64.83
C GLU G 333 -6.54 17.68 64.48
N ASN G 334 -7.56 16.87 64.78
CA ASN G 334 -7.42 15.47 64.40
C ASN G 334 -8.78 14.76 64.31
N GLY G 335 -8.72 13.58 63.69
CA GLY G 335 -9.84 12.67 63.54
C GLY G 335 -10.12 11.86 64.80
N TRP G 336 -11.26 11.18 64.80
CA TRP G 336 -11.68 10.37 65.92
C TRP G 336 -11.57 8.87 65.70
N GLU G 337 -11.76 8.40 64.47
CA GLU G 337 -11.62 6.98 64.13
C GLU G 337 -12.65 6.12 64.88
N GLY G 338 -13.73 6.75 65.33
CA GLY G 338 -14.76 6.01 66.05
C GLY G 338 -16.17 6.47 65.73
N MET G 339 -16.31 7.45 64.84
CA MET G 339 -17.61 7.90 64.37
C MET G 339 -17.79 7.20 63.02
N VAL G 340 -18.55 6.09 63.04
CA VAL G 340 -18.70 5.19 61.91
C VAL G 340 -20.15 5.11 61.42
N ASP G 341 -21.04 5.95 61.94
CA ASP G 341 -22.43 5.94 61.52
C ASP G 341 -22.83 7.17 60.72
N GLY G 342 -21.86 7.99 60.32
CA GLY G 342 -22.15 9.18 59.54
C GLY G 342 -20.86 9.90 59.23
N TRP G 343 -20.96 10.87 58.32
CA TRP G 343 -19.78 11.60 57.88
C TRP G 343 -19.57 12.87 58.68
N TYR G 344 -20.64 13.47 59.18
CA TYR G 344 -20.55 14.69 59.95
C TYR G 344 -21.32 14.45 61.24
N GLY G 345 -20.98 15.20 62.28
CA GLY G 345 -21.68 15.01 63.54
C GLY G 345 -21.21 15.97 64.59
N PHE G 346 -21.68 15.72 65.81
CA PHE G 346 -21.40 16.58 66.95
C PHE G 346 -20.71 15.77 68.05
N ARG G 347 -19.73 16.38 68.70
CA ARG G 347 -19.16 15.88 69.94
C ARG G 347 -19.29 16.96 71.01
N HIS G 348 -19.64 16.55 72.21
CA HIS G 348 -19.88 17.49 73.28
C HIS G 348 -19.17 17.02 74.54
N GLN G 349 -18.94 17.96 75.44
CA GLN G 349 -18.55 17.61 76.80
C GLN G 349 -19.33 18.47 77.77
N ASN G 350 -20.02 17.81 78.69
CA ASN G 350 -20.79 18.44 79.74
C ASN G 350 -20.55 17.60 81.00
N SER G 351 -21.42 17.79 81.99
CA SER G 351 -21.29 17.03 83.23
C SER G 351 -21.48 15.53 83.01
N GLU G 352 -22.31 15.13 82.04
CA GLU G 352 -22.58 13.71 81.84
C GLU G 352 -21.58 12.98 80.95
N GLY G 353 -20.63 13.66 80.30
CA GLY G 353 -19.75 12.84 79.50
C GLY G 353 -19.48 13.39 78.10
N ARG G 354 -19.10 12.44 77.24
CA ARG G 354 -18.73 12.62 75.83
C ARG G 354 -19.59 11.71 74.97
N GLY G 355 -20.10 12.25 73.86
CA GLY G 355 -20.97 11.48 72.99
C GLY G 355 -20.71 11.79 71.54
N GLN G 356 -21.31 10.96 70.67
CA GLN G 356 -21.15 11.07 69.23
C GLN G 356 -22.48 10.82 68.52
N ALA G 357 -22.71 11.57 67.46
CA ALA G 357 -23.92 11.46 66.66
C ALA G 357 -23.58 11.90 65.24
N ALA G 358 -24.58 11.85 64.36
CA ALA G 358 -24.37 12.22 62.97
C ALA G 358 -25.38 13.26 62.51
N ASP G 359 -24.95 14.07 61.54
CA ASP G 359 -25.81 15.02 60.85
C ASP G 359 -26.16 14.42 59.49
N LEU G 360 -27.46 14.18 59.27
CA LEU G 360 -27.88 13.40 58.11
C LEU G 360 -27.88 14.23 56.83
N LYS G 361 -28.30 15.49 56.92
CA LYS G 361 -28.39 16.31 55.71
C LYS G 361 -27.01 16.51 55.07
N SER G 362 -26.01 16.87 55.88
CA SER G 362 -24.67 17.02 55.33
C SER G 362 -24.08 15.68 54.90
N THR G 363 -24.31 14.62 55.68
CA THR G 363 -23.89 13.28 55.27
C THR G 363 -24.47 12.92 53.91
N GLN G 364 -25.78 13.10 53.72
CA GLN G 364 -26.41 12.71 52.47
C GLN G 364 -25.96 13.58 51.31
N ALA G 365 -25.71 14.87 51.56
CA ALA G 365 -25.25 15.74 50.49
C ALA G 365 -23.89 15.28 49.95
N ALA G 366 -22.97 14.93 50.86
CA ALA G 366 -21.67 14.41 50.45
C ALA G 366 -21.79 13.06 49.77
N ILE G 367 -22.58 12.14 50.35
CA ILE G 367 -22.74 10.81 49.78
C ILE G 367 -23.33 10.90 48.38
N ASP G 368 -24.30 11.78 48.18
CA ASP G 368 -24.89 11.94 46.86
C ASP G 368 -23.84 12.40 45.85
N GLN G 369 -22.95 13.29 46.26
CA GLN G 369 -21.91 13.79 45.37
C GLN G 369 -20.90 12.72 44.99
N ILE G 370 -20.52 11.85 45.93
CA ILE G 370 -19.57 10.79 45.60
C ILE G 370 -20.17 9.79 44.63
N ASN G 371 -21.44 9.42 44.84
CA ASN G 371 -22.11 8.55 43.89
C ASN G 371 -22.24 9.22 42.53
N GLY G 372 -22.35 10.55 42.52
CA GLY G 372 -22.37 11.29 41.28
C GLY G 372 -21.10 11.15 40.46
N LYS G 373 -19.93 11.11 41.11
CA LYS G 373 -18.70 10.91 40.37
C LYS G 373 -18.65 9.54 39.71
N LEU G 374 -19.01 8.47 40.42
CA LEU G 374 -18.96 7.16 39.80
C LEU G 374 -19.90 7.07 38.60
N ASN G 375 -21.08 7.66 38.71
CA ASN G 375 -22.03 7.65 37.61
C ASN G 375 -21.48 8.36 36.37
N ARG G 376 -20.61 9.35 36.55
CA ARG G 376 -20.01 10.01 35.40
C ARG G 376 -18.91 9.20 34.73
N LEU G 377 -18.30 8.28 35.46
CA LEU G 377 -17.13 7.56 34.99
C LEU G 377 -17.40 6.10 34.73
N ILE G 378 -18.26 5.48 35.52
CA ILE G 378 -18.52 4.05 35.47
C ILE G 378 -19.68 3.81 34.52
N GLY G 379 -19.50 2.84 33.63
CA GLY G 379 -20.53 2.43 32.70
C GLY G 379 -20.86 3.49 31.67
N LYS G 380 -19.83 4.17 31.16
CA LYS G 380 -19.94 5.23 30.17
C LYS G 380 -18.82 4.95 29.18
N THR G 381 -19.09 4.08 28.21
CA THR G 381 -18.07 3.65 27.25
C THR G 381 -18.68 3.63 25.86
N ASN G 382 -17.82 3.62 24.85
CA ASN G 382 -18.28 3.67 23.46
C ASN G 382 -17.94 2.36 22.75
N GLU G 383 -18.90 1.89 21.95
CA GLU G 383 -18.81 0.61 21.27
C GLU G 383 -17.89 0.68 20.06
N LYS G 384 -16.93 -0.22 20.00
CA LYS G 384 -16.14 -0.43 18.81
C LYS G 384 -16.26 -1.88 18.39
N PHE G 385 -16.28 -2.13 17.08
CA PHE G 385 -16.42 -3.48 16.56
C PHE G 385 -15.20 -3.81 15.72
N HIS G 386 -15.31 -3.79 14.40
CA HIS G 386 -14.16 -4.09 13.57
C HIS G 386 -13.17 -2.94 13.61
N GLN G 387 -11.92 -3.26 13.91
CA GLN G 387 -10.89 -2.26 14.05
C GLN G 387 -9.74 -2.58 13.12
N ILE G 388 -8.52 -2.37 13.57
CA ILE G 388 -7.34 -2.76 12.81
C ILE G 388 -6.65 -3.86 13.59
N GLU G 389 -5.78 -4.59 12.90
CA GLU G 389 -4.98 -5.56 13.61
C GLU G 389 -3.95 -4.81 14.43
N LYS G 390 -3.58 -5.40 15.58
CA LYS G 390 -2.73 -4.69 16.53
C LYS G 390 -1.58 -5.54 17.01
N GLU G 391 -1.49 -6.78 16.57
CA GLU G 391 -0.34 -7.63 16.80
C GLU G 391 0.01 -8.27 15.46
N PHE G 392 1.29 -8.50 15.25
CA PHE G 392 1.76 -8.93 13.94
C PHE G 392 2.78 -10.03 14.12
N SER G 393 2.67 -11.06 13.31
CA SER G 393 3.57 -12.20 13.41
C SER G 393 4.76 -12.10 12.48
N GLU G 394 4.69 -11.28 11.44
CA GLU G 394 5.80 -11.14 10.52
C GLU G 394 6.12 -9.66 10.27
N VAL G 395 7.41 -9.42 10.08
CA VAL G 395 7.89 -8.11 9.65
C VAL G 395 7.37 -7.78 8.26
N GLU G 396 6.85 -6.57 8.11
CA GLU G 396 6.29 -6.09 6.85
C GLU G 396 6.81 -4.72 6.45
N GLY G 397 7.32 -3.93 7.39
CA GLY G 397 7.83 -2.60 7.10
C GLY G 397 6.78 -1.52 7.12
N ARG G 398 6.75 -0.71 6.05
CA ARG G 398 6.08 0.58 6.04
C ARG G 398 4.66 0.53 6.61
N ILE G 399 3.79 -0.30 6.02
CA ILE G 399 2.39 -0.31 6.47
C ILE G 399 2.28 -0.81 7.91
N GLN G 400 3.07 -1.81 8.28
CA GLN G 400 3.03 -2.30 9.65
C GLN G 400 3.60 -1.27 10.63
N ASP G 401 4.63 -0.53 10.21
CA ASP G 401 5.14 0.56 11.05
C ASP G 401 4.05 1.59 11.33
N LEU G 402 3.24 1.91 10.34
CA LEU G 402 2.22 2.92 10.53
C LEU G 402 1.15 2.43 11.48
N GLU G 403 0.70 1.18 11.29
CA GLU G 403 -0.29 0.61 12.20
C GLU G 403 0.25 0.57 13.62
N LYS G 404 1.53 0.22 13.77
CA LYS G 404 2.14 0.20 15.10
C LYS G 404 2.20 1.61 15.67
N TYR G 405 2.57 2.58 14.84
CA TYR G 405 2.69 3.95 15.30
C TYR G 405 1.34 4.53 15.69
N VAL G 406 0.30 4.19 14.94
CA VAL G 406 -1.03 4.70 15.26
C VAL G 406 -1.46 4.21 16.64
N GLU G 407 -1.26 2.94 16.91
CA GLU G 407 -1.66 2.44 18.22
C GLU G 407 -0.83 3.02 19.35
N ASP G 408 0.49 3.14 19.17
CA ASP G 408 1.31 3.71 20.24
C ASP G 408 0.96 5.17 20.53
N THR G 409 0.67 5.97 19.50
CA THR G 409 0.24 7.35 19.77
C THR G 409 -1.07 7.38 20.54
N LYS G 410 -2.03 6.57 20.11
CA LYS G 410 -3.35 6.53 20.75
C LYS G 410 -3.23 6.10 22.21
N ILE G 411 -2.44 5.06 22.49
CA ILE G 411 -2.31 4.57 23.85
C ILE G 411 -1.70 5.62 24.76
N ASP G 412 -0.70 6.35 24.28
CA ASP G 412 -0.12 7.40 25.11
C ASP G 412 -1.12 8.49 25.42
N LEU G 413 -1.98 8.84 24.47
CA LEU G 413 -2.93 9.92 24.71
C LEU G 413 -4.04 9.51 25.68
N TRP G 414 -4.54 8.27 25.59
CA TRP G 414 -5.51 7.82 26.57
C TRP G 414 -4.88 7.57 27.93
N SER G 415 -3.65 7.08 27.96
CA SER G 415 -3.01 6.88 29.24
C SER G 415 -2.82 8.20 29.96
N TYR G 416 -2.46 9.25 29.21
CA TYR G 416 -2.38 10.57 29.80
C TYR G 416 -3.75 11.03 30.29
N ASN G 417 -4.76 10.93 29.44
CA ASN G 417 -6.10 11.36 29.82
C ASN G 417 -6.58 10.68 31.09
N ALA G 418 -6.35 9.38 31.22
CA ALA G 418 -6.82 8.69 32.41
C ALA G 418 -6.09 9.17 33.66
N GLU G 419 -4.79 9.38 33.56
CA GLU G 419 -4.02 9.84 34.72
C GLU G 419 -4.50 11.22 35.16
N LEU G 420 -4.65 12.14 34.21
CA LEU G 420 -5.09 13.49 34.53
C LEU G 420 -6.53 13.51 35.03
N LEU G 421 -7.42 12.73 34.40
CA LEU G 421 -8.81 12.66 34.83
C LEU G 421 -8.94 12.34 36.30
N VAL G 422 -8.28 11.29 36.76
CA VAL G 422 -8.38 10.93 38.17
C VAL G 422 -7.79 12.02 39.03
N ALA G 423 -6.63 12.56 38.64
CA ALA G 423 -5.99 13.61 39.41
C ALA G 423 -6.87 14.85 39.55
N LEU G 424 -7.53 15.28 38.47
CA LEU G 424 -8.40 16.45 38.63
C LEU G 424 -9.61 16.14 39.49
N GLU G 425 -10.30 15.04 39.19
CA GLU G 425 -11.47 14.68 39.97
C GLU G 425 -11.14 14.40 41.42
N ASN G 426 -10.01 13.74 41.66
CA ASN G 426 -9.68 13.40 43.05
C ASN G 426 -9.35 14.64 43.86
N GLN G 427 -8.54 15.54 43.32
CA GLN G 427 -8.27 16.81 43.99
C GLN G 427 -9.56 17.57 44.29
N HIS G 428 -10.46 17.66 43.31
CA HIS G 428 -11.71 18.39 43.51
C HIS G 428 -12.60 17.73 44.54
N THR G 429 -12.68 16.40 44.51
CA THR G 429 -13.50 15.69 45.51
C THR G 429 -13.02 15.97 46.92
N ILE G 430 -11.71 15.93 47.14
CA ILE G 430 -11.15 16.24 48.46
C ILE G 430 -11.46 17.68 48.85
N ASP G 431 -11.45 18.60 47.89
CA ASP G 431 -11.81 19.99 48.19
C ASP G 431 -13.29 20.14 48.48
N LEU G 432 -14.14 19.38 47.79
CA LEU G 432 -15.57 19.51 48.03
C LEU G 432 -15.95 18.95 49.39
N THR G 433 -15.28 17.90 49.84
CA THR G 433 -15.59 17.36 51.16
C THR G 433 -15.11 18.32 52.24
N ASP G 434 -13.98 18.98 52.01
CA ASP G 434 -13.49 20.02 52.89
C ASP G 434 -14.41 21.24 52.90
N SER G 435 -14.92 21.60 51.73
CA SER G 435 -15.86 22.72 51.63
C SER G 435 -17.10 22.50 52.48
N GLU G 436 -17.68 21.30 52.43
CA GLU G 436 -18.86 21.03 53.24
C GLU G 436 -18.59 21.22 54.71
N MET G 437 -17.40 20.83 55.17
CA MET G 437 -17.07 21.03 56.58
C MET G 437 -17.00 22.52 56.91
N ASN G 438 -16.37 23.31 56.05
CA ASN G 438 -16.28 24.75 56.31
C ASN G 438 -17.66 25.38 56.32
N LYS G 439 -18.52 24.98 55.38
CA LYS G 439 -19.88 25.52 55.35
C LYS G 439 -20.62 25.20 56.63
N LEU G 440 -20.49 23.96 57.13
CA LEU G 440 -21.16 23.58 58.36
C LEU G 440 -20.63 24.38 59.53
N PHE G 441 -19.31 24.56 59.60
CA PHE G 441 -18.71 25.36 60.65
C PHE G 441 -19.22 26.79 60.57
N GLU G 442 -19.21 27.37 59.37
CA GLU G 442 -19.69 28.73 59.19
C GLU G 442 -21.19 28.84 59.49
N LYS G 443 -21.97 27.85 59.05
CA LYS G 443 -23.40 27.86 59.33
C LYS G 443 -23.65 27.81 60.82
N THR G 444 -22.92 26.96 61.54
CA THR G 444 -23.09 26.92 62.99
C THR G 444 -22.66 28.24 63.59
N LYS G 445 -21.55 28.78 63.09
CA LYS G 445 -21.08 30.07 63.61
C LYS G 445 -22.14 31.14 63.40
N LYS G 446 -22.75 31.18 62.20
CA LYS G 446 -23.74 32.23 61.95
C LYS G 446 -24.98 32.06 62.81
N GLN G 447 -25.45 30.82 63.01
CA GLN G 447 -26.60 30.66 63.91
C GLN G 447 -26.24 31.23 65.27
N LEU G 448 -25.02 30.95 65.72
CA LEU G 448 -24.57 31.34 67.05
C LEU G 448 -24.23 32.82 66.95
N ARG G 449 -23.61 33.38 67.98
CA ARG G 449 -23.20 34.77 67.96
C ARG G 449 -21.93 34.97 68.77
N GLU G 450 -21.98 35.88 69.75
CA GLU G 450 -20.88 36.22 70.63
C GLU G 450 -20.88 35.33 71.86
N ASN G 451 -21.67 34.26 71.82
CA ASN G 451 -21.93 33.36 72.94
C ASN G 451 -20.93 32.22 72.95
N ALA G 452 -19.99 32.20 72.03
CA ALA G 452 -19.04 31.09 71.93
C ALA G 452 -17.76 31.63 71.31
N GLU G 453 -16.67 30.89 71.49
CA GLU G 453 -15.42 31.24 70.85
C GLU G 453 -14.80 30.04 70.16
N ASP G 454 -14.19 30.28 69.01
CA ASP G 454 -13.52 29.23 68.25
C ASP G 454 -12.16 28.90 68.88
N MET G 455 -11.94 27.64 69.26
CA MET G 455 -10.65 27.28 69.85
C MET G 455 -9.65 26.91 68.78
N GLY G 456 -10.06 26.91 67.50
CA GLY G 456 -9.12 26.69 66.44
C GLY G 456 -9.01 25.26 65.98
N ASN G 457 -9.76 24.34 66.60
CA ASN G 457 -9.67 22.93 66.22
C ASN G 457 -11.05 22.40 65.79
N GLY G 458 -11.90 23.30 65.30
CA GLY G 458 -13.26 22.99 64.89
C GLY G 458 -14.30 22.95 65.99
N CYS G 459 -13.93 23.24 67.22
CA CYS G 459 -14.85 23.20 68.35
C CYS G 459 -15.18 24.60 68.85
N PHE G 460 -16.43 24.79 69.29
CA PHE G 460 -16.83 26.04 69.93
C PHE G 460 -17.05 25.79 71.42
N LYS G 461 -16.50 26.67 72.25
CA LYS G 461 -16.83 26.74 73.67
C LYS G 461 -17.98 27.71 73.77
N ILE G 462 -19.15 27.26 74.20
CA ILE G 462 -20.30 28.16 74.24
C ILE G 462 -20.48 28.81 75.60
N TYR G 463 -20.41 30.13 75.61
CA TYR G 463 -20.38 31.07 76.73
C TYR G 463 -21.80 31.42 77.09
N HIS G 464 -22.63 30.39 76.95
CA HIS G 464 -24.04 30.39 77.27
C HIS G 464 -24.32 28.94 77.65
N LYS G 465 -24.69 28.77 78.91
CA LYS G 465 -25.10 27.48 79.45
C LYS G 465 -26.25 26.82 78.71
N CYS G 466 -25.98 25.61 78.25
CA CYS G 466 -26.92 24.76 77.54
C CYS G 466 -26.74 23.38 78.16
N ASP G 467 -27.80 22.55 78.10
CA ASP G 467 -27.74 21.20 78.67
C ASP G 467 -28.26 20.08 77.75
N ASN G 468 -27.62 19.89 76.59
CA ASN G 468 -28.03 18.90 75.59
C ASN G 468 -29.17 19.39 74.70
N ALA G 469 -30.08 20.19 75.25
CA ALA G 469 -31.18 20.74 74.46
C ALA G 469 -30.62 21.67 73.39
N CYS G 470 -29.55 22.39 73.72
CA CYS G 470 -28.90 23.26 72.76
C CYS G 470 -28.33 22.46 71.60
N ILE G 471 -27.63 21.37 71.91
CA ILE G 471 -27.08 20.50 70.87
C ILE G 471 -28.16 19.99 69.92
N GLY G 472 -29.29 19.51 70.46
CA GLY G 472 -30.35 19.06 69.56
C GLY G 472 -30.85 20.16 68.65
N SER G 473 -30.98 21.36 69.17
CA SER G 473 -31.42 22.52 68.40
C SER G 473 -30.40 22.90 67.33
N ILE G 474 -29.12 22.73 67.67
CA ILE G 474 -28.03 22.96 66.73
C ILE G 474 -28.08 22.01 65.54
N ARG G 475 -28.32 20.72 65.79
CA ARG G 475 -28.31 19.79 64.66
C ARG G 475 -29.38 20.12 63.63
N ASN G 476 -30.54 20.64 64.03
CA ASN G 476 -31.55 20.95 63.04
C ASN G 476 -31.66 22.44 62.74
N GLY G 477 -30.71 23.24 63.23
CA GLY G 477 -30.62 24.64 62.84
C GLY G 477 -31.69 25.52 63.43
N THR G 478 -32.24 25.14 64.58
CA THR G 478 -33.28 25.91 65.25
C THR G 478 -32.87 26.48 66.61
N TYR G 479 -31.61 26.35 66.99
CA TYR G 479 -31.17 26.88 68.28
C TYR G 479 -31.37 28.39 68.36
N ASP G 480 -32.11 28.82 69.38
CA ASP G 480 -32.34 30.23 69.67
C ASP G 480 -31.44 30.60 70.83
N HIS G 481 -30.35 31.30 70.53
CA HIS G 481 -29.34 31.60 71.53
C HIS G 481 -29.85 32.50 72.66
N ASP G 482 -30.78 33.38 72.36
CA ASP G 482 -31.33 34.32 73.33
C ASP G 482 -32.03 33.84 74.59
N VAL G 483 -31.38 33.10 75.50
CA VAL G 483 -32.13 32.75 76.71
C VAL G 483 -31.28 33.27 77.87
N TYR G 484 -29.96 33.12 77.73
CA TYR G 484 -28.94 33.45 78.72
C TYR G 484 -28.08 34.60 78.23
N ARG G 485 -28.29 34.99 76.97
CA ARG G 485 -27.46 35.89 76.20
C ARG G 485 -27.17 37.23 76.90
N ASP G 486 -28.19 37.84 77.51
CA ASP G 486 -28.02 39.15 78.15
C ASP G 486 -26.93 39.20 79.22
N GLU G 487 -26.88 38.25 80.17
CA GLU G 487 -25.76 38.29 81.12
C GLU G 487 -24.39 38.17 80.44
N ALA G 488 -24.28 38.66 79.20
CA ALA G 488 -23.06 38.53 78.39
C ALA G 488 -21.85 39.25 78.97
N LEU G 489 -21.98 40.51 79.37
CA LEU G 489 -20.81 41.19 79.94
C LEU G 489 -20.22 40.45 81.14
N ASN G 490 -21.04 39.94 82.05
CA ASN G 490 -20.43 39.19 83.14
C ASN G 490 -19.68 37.98 82.58
N ASN G 491 -20.30 37.31 81.61
CA ASN G 491 -19.71 36.16 80.92
C ASN G 491 -18.55 36.57 80.03
N ARG G 492 -17.32 36.21 80.40
CA ARG G 492 -16.16 36.54 79.57
C ARG G 492 -15.66 37.99 79.49
N PHE G 493 -16.52 39.00 79.45
CA PHE G 493 -16.05 40.36 79.15
C PHE G 493 -16.05 41.25 80.39
N GLN G 494 -14.95 41.23 81.13
CA GLN G 494 -14.87 42.02 82.36
C GLN G 494 -14.21 43.37 82.14
N ILE G 495 -13.62 43.95 83.18
CA ILE G 495 -12.91 45.21 83.03
C ILE G 495 -11.60 45.18 83.81
N ASN H 1 -35.90 49.46 66.12
CA ASN H 1 -35.84 50.89 65.77
C ASN H 1 -34.48 51.48 66.06
N SER H 2 -33.57 50.66 66.58
CA SER H 2 -32.15 51.01 66.60
C SER H 2 -31.34 50.32 65.52
N THR H 3 -31.98 49.83 64.46
CA THR H 3 -31.26 49.02 63.49
C THR H 3 -31.69 49.42 62.09
N ALA H 4 -30.89 49.00 61.11
CA ALA H 4 -31.19 49.18 59.69
C ALA H 4 -30.77 47.89 58.99
N THR H 5 -31.72 47.02 58.67
CA THR H 5 -31.36 45.80 57.97
C THR H 5 -30.62 46.15 56.68
N LEU H 6 -29.50 45.48 56.41
CA LEU H 6 -28.78 45.67 55.17
C LEU H 6 -28.53 44.34 54.48
N CYS H 7 -29.10 44.19 53.30
CA CYS H 7 -29.03 42.97 52.51
C CYS H 7 -28.18 43.21 51.28
N LEU H 8 -27.29 42.27 50.95
CA LEU H 8 -26.54 42.42 49.72
C LEU H 8 -27.19 41.62 48.60
N GLY H 9 -27.42 40.33 48.83
CA GLY H 9 -28.01 39.47 47.82
C GLY H 9 -27.38 39.41 46.45
N HIS H 10 -28.00 38.64 45.57
CA HIS H 10 -27.57 38.46 44.20
C HIS H 10 -28.79 38.43 43.30
N HIS H 11 -28.54 38.56 41.99
CA HIS H 11 -29.62 38.61 41.03
C HIS H 11 -30.16 37.22 40.72
N ALA H 12 -31.32 37.16 40.05
CA ALA H 12 -31.86 35.91 39.54
C ALA H 12 -32.71 36.15 38.30
N VAL H 13 -32.97 35.08 37.56
CA VAL H 13 -33.82 35.13 36.37
C VAL H 13 -34.87 34.03 36.51
N PRO H 14 -36.02 34.18 35.83
CA PRO H 14 -37.01 33.09 35.86
C PRO H 14 -36.66 31.90 34.97
N ASN H 15 -35.97 32.14 33.86
CA ASN H 15 -35.60 31.08 32.93
C ASN H 15 -34.12 30.78 33.03
N GLY H 16 -33.78 29.52 33.32
CA GLY H 16 -32.41 29.13 33.46
C GLY H 16 -32.10 27.93 32.58
N THR H 17 -30.80 27.65 32.46
CA THR H 17 -30.31 26.55 31.64
C THR H 17 -29.42 25.66 32.48
N ILE H 18 -29.57 24.35 32.30
CA ILE H 18 -28.82 23.35 33.06
C ILE H 18 -27.49 23.10 32.36
N VAL H 19 -26.39 23.17 33.12
CA VAL H 19 -25.08 22.83 32.60
C VAL H 19 -24.42 21.80 33.50
N LYS H 20 -23.36 21.19 32.98
CA LYS H 20 -22.54 20.22 33.70
C LYS H 20 -21.26 20.86 34.23
N THR H 21 -20.84 20.43 35.43
CA THR H 21 -19.55 20.86 35.97
C THR H 21 -18.77 19.61 36.38
N ILE H 22 -17.57 19.82 36.94
CA ILE H 22 -16.76 18.71 37.42
C ILE H 22 -17.45 17.98 38.56
N THR H 23 -18.15 18.71 39.43
CA THR H 23 -18.72 18.14 40.64
C THR H 23 -20.22 17.97 40.58
N ASN H 24 -20.89 18.44 39.53
CA ASN H 24 -22.34 18.39 39.50
C ASN H 24 -22.81 18.25 38.06
N ASP H 25 -23.63 17.23 37.82
CA ASP H 25 -24.07 16.96 36.45
C ASP H 25 -25.05 18.01 35.95
N GLN H 26 -25.83 18.61 36.85
CA GLN H 26 -26.93 19.47 36.46
C GLN H 26 -27.07 20.68 37.39
N ILE H 27 -26.58 21.84 36.96
CA ILE H 27 -26.73 23.06 37.74
C ILE H 27 -27.24 24.15 36.82
N GLU H 28 -28.23 24.89 37.32
CA GLU H 28 -28.94 25.91 36.55
C GLU H 28 -28.24 27.25 36.68
N VAL H 29 -27.94 27.88 35.55
CA VAL H 29 -27.36 29.22 35.53
C VAL H 29 -28.35 30.15 34.85
N THR H 30 -28.11 31.45 35.01
CA THR H 30 -29.03 32.43 34.45
C THR H 30 -29.00 32.47 32.93
N ASN H 31 -27.88 32.09 32.33
CA ASN H 31 -27.70 32.21 30.89
C ASN H 31 -26.53 31.34 30.46
N ALA H 32 -26.60 30.86 29.22
CA ALA H 32 -25.52 30.06 28.66
C ALA H 32 -25.49 30.30 27.16
N THR H 33 -24.36 29.94 26.55
CA THR H 33 -24.20 30.01 25.11
C THR H 33 -23.73 28.67 24.58
N GLU H 34 -24.14 28.38 23.35
CA GLU H 34 -23.83 27.13 22.68
C GLU H 34 -22.42 27.17 22.10
N LEU H 35 -21.65 26.11 22.33
CA LEU H 35 -20.27 26.04 21.85
C LEU H 35 -20.12 25.19 20.61
N VAL H 36 -21.16 24.46 20.21
CA VAL H 36 -21.10 23.61 19.02
C VAL H 36 -21.98 24.27 17.96
N GLN H 37 -21.36 24.66 16.86
CA GLN H 37 -22.13 25.16 15.73
C GLN H 37 -22.82 24.01 15.03
N SER H 38 -24.01 24.28 14.50
CA SER H 38 -24.77 23.22 13.85
C SER H 38 -25.72 23.85 12.83
N SER H 39 -25.91 23.14 11.72
CA SER H 39 -26.92 23.49 10.72
C SER H 39 -26.69 24.90 10.16
N SER H 40 -25.59 25.03 9.43
CA SER H 40 -25.32 26.27 8.70
C SER H 40 -26.19 26.35 7.45
N THR H 41 -25.86 27.30 6.56
CA THR H 41 -26.83 27.78 5.58
C THR H 41 -27.32 26.67 4.66
N GLY H 42 -26.42 26.10 3.87
CA GLY H 42 -26.79 25.14 2.84
C GLY H 42 -26.22 25.46 1.47
N GLU H 43 -25.54 26.59 1.33
CA GLU H 43 -24.90 27.02 0.10
C GLU H 43 -23.42 27.09 0.37
N ILE H 44 -22.59 26.76 -0.60
CA ILE H 44 -21.16 27.03 -0.46
C ILE H 44 -20.89 28.45 -0.96
N CYS H 45 -20.61 29.33 -0.02
CA CYS H 45 -20.28 30.72 -0.27
C CYS H 45 -18.92 30.78 -0.97
N ASP H 46 -18.81 31.64 -1.99
CA ASP H 46 -17.62 31.77 -2.85
C ASP H 46 -16.46 32.58 -2.30
N SER H 47 -16.53 33.16 -1.12
CA SER H 47 -15.36 33.93 -0.68
C SER H 47 -14.95 33.50 0.73
N PRO H 48 -13.66 33.61 1.07
CA PRO H 48 -12.57 34.13 0.26
C PRO H 48 -11.71 33.12 -0.47
N HIS H 49 -12.11 31.86 -0.52
CA HIS H 49 -11.34 30.89 -1.28
C HIS H 49 -11.86 30.87 -2.71
N GLN H 50 -10.95 30.67 -3.65
CA GLN H 50 -11.35 30.60 -5.05
C GLN H 50 -11.99 29.24 -5.29
N ILE H 51 -13.29 29.22 -5.39
CA ILE H 51 -14.04 27.99 -5.58
C ILE H 51 -14.16 27.74 -7.08
N LEU H 52 -13.98 26.49 -7.47
CA LEU H 52 -14.24 26.05 -8.83
C LEU H 52 -15.26 24.94 -8.66
N ASP H 53 -16.52 25.23 -8.99
CA ASP H 53 -17.54 24.21 -8.88
C ASP H 53 -17.43 23.21 -10.01
N GLY H 54 -17.10 21.97 -9.68
CA GLY H 54 -16.97 20.93 -10.66
C GLY H 54 -18.37 20.62 -11.17
N GLU H 55 -18.72 21.07 -12.36
CA GLU H 55 -20.05 20.86 -12.89
C GLU H 55 -20.31 19.37 -13.09
N ASN H 56 -20.29 18.97 -14.34
CA ASN H 56 -20.48 17.63 -14.87
C ASN H 56 -19.18 16.83 -14.84
N CYS H 57 -18.07 17.43 -14.41
CA CYS H 57 -16.75 16.84 -14.50
C CYS H 57 -16.22 16.35 -13.17
N THR H 58 -15.56 15.19 -13.21
CA THR H 58 -14.74 14.73 -12.12
C THR H 58 -13.38 15.41 -12.25
N LEU H 59 -12.59 15.38 -11.19
CA LEU H 59 -11.26 15.97 -11.30
C LEU H 59 -10.43 15.30 -12.39
N ILE H 60 -10.43 13.97 -12.42
CA ILE H 60 -9.63 13.26 -13.42
C ILE H 60 -10.09 13.56 -14.85
N ASP H 61 -11.41 13.56 -15.08
CA ASP H 61 -11.92 13.93 -16.39
C ASP H 61 -11.49 15.33 -16.78
N ALA H 62 -11.61 16.27 -15.85
CA ALA H 62 -11.17 17.63 -16.12
C ALA H 62 -9.68 17.66 -16.39
N LEU H 63 -8.92 16.79 -15.73
CA LEU H 63 -7.49 16.75 -15.99
C LEU H 63 -7.22 16.26 -17.42
N LEU H 64 -7.80 15.11 -17.78
CA LEU H 64 -7.57 14.57 -19.12
C LEU H 64 -8.17 15.45 -20.20
N GLY H 65 -9.36 16.01 -19.96
CA GLY H 65 -9.98 16.85 -20.97
C GLY H 65 -11.07 16.20 -21.79
N ASP H 66 -11.99 15.45 -21.18
CA ASP H 66 -13.19 15.02 -21.88
C ASP H 66 -13.94 16.20 -22.48
N PRO H 67 -14.30 16.15 -23.76
CA PRO H 67 -14.91 17.30 -24.45
C PRO H 67 -16.04 18.02 -23.73
N GLN H 68 -16.97 17.31 -23.10
CA GLN H 68 -17.98 17.98 -22.31
C GLN H 68 -17.38 18.90 -21.27
N CYS H 69 -16.13 18.65 -20.90
CA CYS H 69 -15.46 19.34 -19.81
C CYS H 69 -14.37 20.27 -20.31
N ASP H 70 -14.43 20.63 -21.59
CA ASP H 70 -13.41 21.48 -22.23
C ASP H 70 -13.21 22.81 -21.55
N GLY H 71 -14.23 23.40 -20.94
CA GLY H 71 -14.02 24.72 -20.37
C GLY H 71 -13.08 24.76 -19.19
N PHE H 72 -12.77 23.62 -18.56
CA PHE H 72 -11.91 23.61 -17.38
C PHE H 72 -10.43 23.50 -17.81
N GLN H 73 -9.98 24.46 -18.59
CA GLN H 73 -8.63 24.45 -19.14
C GLN H 73 -7.84 25.60 -18.53
N ASN H 74 -6.68 25.27 -17.95
CA ASN H 74 -5.78 26.24 -17.35
C ASN H 74 -6.40 26.91 -16.14
N LYS H 75 -7.49 26.36 -15.63
CA LYS H 75 -8.14 26.87 -14.44
C LYS H 75 -7.27 26.66 -13.22
N LYS H 76 -7.42 27.52 -12.24
CA LYS H 76 -6.80 27.38 -10.94
C LYS H 76 -7.92 27.27 -9.91
N TRP H 77 -7.57 26.84 -8.70
CA TRP H 77 -8.61 26.75 -7.70
C TRP H 77 -7.97 26.66 -6.33
N ASP H 78 -8.69 27.15 -5.32
CA ASP H 78 -8.41 26.83 -3.94
C ASP H 78 -9.12 25.56 -3.49
N LEU H 79 -10.38 25.42 -3.87
CA LEU H 79 -11.20 24.27 -3.51
C LEU H 79 -11.99 23.79 -4.72
N PHE H 80 -11.76 22.55 -5.11
CA PHE H 80 -12.53 21.93 -6.18
C PHE H 80 -13.74 21.22 -5.58
N VAL H 81 -14.92 21.53 -6.09
CA VAL H 81 -16.15 20.93 -5.57
C VAL H 81 -16.63 19.93 -6.59
N GLU H 82 -16.57 18.66 -6.24
CA GLU H 82 -17.03 17.59 -7.10
C GLU H 82 -18.48 17.24 -6.79
N ARG H 83 -19.29 17.11 -7.82
CA ARG H 83 -20.71 16.81 -7.64
C ARG H 83 -20.92 15.31 -7.76
N SER H 84 -21.94 14.81 -7.08
CA SER H 84 -22.24 13.38 -7.10
C SER H 84 -22.90 12.97 -8.41
N LYS H 85 -23.39 13.92 -9.18
CA LYS H 85 -24.05 13.64 -10.45
C LYS H 85 -23.05 13.45 -11.58
N ALA H 86 -21.79 13.78 -11.36
CA ALA H 86 -20.77 13.69 -12.40
C ALA H 86 -20.73 12.30 -13.01
N TYR H 87 -20.42 12.27 -14.30
CA TYR H 87 -20.34 11.04 -15.08
C TYR H 87 -19.43 11.28 -16.27
N SER H 88 -18.77 10.22 -16.72
CA SER H 88 -17.86 10.29 -17.85
C SER H 88 -18.51 9.93 -19.18
N ASN H 89 -18.10 10.63 -20.25
CA ASN H 89 -18.64 10.46 -21.59
C ASN H 89 -17.53 10.43 -22.63
N CYS H 90 -16.34 9.97 -22.27
CA CYS H 90 -15.27 9.79 -23.24
C CYS H 90 -14.94 8.32 -23.34
N TYR H 91 -13.72 8.00 -23.68
CA TYR H 91 -13.35 6.60 -23.81
C TYR H 91 -13.28 5.97 -22.43
N PRO H 92 -13.85 4.78 -22.24
CA PRO H 92 -13.78 4.10 -20.94
C PRO H 92 -12.35 3.97 -20.48
N TYR H 93 -12.09 4.32 -19.24
CA TYR H 93 -10.73 4.25 -18.73
C TYR H 93 -10.76 3.82 -17.28
N ASP H 94 -9.63 3.27 -16.84
CA ASP H 94 -9.38 3.02 -15.44
C ASP H 94 -8.04 3.59 -15.09
N VAL H 95 -7.84 3.89 -13.81
CA VAL H 95 -6.56 4.39 -13.35
C VAL H 95 -6.04 3.50 -12.23
N PRO H 96 -4.94 2.79 -12.42
CA PRO H 96 -4.33 2.10 -11.30
C PRO H 96 -3.85 3.12 -10.27
N ASP H 97 -4.16 2.84 -9.00
CA ASP H 97 -3.92 3.80 -7.91
C ASP H 97 -4.60 5.13 -8.21
N TYR H 98 -5.85 5.05 -8.67
CA TYR H 98 -6.71 6.22 -8.84
C TYR H 98 -6.68 7.17 -7.67
N ALA H 99 -6.83 6.66 -6.46
CA ALA H 99 -6.89 7.53 -5.29
C ALA H 99 -5.65 8.42 -5.17
N SER H 100 -4.47 7.87 -5.44
CA SER H 100 -3.26 8.68 -5.38
C SER H 100 -3.18 9.74 -6.46
N LEU H 101 -3.57 9.40 -7.69
CA LEU H 101 -3.54 10.39 -8.76
C LEU H 101 -4.52 11.52 -8.50
N ARG H 102 -5.75 11.19 -8.15
CA ARG H 102 -6.74 12.19 -7.77
C ARG H 102 -6.21 13.11 -6.67
N SER H 103 -5.57 12.55 -5.67
CA SER H 103 -5.08 13.34 -4.54
C SER H 103 -3.99 14.30 -4.98
N LEU H 104 -3.06 13.83 -5.79
CA LEU H 104 -1.92 14.64 -6.17
C LEU H 104 -2.29 15.78 -7.11
N VAL H 105 -3.26 15.56 -7.99
CA VAL H 105 -3.76 16.66 -8.81
C VAL H 105 -4.49 17.67 -7.95
N ALA H 106 -5.41 17.19 -7.11
CA ALA H 106 -6.17 18.06 -6.23
C ALA H 106 -5.31 18.95 -5.35
N SER H 107 -4.27 18.38 -4.74
CA SER H 107 -3.41 19.18 -3.86
C SER H 107 -2.61 20.24 -4.62
N SER H 108 -2.25 19.96 -5.87
CA SER H 108 -1.49 20.94 -6.63
C SER H 108 -2.33 22.17 -6.94
N GLY H 109 -3.59 21.97 -7.27
CA GLY H 109 -4.50 23.10 -7.39
C GLY H 109 -4.37 23.91 -8.65
N THR H 110 -3.88 23.34 -9.73
CA THR H 110 -3.75 24.05 -11.00
C THR H 110 -3.84 23.04 -12.12
N LEU H 111 -4.45 23.45 -13.22
CA LEU H 111 -4.50 22.67 -14.44
C LEU H 111 -3.64 23.28 -15.53
N GLU H 112 -2.75 24.20 -15.16
CA GLU H 112 -1.83 24.82 -16.10
C GLU H 112 -1.14 23.78 -16.94
N PHE H 113 -1.28 23.87 -18.25
CA PHE H 113 -0.75 22.88 -19.18
C PHE H 113 0.09 23.61 -20.20
N ASN H 114 1.28 23.08 -20.46
CA ASN H 114 2.15 23.61 -21.50
C ASN H 114 2.37 22.52 -22.53
N ASN H 115 2.06 22.81 -23.79
CA ASN H 115 2.30 21.80 -24.81
C ASN H 115 3.80 21.62 -24.99
N GLU H 116 4.22 20.39 -25.25
CA GLU H 116 5.61 20.13 -25.49
C GLU H 116 5.75 19.33 -26.78
N SER H 117 6.79 19.63 -27.55
CA SER H 117 7.04 18.98 -28.84
C SER H 117 7.84 17.69 -28.73
N PHE H 118 7.14 16.56 -28.66
CA PHE H 118 7.81 15.28 -28.70
C PHE H 118 8.05 14.93 -30.16
N ASN H 119 9.16 14.25 -30.44
CA ASN H 119 9.42 13.85 -31.82
C ASN H 119 8.83 12.46 -32.09
N TRP H 120 7.59 12.44 -32.56
CA TRP H 120 6.90 11.20 -32.92
C TRP H 120 7.00 10.92 -34.42
N THR H 121 8.20 10.97 -34.98
CA THR H 121 8.38 10.68 -36.40
C THR H 121 8.08 9.21 -36.67
N GLY H 122 7.17 8.95 -37.60
CA GLY H 122 6.89 7.59 -38.03
C GLY H 122 5.56 7.02 -37.61
N VAL H 123 4.72 7.74 -36.87
CA VAL H 123 3.43 7.24 -36.43
C VAL H 123 2.36 8.28 -36.71
N THR H 124 1.11 7.81 -36.77
CA THR H 124 -0.03 8.70 -36.94
C THR H 124 -0.46 9.33 -35.63
N GLN H 125 -0.63 10.64 -35.64
CA GLN H 125 -1.03 11.43 -34.49
C GLN H 125 -2.51 11.77 -34.53
N ASN H 126 -2.99 12.34 -33.42
CA ASN H 126 -4.36 12.86 -33.30
C ASN H 126 -5.42 11.79 -33.56
N GLY H 127 -5.19 10.58 -33.04
CA GLY H 127 -6.21 9.53 -33.04
C GLY H 127 -7.52 9.96 -32.42
N THR H 128 -8.63 9.33 -32.80
CA THR H 128 -9.97 9.84 -32.53
C THR H 128 -10.91 8.64 -32.41
N SER H 129 -11.99 8.81 -31.66
CA SER H 129 -12.88 7.69 -31.39
C SER H 129 -14.35 8.14 -31.40
N SER H 130 -15.22 7.20 -31.74
CA SER H 130 -16.66 7.47 -31.73
C SER H 130 -17.30 7.38 -30.37
N ALA H 131 -16.56 7.00 -29.35
CA ALA H 131 -17.11 6.98 -28.01
C ALA H 131 -17.00 8.34 -27.33
N CYS H 132 -16.20 9.25 -27.89
CA CYS H 132 -15.93 10.55 -27.29
C CYS H 132 -16.07 11.64 -28.37
N ILE H 133 -17.31 12.05 -28.61
CA ILE H 133 -17.66 13.05 -29.62
C ILE H 133 -17.72 14.44 -28.97
N ARG H 134 -17.00 15.39 -29.57
CA ARG H 134 -17.00 16.77 -29.07
C ARG H 134 -18.10 17.62 -29.67
N ARG H 135 -18.07 17.83 -30.99
CA ARG H 135 -19.07 18.64 -31.68
C ARG H 135 -19.54 17.86 -32.90
N SER H 136 -20.13 16.70 -32.60
CA SER H 136 -20.65 15.74 -33.56
C SER H 136 -19.54 15.17 -34.44
N ASN H 137 -18.28 15.50 -34.15
CA ASN H 137 -17.15 14.87 -34.80
C ASN H 137 -16.45 13.98 -33.78
N ASN H 138 -15.83 12.92 -34.29
CA ASN H 138 -14.99 12.05 -33.47
C ASN H 138 -13.79 12.81 -32.90
N SER H 139 -13.51 12.61 -31.62
CA SER H 139 -12.39 13.33 -31.01
C SER H 139 -11.78 12.45 -29.93
N PHE H 140 -11.08 13.06 -28.98
CA PHE H 140 -10.40 12.28 -27.95
C PHE H 140 -10.11 13.21 -26.78
N PHE H 141 -9.47 12.66 -25.74
CA PHE H 141 -9.07 13.49 -24.63
C PHE H 141 -8.15 14.58 -25.14
N SER H 142 -8.47 15.83 -24.81
CA SER H 142 -7.71 16.94 -25.35
C SER H 142 -6.24 16.91 -24.96
N ARG H 143 -5.91 16.32 -23.81
CA ARG H 143 -4.54 16.34 -23.31
C ARG H 143 -3.72 15.10 -23.64
N LEU H 144 -4.31 14.10 -24.27
CA LEU H 144 -3.61 12.88 -24.63
C LEU H 144 -3.53 12.83 -26.15
N ASN H 145 -2.51 12.15 -26.65
CA ASN H 145 -2.27 12.08 -28.09
C ASN H 145 -2.23 10.61 -28.49
N TRP H 146 -3.28 10.14 -29.14
CA TRP H 146 -3.39 8.75 -29.54
C TRP H 146 -2.57 8.48 -30.78
N LEU H 147 -1.52 7.68 -30.65
CA LEU H 147 -0.66 7.36 -31.77
C LEU H 147 -1.16 6.06 -32.35
N THR H 148 -1.25 6.01 -33.67
CA THR H 148 -1.59 4.78 -34.36
C THR H 148 -0.57 4.54 -35.46
N HIS H 149 -0.73 3.44 -36.18
CA HIS H 149 0.17 3.07 -37.26
C HIS H 149 0.12 4.07 -38.40
N LEU H 150 1.22 4.12 -39.17
CA LEU H 150 1.27 4.86 -40.42
C LEU H 150 1.80 3.93 -41.49
N ASN H 151 1.06 3.77 -42.58
CA ASN H 151 1.40 2.81 -43.63
C ASN H 151 1.57 1.42 -43.06
N PHE H 152 0.76 1.09 -42.06
CA PHE H 152 0.74 -0.24 -41.47
C PHE H 152 2.06 -0.63 -40.84
N LYS H 153 2.81 0.35 -40.37
CA LYS H 153 4.02 0.11 -39.61
C LYS H 153 3.98 1.00 -38.39
N TYR H 154 4.47 0.47 -37.27
CA TYR H 154 4.61 1.20 -36.02
C TYR H 154 6.04 1.02 -35.56
N PRO H 155 6.93 1.94 -35.91
CA PRO H 155 8.32 1.76 -35.53
C PRO H 155 8.49 1.87 -34.03
N ALA H 156 9.52 1.21 -33.52
CA ALA H 156 9.84 1.31 -32.11
C ALA H 156 10.16 2.76 -31.77
N LEU H 157 9.44 3.33 -30.81
CA LEU H 157 9.73 4.69 -30.42
C LEU H 157 10.78 4.73 -29.34
N ASN H 158 11.59 5.79 -29.35
CA ASN H 158 12.64 6.02 -28.37
C ASN H 158 12.79 7.54 -28.28
N VAL H 159 11.84 8.17 -27.63
CA VAL H 159 11.68 9.61 -27.62
C VAL H 159 12.21 10.16 -26.31
N THR H 160 12.89 11.29 -26.37
CA THR H 160 13.50 11.85 -25.18
C THR H 160 13.01 13.27 -25.02
N MET H 161 12.93 13.70 -23.79
CA MET H 161 12.53 15.07 -23.57
C MET H 161 13.20 15.54 -22.30
N PRO H 162 14.17 16.44 -22.36
CA PRO H 162 14.85 16.85 -21.13
C PRO H 162 14.07 17.92 -20.39
N ASN H 163 14.19 17.87 -19.08
CA ASN H 163 13.68 18.91 -18.19
C ASN H 163 14.79 19.91 -17.91
N ASN H 164 14.78 21.05 -18.59
CA ASN H 164 15.77 22.08 -18.34
C ASN H 164 15.19 23.30 -17.63
N GLU H 165 14.02 23.14 -17.01
CA GLU H 165 13.41 24.18 -16.21
C GLU H 165 13.82 24.01 -14.74
N GLN H 166 13.15 24.73 -13.86
CA GLN H 166 13.46 24.72 -12.44
C GLN H 166 12.31 24.18 -11.59
N PHE H 167 11.26 23.67 -12.22
CA PHE H 167 10.12 23.10 -11.52
C PHE H 167 9.87 21.68 -12.00
N ASP H 168 9.14 20.93 -11.19
CA ASP H 168 8.79 19.57 -11.58
C ASP H 168 7.76 19.58 -12.69
N LYS H 169 7.72 18.49 -13.45
CA LYS H 169 6.75 18.29 -14.50
C LYS H 169 5.93 17.05 -14.20
N LEU H 170 4.63 17.13 -14.34
CA LEU H 170 3.76 15.96 -14.22
C LEU H 170 3.34 15.54 -15.62
N TYR H 171 3.79 14.37 -16.06
CA TYR H 171 3.40 13.81 -17.34
C TYR H 171 2.31 12.77 -17.15
N ILE H 172 1.23 12.88 -17.91
CA ILE H 172 0.17 11.89 -17.96
C ILE H 172 0.20 11.18 -19.30
N TRP H 173 0.26 9.85 -19.26
CA TRP H 173 0.23 9.05 -20.49
C TRP H 173 -0.60 7.81 -20.22
N GLY H 174 -0.82 7.00 -21.24
CA GLY H 174 -1.68 5.86 -21.03
C GLY H 174 -1.32 4.69 -21.94
N VAL H 175 -1.92 3.55 -21.64
CA VAL H 175 -1.75 2.33 -22.41
C VAL H 175 -3.12 1.85 -22.84
N HIS H 176 -3.28 1.53 -24.11
CA HIS H 176 -4.54 1.06 -24.65
C HIS H 176 -4.60 -0.46 -24.61
N HIS H 177 -5.71 -1.01 -24.09
CA HIS H 177 -5.95 -2.45 -24.03
C HIS H 177 -7.09 -2.79 -24.99
N PRO H 178 -6.80 -3.20 -26.22
CA PRO H 178 -7.85 -3.54 -27.16
C PRO H 178 -8.64 -4.74 -26.68
N GLY H 179 -9.90 -4.82 -27.11
CA GLY H 179 -10.71 -5.94 -26.66
C GLY H 179 -10.54 -7.22 -27.45
N THR H 180 -9.88 -7.19 -28.60
CA THR H 180 -9.64 -8.40 -29.38
C THR H 180 -8.22 -8.37 -29.92
N ASP H 181 -7.64 -9.55 -30.10
CA ASP H 181 -6.37 -9.61 -30.82
C ASP H 181 -6.52 -9.06 -32.23
N LYS H 182 -7.70 -9.20 -32.81
CA LYS H 182 -7.99 -8.64 -34.12
C LYS H 182 -7.82 -7.13 -34.13
N ASP H 183 -8.46 -6.45 -33.16
CA ASP H 183 -8.37 -5.00 -33.04
C ASP H 183 -6.94 -4.52 -32.85
N GLN H 184 -6.14 -5.29 -32.13
CA GLN H 184 -4.74 -4.93 -31.94
C GLN H 184 -4.02 -4.73 -33.26
N ILE H 185 -4.21 -5.64 -34.21
CA ILE H 185 -3.60 -5.48 -35.54
C ILE H 185 -4.11 -4.24 -36.26
N PHE H 186 -5.43 -4.05 -36.34
CA PHE H 186 -5.95 -2.86 -37.03
C PHE H 186 -5.32 -1.59 -36.52
N LEU H 187 -5.08 -1.49 -35.23
CA LEU H 187 -4.59 -0.23 -34.74
C LEU H 187 -3.07 -0.13 -34.88
N TYR H 188 -2.31 -1.15 -34.50
CA TYR H 188 -0.88 -0.95 -34.43
C TYR H 188 -0.04 -1.84 -35.33
N ALA H 189 -0.64 -2.73 -36.10
CA ALA H 189 0.12 -3.64 -36.95
C ALA H 189 1.05 -4.61 -36.22
N GLN H 190 1.11 -4.56 -34.90
CA GLN H 190 1.95 -5.49 -34.14
C GLN H 190 1.12 -6.23 -33.10
N ALA H 191 1.22 -7.55 -33.12
CA ALA H 191 0.38 -8.38 -32.27
C ALA H 191 0.68 -8.16 -30.79
N SER H 192 1.93 -8.16 -30.41
CA SER H 192 2.35 -8.01 -29.03
C SER H 192 2.54 -6.53 -28.71
N GLY H 193 3.16 -6.25 -27.57
CA GLY H 193 3.31 -4.89 -27.15
C GLY H 193 3.84 -4.74 -25.74
N ARG H 194 4.64 -3.72 -25.52
CA ARG H 194 5.25 -3.48 -24.23
C ARG H 194 5.70 -2.02 -24.20
N ILE H 195 5.44 -1.36 -23.07
CA ILE H 195 5.73 0.05 -22.89
C ILE H 195 6.64 0.18 -21.69
N THR H 196 7.61 1.08 -21.77
CA THR H 196 8.55 1.26 -20.68
C THR H 196 8.95 2.73 -20.68
N VAL H 197 8.52 3.47 -19.66
CA VAL H 197 8.92 4.85 -19.53
C VAL H 197 9.78 5.00 -18.29
N SER H 198 10.87 5.72 -18.43
CA SER H 198 11.90 5.73 -17.40
C SER H 198 12.37 7.16 -17.17
N THR H 199 12.85 7.41 -15.97
CA THR H 199 13.62 8.58 -15.62
C THR H 199 14.90 8.10 -14.98
N LYS H 200 15.75 9.03 -14.55
CA LYS H 200 16.93 8.61 -13.80
C LYS H 200 16.56 7.89 -12.52
N ARG H 201 15.39 8.18 -11.94
CA ARG H 201 15.04 7.60 -10.66
C ARG H 201 14.04 6.46 -10.72
N SER H 202 13.21 6.38 -11.77
CA SER H 202 12.11 5.43 -11.78
C SER H 202 12.01 4.70 -13.11
N GLN H 203 11.37 3.54 -13.08
CA GLN H 203 11.05 2.78 -14.28
C GLN H 203 9.63 2.22 -14.12
N GLN H 204 8.77 2.49 -15.11
CA GLN H 204 7.43 1.92 -15.16
C GLN H 204 7.24 1.09 -16.43
N ALA H 205 7.20 -0.23 -16.30
CA ALA H 205 7.08 -1.10 -17.45
C ALA H 205 5.69 -1.71 -17.43
N VAL H 206 4.88 -1.38 -18.44
CA VAL H 206 3.50 -1.86 -18.53
C VAL H 206 3.34 -2.69 -19.79
N ILE H 207 2.71 -3.85 -19.65
CA ILE H 207 2.40 -4.75 -20.76
C ILE H 207 0.88 -4.79 -20.96
N PRO H 208 0.36 -4.30 -22.09
CA PRO H 208 -1.09 -4.28 -22.29
C PRO H 208 -1.67 -5.69 -22.30
N ASN H 209 -2.96 -5.79 -21.98
CA ASN H 209 -3.63 -7.09 -21.91
C ASN H 209 -4.77 -7.14 -22.90
N ILE H 210 -4.55 -7.85 -24.00
CA ILE H 210 -5.58 -8.02 -25.02
C ILE H 210 -6.65 -8.96 -24.52
N GLY H 211 -7.90 -8.55 -24.62
CA GLY H 211 -9.02 -9.34 -24.15
C GLY H 211 -10.26 -8.48 -24.09
N SER H 212 -11.42 -9.11 -24.24
CA SER H 212 -12.69 -8.40 -24.16
C SER H 212 -13.17 -8.28 -22.73
N ARG H 213 -13.57 -7.07 -22.37
CA ARG H 213 -14.21 -6.70 -21.12
C ARG H 213 -15.67 -6.36 -21.39
N PRO H 214 -16.50 -6.30 -20.37
CA PRO H 214 -17.89 -5.88 -20.59
C PRO H 214 -18.00 -4.55 -21.31
N ARG H 215 -18.90 -4.48 -22.28
CA ARG H 215 -18.96 -3.30 -23.11
C ARG H 215 -19.59 -2.17 -22.33
N VAL H 216 -18.82 -1.13 -22.05
CA VAL H 216 -19.37 0.09 -21.47
C VAL H 216 -19.46 1.13 -22.57
N ARG H 217 -20.69 1.55 -22.85
CA ARG H 217 -21.06 2.40 -23.97
C ARG H 217 -20.47 1.91 -25.29
N ASN H 218 -20.65 0.63 -25.56
CA ASN H 218 -20.26 -0.04 -26.80
C ASN H 218 -18.75 -0.12 -27.00
N ILE H 219 -17.95 0.01 -25.95
CA ILE H 219 -16.51 -0.15 -26.06
C ILE H 219 -16.03 -1.32 -25.21
N PRO H 220 -15.42 -2.34 -25.80
CA PRO H 220 -14.95 -3.49 -25.02
C PRO H 220 -13.53 -3.33 -24.55
N SER H 221 -12.88 -2.23 -24.93
CA SER H 221 -11.51 -1.89 -24.60
C SER H 221 -11.46 -0.82 -23.50
N ARG H 222 -10.27 -0.62 -22.97
CA ARG H 222 -10.07 0.29 -21.86
C ARG H 222 -8.79 1.08 -22.12
N ILE H 223 -8.65 2.20 -21.41
CA ILE H 223 -7.39 2.93 -21.35
C ILE H 223 -6.93 3.01 -19.91
N SER H 224 -5.71 2.57 -19.65
CA SER H 224 -5.13 2.69 -18.32
C SER H 224 -4.27 3.95 -18.28
N ILE H 225 -4.46 4.78 -17.28
CA ILE H 225 -3.77 6.05 -17.18
C ILE H 225 -2.63 5.93 -16.19
N TYR H 226 -1.46 6.47 -16.53
CA TYR H 226 -0.32 6.45 -15.64
C TYR H 226 0.24 7.87 -15.56
N TRP H 227 1.03 8.13 -14.54
CA TRP H 227 1.67 9.42 -14.42
C TRP H 227 3.11 9.21 -14.02
N THR H 228 3.97 10.16 -14.39
CA THR H 228 5.36 10.16 -13.98
C THR H 228 5.77 11.60 -13.75
N ILE H 229 6.51 11.81 -12.67
CA ILE H 229 7.04 13.11 -12.31
C ILE H 229 8.51 13.18 -12.68
N VAL H 230 8.89 14.29 -13.29
CA VAL H 230 10.26 14.51 -13.75
C VAL H 230 10.79 15.74 -13.05
N LYS H 231 11.79 15.55 -12.20
CA LYS H 231 12.35 16.67 -11.46
C LYS H 231 13.36 17.44 -12.29
N PRO H 232 13.67 18.67 -11.90
CA PRO H 232 14.68 19.46 -12.62
C PRO H 232 16.00 18.72 -12.77
N GLY H 233 16.55 18.74 -13.98
CA GLY H 233 17.80 18.06 -14.26
C GLY H 233 17.65 16.64 -14.77
N ASP H 234 16.47 16.04 -14.60
CA ASP H 234 16.18 14.70 -15.07
C ASP H 234 15.64 14.74 -16.49
N ILE H 235 15.39 13.56 -17.04
CA ILE H 235 15.01 13.41 -18.44
C ILE H 235 13.96 12.31 -18.49
N LEU H 236 12.88 12.54 -19.22
CA LEU H 236 11.89 11.51 -19.49
C LEU H 236 12.27 10.75 -20.75
N LEU H 237 12.14 9.43 -20.70
CA LEU H 237 12.42 8.56 -21.84
C LEU H 237 11.30 7.57 -22.05
N ILE H 238 10.66 7.61 -23.20
CA ILE H 238 9.54 6.71 -23.51
C ILE H 238 9.99 5.75 -24.59
N ASN H 239 10.16 4.48 -24.24
CA ASN H 239 10.37 3.43 -25.22
C ASN H 239 9.00 2.75 -25.34
N SER H 240 8.47 2.67 -26.55
CA SER H 240 7.22 1.97 -26.81
C SER H 240 7.24 1.21 -28.11
N THR H 241 6.78 -0.03 -28.08
CA THR H 241 6.57 -0.81 -29.29
C THR H 241 5.10 -0.95 -29.65
N GLY H 242 4.25 -0.07 -29.15
CA GLY H 242 2.84 -0.07 -29.46
C GLY H 242 1.93 0.24 -28.29
N ASN H 243 0.66 0.56 -28.59
CA ASN H 243 -0.40 0.75 -27.61
C ASN H 243 -0.17 1.98 -26.73
N LEU H 244 0.77 2.84 -27.07
CA LEU H 244 1.06 4.00 -26.26
C LEU H 244 0.11 5.15 -26.60
N ILE H 245 -0.62 5.63 -25.59
CA ILE H 245 -1.38 6.87 -25.69
C ILE H 245 -0.44 7.96 -25.19
N ALA H 246 0.10 8.71 -26.10
CA ALA H 246 1.19 9.61 -25.80
C ALA H 246 0.71 10.91 -25.18
N PRO H 247 1.53 11.51 -24.33
CA PRO H 247 1.22 12.84 -23.80
C PRO H 247 1.53 13.94 -24.78
N ARG H 248 0.81 15.06 -24.64
CA ARG H 248 1.00 16.22 -25.48
C ARG H 248 1.80 17.29 -24.79
N GLY H 249 2.23 17.04 -23.55
CA GLY H 249 2.96 18.03 -22.80
C GLY H 249 3.00 17.64 -21.33
N TYR H 250 3.23 18.64 -20.50
CA TYR H 250 3.35 18.40 -19.07
C TYR H 250 2.45 19.35 -18.31
N PHE H 251 2.10 18.94 -17.10
CA PHE H 251 1.41 19.83 -16.18
C PHE H 251 2.42 20.44 -15.24
N LYS H 252 2.26 21.73 -14.95
CA LYS H 252 3.00 22.32 -13.86
C LYS H 252 2.47 21.71 -12.57
N ILE H 253 3.36 21.47 -11.60
CA ILE H 253 2.94 20.96 -10.31
C ILE H 253 3.43 21.91 -9.23
N ARG H 254 2.50 22.36 -8.40
CA ARG H 254 2.73 23.30 -7.33
C ARG H 254 2.42 22.64 -6.00
N SER H 255 2.80 23.31 -4.94
CA SER H 255 2.43 22.91 -3.59
C SER H 255 1.66 24.07 -2.95
N GLY H 256 0.58 23.74 -2.25
CA GLY H 256 -0.20 24.79 -1.61
C GLY H 256 -1.42 24.35 -0.85
N LYS H 257 -2.39 25.24 -0.72
CA LYS H 257 -3.56 25.01 0.12
C LYS H 257 -4.74 24.39 -0.63
N SER H 258 -4.54 23.93 -1.85
CA SER H 258 -5.67 23.47 -2.64
C SER H 258 -6.12 22.09 -2.18
N SER H 259 -7.38 21.77 -2.44
CA SER H 259 -7.89 20.45 -2.08
C SER H 259 -9.11 20.14 -2.94
N ILE H 260 -9.82 19.07 -2.61
CA ILE H 260 -10.99 18.63 -3.35
C ILE H 260 -12.06 18.14 -2.38
N MET H 261 -13.33 18.29 -2.76
CA MET H 261 -14.42 17.91 -1.87
C MET H 261 -15.63 17.43 -2.66
N ARG H 262 -16.24 16.34 -2.21
CA ARG H 262 -17.50 15.87 -2.75
C ARG H 262 -18.66 16.54 -2.02
N SER H 263 -19.55 17.22 -2.76
CA SER H 263 -20.66 17.92 -2.14
C SER H 263 -21.70 18.24 -3.19
N ASP H 264 -22.96 18.33 -2.77
CA ASP H 264 -24.05 18.69 -3.66
C ASP H 264 -24.68 20.04 -3.34
N ALA H 265 -24.09 20.80 -2.43
CA ALA H 265 -24.58 22.12 -2.09
C ALA H 265 -24.33 23.13 -3.22
N PRO H 266 -25.32 23.99 -3.52
CA PRO H 266 -25.12 25.01 -4.56
C PRO H 266 -24.03 26.00 -4.12
N ILE H 267 -23.36 26.60 -5.11
CA ILE H 267 -22.36 27.62 -4.83
C ILE H 267 -23.00 28.98 -4.61
N GLY H 268 -22.58 29.67 -3.54
CA GLY H 268 -23.07 30.97 -3.15
C GLY H 268 -22.11 32.15 -3.19
N LYS H 269 -22.68 33.36 -3.23
CA LYS H 269 -21.99 34.66 -3.22
C LYS H 269 -21.86 35.14 -1.77
N CYS H 270 -20.84 34.65 -1.05
CA CYS H 270 -20.74 34.98 0.37
C CYS H 270 -19.29 34.86 0.82
N ASN H 271 -19.09 35.11 2.12
CA ASN H 271 -17.76 35.13 2.71
C ASN H 271 -17.86 34.22 3.95
N SER H 272 -17.16 33.09 3.92
CA SER H 272 -17.12 32.15 5.03
C SER H 272 -15.80 31.41 4.93
N GLU H 273 -15.12 31.19 6.05
CA GLU H 273 -13.80 30.61 5.84
C GLU H 273 -13.77 29.09 5.66
N CYS H 274 -14.65 28.32 6.29
CA CYS H 274 -14.55 26.87 6.14
C CYS H 274 -15.70 26.33 5.30
N ILE H 275 -15.42 25.52 4.31
CA ILE H 275 -16.46 24.97 3.47
C ILE H 275 -16.48 23.48 3.77
N THR H 276 -17.69 22.95 3.98
CA THR H 276 -18.03 21.54 4.12
C THR H 276 -19.12 21.13 3.14
N PRO H 277 -19.31 19.83 2.92
CA PRO H 277 -20.38 19.40 2.02
C PRO H 277 -21.77 19.80 2.44
N ASN H 278 -22.01 20.14 3.70
CA ASN H 278 -23.33 20.63 4.06
C ASN H 278 -23.48 22.09 3.69
N GLY H 279 -22.37 22.77 3.43
CA GLY H 279 -22.33 24.20 3.20
C GLY H 279 -21.28 24.87 4.06
N SER H 280 -21.10 26.16 3.80
CA SER H 280 -20.15 26.92 4.57
C SER H 280 -20.71 27.08 5.97
N ILE H 281 -19.81 27.14 6.96
CA ILE H 281 -20.31 27.35 8.32
C ILE H 281 -19.58 28.48 9.03
N PRO H 282 -20.25 29.22 9.92
CA PRO H 282 -19.53 30.20 10.75
C PRO H 282 -18.48 29.50 11.60
N ASN H 283 -17.41 30.24 11.93
CA ASN H 283 -16.34 29.68 12.74
C ASN H 283 -16.13 30.44 14.04
N ASP H 284 -17.16 31.14 14.51
CA ASP H 284 -17.10 31.82 15.81
C ASP H 284 -17.05 30.85 16.98
N LYS H 285 -17.66 29.64 16.86
CA LYS H 285 -17.72 28.66 17.93
C LYS H 285 -16.51 27.74 17.88
N PRO H 286 -16.00 27.23 19.00
CA PRO H 286 -14.80 26.38 18.92
C PRO H 286 -15.06 24.99 18.37
N PHE H 287 -16.27 24.46 18.48
CA PHE H 287 -16.57 23.11 18.01
C PHE H 287 -17.76 23.12 17.08
N GLN H 288 -17.92 22.04 16.32
CA GLN H 288 -19.03 21.91 15.40
C GLN H 288 -19.33 20.43 15.21
N ASN H 289 -20.57 20.12 14.87
CA ASN H 289 -21.06 18.75 14.82
C ASN H 289 -21.63 18.41 13.45
N VAL H 290 -21.41 19.28 12.46
CA VAL H 290 -22.07 19.16 11.17
C VAL H 290 -21.43 18.08 10.30
N ASN H 291 -20.11 18.12 10.12
CA ASN H 291 -19.47 17.12 9.29
C ASN H 291 -18.00 17.06 9.64
N ARG H 292 -17.47 15.82 9.72
CA ARG H 292 -16.05 15.63 9.96
C ARG H 292 -15.17 16.01 8.79
N ILE H 293 -15.69 16.06 7.57
CA ILE H 293 -14.90 16.50 6.42
C ILE H 293 -15.05 18.01 6.30
N THR H 294 -13.94 18.72 6.40
CA THR H 294 -13.97 20.18 6.36
C THR H 294 -12.78 20.73 5.58
N TYR H 295 -12.90 22.01 5.22
CA TYR H 295 -11.80 22.75 4.63
C TYR H 295 -11.79 24.20 5.11
N GLY H 296 -10.61 24.64 5.53
CA GLY H 296 -10.27 25.98 5.99
C GLY H 296 -10.11 26.04 7.49
N ALA H 297 -10.11 27.26 8.05
CA ALA H 297 -10.02 27.36 9.51
C ALA H 297 -11.36 27.22 10.23
N CYS H 298 -11.74 26.00 10.57
CA CYS H 298 -13.08 25.76 11.10
C CYS H 298 -13.01 25.04 12.43
N PRO H 299 -14.04 25.17 13.26
CA PRO H 299 -14.06 24.42 14.51
C PRO H 299 -14.02 22.92 14.27
N ARG H 300 -13.57 22.23 15.32
CA ARG H 300 -13.35 20.80 15.31
C ARG H 300 -14.62 19.99 15.50
N TYR H 301 -14.74 18.92 14.72
CA TYR H 301 -15.88 18.03 14.78
C TYR H 301 -15.89 17.22 16.06
N VAL H 302 -17.01 17.22 16.78
CA VAL H 302 -17.15 16.39 17.96
C VAL H 302 -18.46 15.62 17.85
N LYS H 303 -18.55 14.55 18.63
CA LYS H 303 -19.76 13.72 18.61
C LYS H 303 -20.91 14.30 19.41
N GLN H 304 -20.63 15.09 20.44
CA GLN H 304 -21.71 15.65 21.25
C GLN H 304 -22.56 16.62 20.45
N SER H 305 -23.86 16.59 20.72
CA SER H 305 -24.81 17.48 20.09
C SER H 305 -24.95 18.82 20.78
N THR H 306 -24.57 18.92 22.06
CA THR H 306 -24.69 20.17 22.78
C THR H 306 -23.67 20.25 23.90
N LEU H 307 -23.17 21.47 24.14
CA LEU H 307 -22.22 21.72 25.23
C LEU H 307 -22.47 23.15 25.68
N LYS H 308 -23.13 23.32 26.82
CA LYS H 308 -23.53 24.64 27.30
C LYS H 308 -22.45 25.17 28.22
N LEU H 309 -21.91 26.34 27.89
CA LEU H 309 -20.93 26.99 28.75
C LEU H 309 -21.65 28.03 29.60
N ALA H 310 -21.58 27.87 30.92
CA ALA H 310 -22.19 28.84 31.80
C ALA H 310 -21.54 30.21 31.60
N THR H 311 -22.38 31.23 31.51
CA THR H 311 -21.94 32.61 31.37
C THR H 311 -22.58 33.48 32.45
N GLY H 312 -23.08 32.86 33.53
CA GLY H 312 -23.68 33.58 34.63
C GLY H 312 -23.57 32.80 35.92
N MET H 313 -24.01 33.45 36.99
CA MET H 313 -23.94 32.90 38.33
C MET H 313 -24.94 31.76 38.54
N ARG H 314 -24.79 31.09 39.69
CA ARG H 314 -25.75 30.08 40.15
C ARG H 314 -27.17 30.60 40.26
N ASN H 315 -28.11 29.78 39.76
CA ASN H 315 -29.54 30.07 39.78
C ASN H 315 -30.20 29.45 41.01
N VAL H 316 -30.72 30.28 41.91
CA VAL H 316 -31.32 29.73 43.13
C VAL H 316 -32.78 30.19 43.16
N PRO H 317 -33.70 29.39 42.62
CA PRO H 317 -35.15 29.71 42.52
C PRO H 317 -36.04 29.31 43.70
N GLU H 318 -36.02 30.13 44.75
CA GLU H 318 -37.04 30.03 45.79
C GLU H 318 -37.41 31.41 46.31
CA PHE H 331 -25.42 31.34 52.75
C PHE H 331 -26.62 32.21 52.41
N ILE H 332 -26.50 32.95 51.30
CA ILE H 332 -27.57 33.83 50.82
C ILE H 332 -28.77 32.94 50.52
N GLU H 333 -29.82 33.08 51.35
CA GLU H 333 -30.92 32.13 51.33
C GLU H 333 -31.62 32.04 49.98
N ASN H 334 -31.84 33.17 49.31
CA ASN H 334 -32.48 33.05 47.99
C ASN H 334 -32.22 34.28 47.13
N GLY H 335 -32.53 34.09 45.84
CA GLY H 335 -32.45 35.12 44.82
C GLY H 335 -33.66 36.05 44.84
N TRP H 336 -33.54 37.14 44.08
CA TRP H 336 -34.60 38.15 44.00
C TRP H 336 -35.37 38.14 42.69
N GLU H 337 -34.70 37.84 41.58
CA GLU H 337 -35.35 37.75 40.26
C GLU H 337 -35.93 39.09 39.83
N GLY H 338 -35.43 40.17 40.41
CA GLY H 338 -35.90 41.50 40.08
C GLY H 338 -34.81 42.55 40.03
N MET H 339 -33.57 42.15 40.29
CA MET H 339 -32.42 43.04 40.18
C MET H 339 -31.82 42.71 38.81
N VAL H 340 -32.13 43.54 37.81
CA VAL H 340 -31.81 43.30 36.41
C VAL H 340 -30.89 44.39 35.85
N ASP H 341 -30.37 45.29 36.68
CA ASP H 341 -29.49 46.34 36.21
C ASP H 341 -28.05 46.17 36.67
N GLY H 342 -27.71 45.02 37.26
CA GLY H 342 -26.35 44.77 37.71
C GLY H 342 -26.26 43.39 38.31
N TRP H 343 -25.03 42.96 38.53
CA TRP H 343 -24.80 41.62 39.06
C TRP H 343 -24.71 41.61 40.57
N TYR H 344 -24.26 42.71 41.17
CA TYR H 344 -24.13 42.82 42.61
C TYR H 344 -24.82 44.10 43.01
N GLY H 345 -25.26 44.17 44.25
CA GLY H 345 -25.95 45.37 44.69
C GLY H 345 -26.33 45.29 46.15
N PHE H 346 -27.11 46.27 46.57
CA PHE H 346 -27.53 46.40 47.95
C PHE H 346 -29.05 46.39 48.03
N ARG H 347 -29.57 45.72 49.06
CA ARG H 347 -30.97 45.82 49.45
C ARG H 347 -31.03 46.24 50.91
N HIS H 348 -31.94 47.15 51.22
CA HIS H 348 -32.03 47.70 52.55
C HIS H 348 -33.48 47.70 53.01
N GLN H 349 -33.67 47.76 54.32
CA GLN H 349 -34.97 48.06 54.88
C GLN H 349 -34.81 49.06 56.00
N ASN H 350 -35.54 50.16 55.88
CA ASN H 350 -35.58 51.22 56.87
C ASN H 350 -37.04 51.67 56.96
N SER H 351 -37.25 52.85 57.53
CA SER H 351 -38.60 53.38 57.65
C SER H 351 -39.23 53.65 56.29
N GLU H 352 -38.44 54.03 55.29
CA GLU H 352 -39.00 54.38 54.00
C GLU H 352 -39.24 53.20 53.05
N GLY H 353 -38.81 51.98 53.38
CA GLY H 353 -39.09 50.96 52.39
C GLY H 353 -37.94 50.03 52.07
N ARG H 354 -38.04 49.45 50.88
CA ARG H 354 -37.13 48.49 50.28
C ARG H 354 -36.68 49.00 48.91
N GLY H 355 -35.38 48.89 48.63
CA GLY H 355 -34.86 49.40 47.37
C GLY H 355 -33.78 48.48 46.82
N GLN H 356 -33.40 48.75 45.57
CA GLN H 356 -32.40 47.96 44.86
C GLN H 356 -31.48 48.86 44.04
N ALA H 357 -30.21 48.48 44.01
CA ALA H 357 -29.19 49.22 43.27
C ALA H 357 -28.10 48.23 42.88
N ALA H 358 -27.09 48.73 42.19
CA ALA H 358 -26.00 47.87 41.73
C ALA H 358 -24.65 48.44 42.13
N ASP H 359 -23.70 47.52 42.32
CA ASP H 359 -22.30 47.85 42.55
C ASP H 359 -21.54 47.64 41.23
N LEU H 360 -20.98 48.71 40.69
CA LEU H 360 -20.44 48.67 39.34
C LEU H 360 -19.07 47.99 39.28
N LYS H 361 -18.21 48.24 40.27
CA LYS H 361 -16.87 47.69 40.24
C LYS H 361 -16.90 46.16 40.27
N SER H 362 -17.68 45.58 41.18
CA SER H 362 -17.80 44.13 41.20
C SER H 362 -18.52 43.58 39.98
N THR H 363 -19.57 44.27 39.53
CA THR H 363 -20.23 43.89 38.29
C THR H 363 -19.25 43.84 37.13
N GLN H 364 -18.46 44.90 36.96
CA GLN H 364 -17.54 44.96 35.82
C GLN H 364 -16.43 43.94 35.94
N ALA H 365 -15.96 43.66 37.17
CA ALA H 365 -14.91 42.66 37.34
C ALA H 365 -15.38 41.28 36.88
N ALA H 366 -16.61 40.92 37.25
CA ALA H 366 -17.19 39.65 36.82
C ALA H 366 -17.43 39.63 35.31
N ILE H 367 -18.02 40.71 34.78
CA ILE H 367 -18.33 40.77 33.36
C ILE H 367 -17.05 40.67 32.52
N ASP H 368 -15.98 41.33 32.97
CA ASP H 368 -14.71 41.25 32.26
C ASP H 368 -14.20 39.83 32.22
N GLN H 369 -14.35 39.10 33.32
CA GLN H 369 -13.90 37.71 33.39
C GLN H 369 -14.69 36.79 32.47
N ILE H 370 -16.00 36.99 32.38
CA ILE H 370 -16.80 36.14 31.49
C ILE H 370 -16.44 36.37 30.04
N ASN H 371 -16.25 37.63 29.64
CA ASN H 371 -15.79 37.91 28.28
C ASN H 371 -14.41 37.33 28.03
N GLY H 372 -13.59 37.26 29.08
CA GLY H 372 -12.30 36.60 29.00
C GLY H 372 -12.37 35.14 28.62
N LYS H 373 -13.36 34.41 29.15
CA LYS H 373 -13.50 33.00 28.79
C LYS H 373 -13.85 32.83 27.31
N LEU H 374 -14.78 33.63 26.78
CA LEU H 374 -15.13 33.47 25.36
C LEU H 374 -13.92 33.75 24.48
N ASN H 375 -13.13 34.77 24.82
CA ASN H 375 -11.95 35.10 24.04
C ASN H 375 -10.94 33.95 24.00
N ARG H 376 -10.88 33.13 25.05
CA ARG H 376 -9.96 32.00 25.02
C ARG H 376 -10.47 30.86 24.16
N LEU H 377 -11.79 30.78 23.93
CA LEU H 377 -12.42 29.65 23.28
C LEU H 377 -12.98 30.00 21.91
N ILE H 378 -13.48 31.22 21.73
CA ILE H 378 -14.15 31.63 20.51
C ILE H 378 -13.14 32.26 19.57
N GLY H 379 -13.17 31.83 18.33
CA GLY H 379 -12.32 32.39 17.28
C GLY H 379 -10.85 32.07 17.48
N LYS H 380 -10.55 30.84 17.89
CA LYS H 380 -9.19 30.36 18.14
C LYS H 380 -9.16 28.97 17.53
N THR H 381 -8.87 28.89 16.23
CA THR H 381 -8.89 27.63 15.51
C THR H 381 -7.68 27.55 14.59
N ASN H 382 -7.35 26.35 14.15
CA ASN H 382 -6.17 26.13 13.33
C ASN H 382 -6.57 25.68 11.93
N GLU H 383 -5.88 26.24 10.93
CA GLU H 383 -6.18 26.04 9.53
C GLU H 383 -5.69 24.69 9.05
N LYS H 384 -6.59 23.92 8.45
CA LYS H 384 -6.22 22.72 7.72
C LYS H 384 -6.72 22.85 6.29
N PHE H 385 -5.95 22.31 5.34
CA PHE H 385 -6.30 22.39 3.94
C PHE H 385 -6.46 20.98 3.39
N HIS H 386 -5.48 20.48 2.64
CA HIS H 386 -5.57 19.14 2.11
C HIS H 386 -5.37 18.12 3.22
N GLN H 387 -6.31 17.20 3.34
CA GLN H 387 -6.26 16.22 4.41
C GLN H 387 -6.31 14.81 3.81
N ILE H 388 -7.03 13.91 4.44
CA ILE H 388 -7.24 12.58 3.89
C ILE H 388 -8.72 12.46 3.57
N GLU H 389 -9.04 11.47 2.74
CA GLU H 389 -10.45 11.21 2.49
C GLU H 389 -11.03 10.56 3.73
N LYS H 390 -12.32 10.81 3.95
CA LYS H 390 -12.96 10.39 5.19
C LYS H 390 -14.28 9.69 4.96
N GLU H 391 -14.72 9.60 3.71
CA GLU H 391 -15.86 8.79 3.33
C GLU H 391 -15.45 7.97 2.12
N PHE H 392 -16.00 6.77 2.02
CA PHE H 392 -15.55 5.83 1.01
C PHE H 392 -16.75 5.16 0.39
N SER H 393 -16.74 5.04 -0.92
CA SER H 393 -17.85 4.44 -1.63
C SER H 393 -17.67 2.95 -1.88
N GLU H 394 -16.45 2.45 -1.82
CA GLU H 394 -16.20 1.03 -2.05
C GLU H 394 -15.33 0.45 -0.94
N VAL H 395 -15.61 -0.82 -0.63
CA VAL H 395 -14.77 -1.60 0.26
C VAL H 395 -13.39 -1.81 -0.35
N GLU H 396 -12.36 -1.57 0.45
CA GLU H 396 -10.97 -1.70 0.03
C GLU H 396 -10.13 -2.53 0.99
N GLY H 397 -10.55 -2.66 2.24
CA GLY H 397 -9.80 -3.43 3.23
C GLY H 397 -8.72 -2.64 3.95
N ARG H 398 -7.52 -3.20 3.97
CA ARG H 398 -6.47 -2.79 4.90
C ARG H 398 -6.26 -1.28 4.95
N ILE H 399 -5.97 -0.65 3.81
CA ILE H 399 -5.68 0.78 3.83
C ILE H 399 -6.90 1.59 4.23
N GLN H 400 -8.09 1.19 3.75
CA GLN H 400 -9.30 1.90 4.14
C GLN H 400 -9.63 1.71 5.62
N ASP H 401 -9.38 0.52 6.16
CA ASP H 401 -9.56 0.32 7.59
C ASP H 401 -8.69 1.27 8.40
N LEU H 402 -7.46 1.48 7.97
CA LEU H 402 -6.55 2.34 8.72
C LEU H 402 -7.03 3.79 8.68
N GLU H 403 -7.41 4.26 7.49
CA GLU H 403 -7.95 5.62 7.38
C GLU H 403 -9.19 5.77 8.24
N LYS H 404 -10.05 4.75 8.26
CA LYS H 404 -11.24 4.81 9.09
C LYS H 404 -10.85 4.82 10.56
N TYR H 405 -9.88 3.99 10.94
CA TYR H 405 -9.47 3.91 12.33
C TYR H 405 -8.81 5.20 12.79
N VAL H 406 -8.03 5.83 11.93
CA VAL H 406 -7.38 7.09 12.30
C VAL H 406 -8.42 8.14 12.63
N GLU H 407 -9.44 8.26 11.78
CA GLU H 407 -10.45 9.26 12.04
C GLU H 407 -11.27 8.93 13.29
N ASP H 408 -11.64 7.67 13.49
CA ASP H 408 -12.40 7.33 14.69
C ASP H 408 -11.63 7.57 15.98
N THR H 409 -10.33 7.27 16.00
CA THR H 409 -9.54 7.57 17.19
C THR H 409 -9.49 9.08 17.45
N LYS H 410 -9.24 9.86 16.40
CA LYS H 410 -9.14 11.30 16.53
C LYS H 410 -10.44 11.91 17.02
N ILE H 411 -11.57 11.47 16.48
CA ILE H 411 -12.86 12.03 16.88
C ILE H 411 -13.15 11.76 18.34
N ASP H 412 -12.82 10.55 18.82
CA ASP H 412 -13.04 10.26 20.23
C ASP H 412 -12.19 11.14 21.13
N LEU H 413 -10.95 11.44 20.71
CA LEU H 413 -10.09 12.25 21.58
C LEU H 413 -10.51 13.71 21.62
N TRP H 414 -10.95 14.28 20.48
CA TRP H 414 -11.48 15.64 20.52
C TRP H 414 -12.83 15.71 21.19
N SER H 415 -13.67 14.70 21.02
CA SER H 415 -14.95 14.73 21.70
C SER H 415 -14.77 14.69 23.20
N TYR H 416 -13.81 13.90 23.68
CA TYR H 416 -13.49 13.91 25.10
C TYR H 416 -12.96 15.27 25.54
N ASN H 417 -11.98 15.81 24.80
CA ASN H 417 -11.41 17.11 25.14
C ASN H 417 -12.48 18.18 25.24
N ALA H 418 -13.41 18.22 24.31
CA ALA H 418 -14.44 19.26 24.34
C ALA H 418 -15.34 19.11 25.55
N GLU H 419 -15.73 17.88 25.87
CA GLU H 419 -16.60 17.66 27.02
C GLU H 419 -15.91 18.10 28.31
N LEU H 420 -14.66 17.69 28.49
CA LEU H 420 -13.91 18.04 29.69
C LEU H 420 -13.62 19.54 29.76
N LEU H 421 -13.25 20.14 28.62
CA LEU H 421 -12.97 21.58 28.60
C LEU H 421 -14.12 22.40 29.15
N VAL H 422 -15.33 22.17 28.67
CA VAL H 422 -16.48 22.94 29.15
C VAL H 422 -16.70 22.63 30.63
N ALA H 423 -16.64 21.36 31.01
CA ALA H 423 -16.86 20.98 32.39
C ALA H 423 -15.85 21.63 33.33
N LEU H 424 -14.56 21.68 32.95
CA LEU H 424 -13.60 22.33 33.84
C LEU H 424 -13.83 23.83 33.90
N GLU H 425 -13.96 24.48 32.75
CA GLU H 425 -14.18 25.92 32.73
C GLU H 425 -15.48 26.31 33.41
N ASN H 426 -16.54 25.53 33.20
CA ASN H 426 -17.82 25.89 33.78
C ASN H 426 -17.81 25.79 35.29
N GLN H 427 -17.25 24.71 35.84
CA GLN H 427 -17.11 24.60 37.28
C GLN H 427 -16.32 25.77 37.87
N HIS H 428 -15.20 26.12 37.23
CA HIS H 428 -14.37 27.22 37.73
C HIS H 428 -15.09 28.56 37.61
N THR H 429 -15.80 28.79 36.51
CA THR H 429 -16.53 30.05 36.35
C THR H 429 -17.59 30.23 37.43
N ILE H 430 -18.34 29.16 37.72
CA ILE H 430 -19.34 29.20 38.80
C ILE H 430 -18.66 29.44 40.14
N ASP H 431 -17.47 28.87 40.33
CA ASP H 431 -16.72 29.08 41.57
C ASP H 431 -16.17 30.50 41.65
N LEU H 432 -15.77 31.07 40.52
CA LEU H 432 -15.22 32.43 40.54
C LEU H 432 -16.30 33.45 40.80
N THR H 433 -17.52 33.22 40.30
CA THR H 433 -18.59 34.17 40.55
C THR H 433 -19.03 34.13 42.01
N ASP H 434 -19.01 32.94 42.61
CA ASP H 434 -19.28 32.80 44.04
C ASP H 434 -18.21 33.47 44.88
N SER H 435 -16.95 33.32 44.46
CA SER H 435 -15.84 33.94 45.18
C SER H 435 -15.98 35.46 45.24
N GLU H 436 -16.32 36.10 44.12
CA GLU H 436 -16.46 37.55 44.15
C GLU H 436 -17.52 38.01 45.15
N MET H 437 -18.62 37.28 45.25
CA MET H 437 -19.64 37.65 46.24
C MET H 437 -19.10 37.51 47.65
N ASN H 438 -18.40 36.41 47.94
CA ASN H 438 -17.86 36.22 49.27
C ASN H 438 -16.83 37.30 49.61
N LYS H 439 -15.98 37.64 48.63
CA LYS H 439 -15.00 38.69 48.86
C LYS H 439 -15.70 40.01 49.19
N LEU H 440 -16.77 40.33 48.47
CA LEU H 440 -17.51 41.55 48.71
C LEU H 440 -18.13 41.52 50.11
N PHE H 441 -18.70 40.38 50.48
CA PHE H 441 -19.27 40.23 51.81
C PHE H 441 -18.20 40.40 52.87
N GLU H 442 -17.05 39.75 52.68
CA GLU H 442 -15.95 39.87 53.63
C GLU H 442 -15.42 41.30 53.66
N LYS H 443 -15.30 41.92 52.48
CA LYS H 443 -14.82 43.31 52.43
C LYS H 443 -15.78 44.22 53.19
N THR H 444 -17.09 44.02 53.00
CA THR H 444 -18.04 44.84 53.73
C THR H 444 -17.91 44.54 55.22
N LYS H 445 -17.77 43.26 55.55
CA LYS H 445 -17.62 42.89 56.95
C LYS H 445 -16.39 43.56 57.55
N LYS H 446 -15.26 43.55 56.82
CA LYS H 446 -14.05 44.14 57.37
C LYS H 446 -14.17 45.65 57.52
N GLN H 447 -14.80 46.35 56.57
CA GLN H 447 -14.99 47.78 56.76
C GLN H 447 -15.75 48.00 58.05
N LEU H 448 -16.78 47.18 58.28
CA LEU H 448 -17.66 47.32 59.42
C LEU H 448 -16.90 46.76 60.62
N ARG H 449 -17.57 46.59 61.74
CA ARG H 449 -16.94 46.02 62.93
C ARG H 449 -17.95 45.23 63.75
N GLU H 450 -18.06 45.59 65.03
CA GLU H 450 -18.97 44.95 65.98
C GLU H 450 -20.32 45.63 65.97
N ASN H 451 -20.58 46.45 64.97
CA ASN H 451 -21.76 47.30 64.84
C ASN H 451 -22.86 46.58 64.09
N ALA H 452 -22.64 45.33 63.69
CA ALA H 452 -23.62 44.61 62.91
C ALA H 452 -23.43 43.12 63.19
N GLU H 453 -24.46 42.34 62.87
CA GLU H 453 -24.35 40.89 62.98
C GLU H 453 -24.84 40.21 61.72
N ASP H 454 -24.16 39.13 61.36
CA ASP H 454 -24.53 38.34 60.19
C ASP H 454 -25.74 37.45 60.50
N MET H 455 -26.83 37.59 59.74
CA MET H 455 -27.99 36.74 59.99
C MET H 455 -27.90 35.42 59.24
N GLY H 456 -26.83 35.24 58.45
CA GLY H 456 -26.62 33.96 57.81
C GLY H 456 -27.17 33.85 56.41
N ASN H 457 -27.82 34.90 55.89
CA ASN H 457 -28.40 34.85 54.56
C ASN H 457 -27.82 35.95 53.67
N GLY H 458 -26.60 36.39 53.99
CA GLY H 458 -25.91 37.45 53.30
C GLY H 458 -26.25 38.87 53.72
N CYS H 459 -27.09 39.04 54.73
CA CYS H 459 -27.51 40.36 55.20
C CYS H 459 -26.91 40.69 56.55
N PHE H 460 -26.57 41.95 56.76
CA PHE H 460 -26.11 42.43 58.06
C PHE H 460 -27.19 43.31 58.68
N LYS H 461 -27.49 43.06 59.96
CA LYS H 461 -28.30 43.97 60.76
C LYS H 461 -27.31 44.91 61.43
N ILE H 462 -27.37 46.20 61.11
CA ILE H 462 -26.38 47.11 61.68
C ILE H 462 -26.87 47.78 62.96
N TYR H 463 -26.13 47.55 64.03
CA TYR H 463 -26.38 47.88 65.43
C TYR H 463 -25.81 49.26 65.70
N HIS H 464 -25.95 50.08 64.66
CA HIS H 464 -25.56 51.48 64.62
C HIS H 464 -26.54 52.10 63.64
N LYS H 465 -27.33 53.04 64.15
CA LYS H 465 -28.26 53.82 63.37
C LYS H 465 -27.63 54.57 62.22
N CYS H 466 -28.14 54.29 61.02
CA CYS H 466 -27.71 54.91 59.77
C CYS H 466 -29.02 55.23 59.04
N ASP H 467 -29.00 56.25 58.17
CA ASP H 467 -30.19 56.65 57.43
C ASP H 467 -29.98 56.84 55.92
N ASN H 468 -29.59 55.78 55.20
CA ASN H 468 -29.29 55.83 53.75
C ASN H 468 -27.90 56.36 53.46
N ALA H 469 -27.42 57.30 54.26
CA ALA H 469 -26.08 57.84 54.07
C ALA H 469 -25.05 56.75 54.31
N CYS H 470 -25.33 55.85 55.25
CA CYS H 470 -24.46 54.72 55.51
C CYS H 470 -24.37 53.81 54.29
N ILE H 471 -25.52 53.48 53.70
CA ILE H 471 -25.54 52.65 52.51
C ILE H 471 -24.71 53.25 51.38
N GLY H 472 -24.87 54.55 51.11
CA GLY H 472 -24.06 55.16 50.07
C GLY H 472 -22.57 55.04 50.34
N SER H 473 -22.17 55.24 51.59
CA SER H 473 -20.78 55.13 52.00
C SER H 473 -20.26 53.70 51.87
N ILE H 474 -21.13 52.74 52.13
CA ILE H 474 -20.83 51.31 51.96
C ILE H 474 -20.53 50.97 50.51
N ARG H 475 -21.35 51.45 49.58
CA ARG H 475 -21.12 51.09 48.19
C ARG H 475 -19.76 51.55 47.68
N ASN H 476 -19.23 52.67 48.15
CA ASN H 476 -17.93 53.10 47.66
C ASN H 476 -16.82 52.87 48.68
N GLY H 477 -17.09 52.13 49.75
CA GLY H 477 -16.05 51.69 50.65
C GLY H 477 -15.49 52.79 51.54
N THR H 478 -16.27 53.84 51.80
CA THR H 478 -15.83 54.94 52.63
C THR H 478 -16.62 55.11 53.93
N TYR H 479 -17.51 54.18 54.25
CA TYR H 479 -18.28 54.29 55.49
C TYR H 479 -17.38 54.30 56.72
N ASP H 480 -17.51 55.35 57.51
CA ASP H 480 -16.78 55.50 58.78
C ASP H 480 -17.77 55.17 59.89
N HIS H 481 -17.63 53.98 60.47
CA HIS H 481 -18.59 53.49 61.45
C HIS H 481 -18.62 54.32 62.72
N ASP H 482 -17.49 54.90 63.10
CA ASP H 482 -17.37 55.69 64.32
C ASP H 482 -18.20 56.95 64.53
N VAL H 483 -19.54 56.88 64.57
CA VAL H 483 -20.25 58.13 64.85
C VAL H 483 -21.11 57.83 66.07
N TYR H 484 -21.69 56.63 66.08
CA TYR H 484 -22.63 56.12 67.08
C TYR H 484 -22.00 54.97 67.86
N ARG H 485 -20.82 54.54 67.42
CA ARG H 485 -20.13 53.34 67.85
C ARG H 485 -19.97 53.21 69.37
N ASP H 486 -19.61 54.31 70.05
CA ASP H 486 -19.37 54.26 71.50
C ASP H 486 -20.56 53.76 72.32
N GLU H 487 -21.78 54.26 72.11
CA GLU H 487 -22.90 53.67 72.86
C GLU H 487 -23.10 52.17 72.59
N ALA H 488 -22.01 51.46 72.29
CA ALA H 488 -22.05 50.05 71.91
C ALA H 488 -22.55 49.13 73.02
N LEU H 489 -22.03 49.26 74.24
CA LEU H 489 -22.53 48.37 75.30
C LEU H 489 -24.04 48.47 75.51
N ASN H 490 -24.61 49.68 75.48
CA ASN H 490 -26.06 49.71 75.62
C ASN H 490 -26.71 48.97 74.46
N ASN H 491 -26.18 49.18 73.26
CA ASN H 491 -26.64 48.51 72.05
C ASN H 491 -26.28 47.02 72.05
N ARG H 492 -27.28 46.14 72.17
CA ARG H 492 -27.01 44.70 72.14
C ARG H 492 -26.35 44.03 73.35
N PHE H 493 -25.35 44.64 74.00
CA PHE H 493 -24.56 43.91 75.01
C PHE H 493 -24.90 44.35 76.43
N GLN H 494 -25.90 43.70 77.02
CA GLN H 494 -26.33 44.08 78.37
C GLN H 494 -25.67 43.22 79.43
N ILE H 495 -26.30 43.08 80.59
CA ILE H 495 -25.78 42.21 81.65
C ILE H 495 -26.90 41.40 82.28
N ASN I 1 -1.63 54.50 71.65
CA ASN I 1 -0.59 54.11 72.60
C ASN I 1 -1.04 52.96 73.48
N SER I 2 -2.26 52.48 73.28
CA SER I 2 -2.69 51.19 73.80
C SER I 2 -2.70 50.08 72.76
N THR I 3 -1.96 50.23 71.66
CA THR I 3 -2.07 49.28 70.57
C THR I 3 -0.69 48.99 70.02
N ALA I 4 -0.59 47.90 69.25
CA ALA I 4 0.62 47.52 68.54
C ALA I 4 0.19 47.00 67.17
N THR I 5 0.31 47.82 66.13
CA THR I 5 -0.06 47.35 64.81
C THR I 5 0.72 46.10 64.47
N LEU I 6 0.03 45.07 63.95
CA LEU I 6 0.70 43.86 63.50
C LEU I 6 0.29 43.52 62.08
N CYS I 7 1.26 43.52 61.18
CA CYS I 7 1.06 43.29 59.77
C CYS I 7 1.68 41.94 59.38
N LEU I 8 0.97 41.15 58.59
CA LEU I 8 1.56 39.91 58.11
C LEU I 8 2.15 40.10 56.71
N GLY I 9 1.32 40.50 55.75
CA GLY I 9 1.75 40.68 54.38
C GLY I 9 2.44 39.51 53.70
N HIS I 10 2.86 39.73 52.46
CA HIS I 10 3.54 38.74 51.64
C HIS I 10 4.65 39.45 50.89
N HIS I 11 5.56 38.66 50.32
CA HIS I 11 6.70 39.21 49.63
C HIS I 11 6.34 39.71 48.23
N ALA I 12 7.27 40.47 47.62
CA ALA I 12 7.14 40.89 46.23
C ALA I 12 8.52 41.08 45.61
N VAL I 13 8.54 41.13 44.28
CA VAL I 13 9.77 41.38 43.51
C VAL I 13 9.50 42.51 42.53
N PRO I 14 10.54 43.21 42.09
CA PRO I 14 10.32 44.24 41.06
C PRO I 14 10.10 43.70 39.66
N ASN I 15 10.72 42.57 39.33
CA ASN I 15 10.60 41.98 38.01
C ASN I 15 9.72 40.74 38.07
N GLY I 16 8.66 40.72 37.25
CA GLY I 16 7.73 39.62 37.23
C GLY I 16 7.52 39.12 35.81
N THR I 17 6.88 37.96 35.72
CA THR I 17 6.61 37.31 34.45
C THR I 17 5.12 37.02 34.35
N ILE I 18 4.55 37.25 33.17
CA ILE I 18 3.13 37.06 32.92
C ILE I 18 2.87 35.62 32.53
N VAL I 19 1.91 34.97 33.19
CA VAL I 19 1.50 33.62 32.82
C VAL I 19 0.00 33.59 32.62
N LYS I 20 -0.47 32.52 31.99
CA LYS I 20 -1.88 32.25 31.76
C LYS I 20 -2.45 31.26 32.76
N THR I 21 -3.70 31.47 33.16
CA THR I 21 -4.40 30.52 34.01
C THR I 21 -5.75 30.18 33.38
N ILE I 22 -6.52 29.32 34.06
CA ILE I 22 -7.86 28.97 33.59
C ILE I 22 -8.77 30.19 33.58
N THR I 23 -8.63 31.07 34.57
CA THR I 23 -9.56 32.18 34.72
C THR I 23 -8.96 33.51 34.30
N ASN I 24 -7.68 33.55 33.95
CA ASN I 24 -7.04 34.83 33.65
C ASN I 24 -5.94 34.58 32.64
N ASP I 25 -6.00 35.30 31.53
CA ASP I 25 -5.04 35.09 30.46
C ASP I 25 -3.64 35.58 30.83
N GLN I 26 -3.56 36.61 31.67
CA GLN I 26 -2.30 37.31 31.94
C GLN I 26 -2.19 37.72 33.41
N ILE I 27 -1.44 36.96 34.20
CA ILE I 27 -1.21 37.31 35.60
C ILE I 27 0.29 37.23 35.90
N GLU I 28 0.78 38.24 36.60
CA GLU I 28 2.19 38.41 36.88
C GLU I 28 2.54 37.69 38.19
N VAL I 29 3.57 36.85 38.14
CA VAL I 29 4.05 36.17 39.33
C VAL I 29 5.48 36.61 39.59
N THR I 30 5.97 36.30 40.79
CA THR I 30 7.31 36.72 41.20
C THR I 30 8.40 36.00 40.43
N ASN I 31 8.11 34.80 39.93
CA ASN I 31 9.14 34.00 39.30
C ASN I 31 8.48 32.92 38.47
N ALA I 32 9.15 32.53 37.40
CA ALA I 32 8.65 31.45 36.55
C ALA I 32 9.84 30.73 35.95
N THR I 33 9.59 29.54 35.44
CA THR I 33 10.56 28.75 34.73
C THR I 33 10.00 28.32 33.39
N GLU I 34 10.88 28.16 32.42
CA GLU I 34 10.46 27.79 31.08
C GLU I 34 10.20 26.30 31.08
N LEU I 35 9.07 25.90 30.52
CA LEU I 35 8.73 24.49 30.51
C LEU I 35 8.99 23.82 29.16
N VAL I 36 9.30 24.58 28.12
CA VAL I 36 9.58 24.06 26.79
C VAL I 36 11.06 24.23 26.49
N GLN I 37 11.76 23.13 26.29
CA GLN I 37 13.15 23.19 25.86
C GLN I 37 13.24 23.60 24.40
N SER I 38 14.30 24.34 24.07
CA SER I 38 14.48 24.84 22.72
C SER I 38 15.94 25.15 22.48
N SER I 39 16.38 24.93 21.23
CA SER I 39 17.70 25.37 20.76
C SER I 39 18.83 24.78 21.61
N SER I 40 18.98 23.47 21.49
CA SER I 40 20.11 22.78 22.10
C SER I 40 21.38 22.99 21.26
N THR I 41 22.41 22.18 21.55
CA THR I 41 23.78 22.55 21.21
C THR I 41 23.98 22.73 19.71
N GLY I 42 23.83 21.65 18.94
CA GLY I 42 24.14 21.64 17.53
C GLY I 42 25.02 20.49 17.09
N GLU I 43 25.49 19.67 18.02
CA GLU I 43 26.32 18.50 17.76
C GLU I 43 25.53 17.29 18.21
N ILE I 44 25.64 16.18 17.51
CA ILE I 44 25.10 14.94 18.04
C ILE I 44 26.15 14.28 18.92
N CYS I 45 25.90 14.33 20.22
CA CYS I 45 26.74 13.73 21.23
C CYS I 45 26.68 12.20 21.10
N ASP I 46 27.83 11.54 21.21
CA ASP I 46 27.98 10.09 21.01
C ASP I 46 27.57 9.18 22.17
N SER I 47 27.13 9.68 23.31
CA SER I 47 26.78 8.76 24.37
C SER I 47 25.40 9.08 24.91
N PRO I 48 24.67 8.08 25.41
CA PRO I 48 25.03 6.68 25.55
C PRO I 48 24.56 5.72 24.47
N HIS I 49 24.04 6.22 23.36
CA HIS I 49 23.66 5.32 22.29
C HIS I 49 24.86 5.15 21.37
N GLN I 50 24.99 3.96 20.81
CA GLN I 50 26.09 3.70 19.89
C GLN I 50 25.75 4.33 18.56
N ILE I 51 26.37 5.45 18.27
CA ILE I 51 26.13 6.19 17.04
C ILE I 51 27.07 5.68 15.98
N LEU I 52 26.57 5.52 14.77
CA LEU I 52 27.38 5.23 13.61
C LEU I 52 27.09 6.36 12.63
N ASP I 53 28.02 7.30 12.51
CA ASP I 53 27.81 8.39 11.57
C ASP I 53 28.03 7.93 10.14
N GLY I 54 26.95 7.93 9.35
CA GLY I 54 27.04 7.54 7.97
C GLY I 54 27.77 8.59 7.19
N GLU I 55 29.02 8.39 6.79
CA GLU I 55 29.72 9.45 6.06
C GLU I 55 29.02 9.71 4.72
N ASN I 56 29.66 9.21 3.69
CA ASN I 56 29.30 9.24 2.28
C ASN I 56 28.29 8.16 1.92
N CYS I 57 27.89 7.30 2.85
CA CYS I 57 27.06 6.14 2.55
C CYS I 57 25.62 6.32 3.01
N THR I 58 24.70 5.87 2.17
CA THR I 58 23.32 5.67 2.56
C THR I 58 23.21 4.34 3.25
N LEU I 59 22.11 4.11 3.97
CA LEU I 59 21.96 2.81 4.60
C LEU I 59 21.96 1.68 3.59
N ILE I 60 21.21 1.84 2.49
CA ILE I 60 21.15 0.78 1.48
C ILE I 60 22.51 0.52 0.84
N ASP I 61 23.24 1.57 0.50
CA ASP I 61 24.58 1.39 -0.05
C ASP I 61 25.47 0.66 0.94
N ALA I 62 25.42 1.05 2.20
CA ALA I 62 26.20 0.35 3.22
C ALA I 62 25.75 -1.08 3.33
N LEU I 63 24.47 -1.35 3.14
CA LEU I 63 24.00 -2.72 3.18
C LEU I 63 24.58 -3.52 2.02
N LEU I 64 24.42 -3.02 0.79
CA LEU I 64 24.93 -3.75 -0.37
C LEU I 64 26.45 -3.81 -0.38
N GLY I 65 27.13 -2.73 0.02
CA GLY I 65 28.57 -2.74 0.01
C GLY I 65 29.24 -2.05 -1.15
N ASP I 66 28.79 -0.86 -1.56
CA ASP I 66 29.54 -0.05 -2.50
C ASP I 66 30.96 0.19 -2.00
N PRO I 67 31.97 -0.05 -2.84
CA PRO I 67 33.38 0.04 -2.40
C PRO I 67 33.78 1.26 -1.59
N GLN I 68 33.35 2.45 -1.97
CA GLN I 68 33.63 3.62 -1.14
C GLN I 68 33.17 3.43 0.29
N CYS I 69 32.23 2.51 0.51
CA CYS I 69 31.57 2.31 1.79
C CYS I 69 31.98 0.99 2.44
N ASP I 70 33.11 0.43 1.99
CA ASP I 70 33.61 -0.86 2.47
C ASP I 70 33.80 -0.93 3.98
N GLY I 71 34.16 0.17 4.63
CA GLY I 71 34.41 0.05 6.06
C GLY I 71 33.21 -0.29 6.90
N PHE I 72 31.99 -0.15 6.38
CA PHE I 72 30.79 -0.43 7.17
C PHE I 72 30.40 -1.90 7.07
N GLN I 73 31.31 -2.78 7.50
CA GLN I 73 31.10 -4.21 7.39
C GLN I 73 30.99 -4.78 8.79
N ASN I 74 29.90 -5.52 9.05
CA ASN I 74 29.63 -6.17 10.32
C ASN I 74 29.46 -5.17 11.45
N LYS I 75 29.26 -3.90 11.11
CA LYS I 75 29.02 -2.86 12.09
C LYS I 75 27.67 -3.04 12.76
N LYS I 76 27.57 -2.57 14.00
CA LYS I 76 26.32 -2.50 14.73
C LYS I 76 26.03 -1.05 15.04
N TRP I 77 24.80 -0.75 15.43
CA TRP I 77 24.51 0.64 15.76
C TRP I 77 23.24 0.70 16.57
N ASP I 78 23.14 1.73 17.41
CA ASP I 78 21.87 2.13 17.99
C ASP I 78 21.14 3.13 17.12
N LEU I 79 21.85 4.11 16.57
CA LEU I 79 21.30 5.14 15.71
C LEU I 79 22.19 5.36 14.51
N PHE I 80 21.66 5.14 13.32
CA PHE I 80 22.38 5.41 12.10
C PHE I 80 22.09 6.84 11.66
N VAL I 81 23.14 7.62 11.42
CA VAL I 81 22.97 9.02 11.03
C VAL I 81 23.32 9.12 9.57
N GLU I 82 22.31 9.40 8.76
CA GLU I 82 22.49 9.56 7.33
C GLU I 82 22.70 11.04 6.99
N ARG I 83 23.68 11.33 6.16
CA ARG I 83 23.99 12.70 5.81
C ARG I 83 23.31 13.03 4.49
N SER I 84 22.99 14.32 4.32
CA SER I 84 22.31 14.76 3.11
C SER I 84 23.26 14.81 1.92
N LYS I 85 24.56 14.78 2.16
CA LYS I 85 25.56 14.83 1.11
C LYS I 85 25.80 13.47 0.48
N ALA I 86 25.28 12.40 1.08
CA ALA I 86 25.51 11.06 0.58
C ALA I 86 25.11 10.92 -0.88
N TYR I 87 25.86 10.08 -1.59
CA TYR I 87 25.64 9.84 -3.01
C TYR I 87 26.21 8.46 -3.34
N SER I 88 25.63 7.82 -4.34
CA SER I 88 26.05 6.50 -4.79
C SER I 88 27.05 6.54 -5.93
N ASN I 89 28.01 5.61 -5.91
CA ASN I 89 29.08 5.50 -6.91
C ASN I 89 29.30 4.07 -7.33
N CYS I 90 28.26 3.24 -7.31
CA CYS I 90 28.37 1.89 -7.82
C CYS I 90 27.45 1.75 -9.01
N TYR I 91 26.96 0.56 -9.27
CA TYR I 91 26.09 0.36 -10.41
C TYR I 91 24.73 1.00 -10.12
N PRO I 92 24.17 1.75 -11.07
CA PRO I 92 22.86 2.36 -10.86
C PRO I 92 21.83 1.31 -10.48
N TYR I 93 21.07 1.58 -9.44
CA TYR I 93 20.08 0.62 -8.99
C TYR I 93 18.84 1.34 -8.51
N ASP I 94 17.74 0.62 -8.53
CA ASP I 94 16.52 1.06 -7.89
C ASP I 94 16.02 -0.07 -7.00
N VAL I 95 15.22 0.30 -6.00
CA VAL I 95 14.62 -0.70 -5.13
C VAL I 95 13.11 -0.54 -5.12
N PRO I 96 12.37 -1.51 -5.61
CA PRO I 96 10.92 -1.46 -5.43
C PRO I 96 10.59 -1.55 -3.95
N ASP I 97 9.69 -0.67 -3.49
CA ASP I 97 9.39 -0.54 -2.06
C ASP I 97 10.67 -0.25 -1.28
N TYR I 98 11.48 0.67 -1.81
CA TYR I 98 12.64 1.20 -1.12
C TYR I 98 12.36 1.55 0.33
N ALA I 99 11.28 2.29 0.58
CA ALA I 99 10.98 2.73 1.94
C ALA I 99 10.87 1.57 2.91
N SER I 100 10.25 0.47 2.50
CA SER I 100 10.13 -0.68 3.39
C SER I 100 11.47 -1.37 3.64
N LEU I 101 12.30 -1.52 2.62
CA LEU I 101 13.61 -2.15 2.81
C LEU I 101 14.49 -1.31 3.72
N ARG I 102 14.58 -0.02 3.44
CA ARG I 102 15.33 0.89 4.30
C ARG I 102 14.88 0.79 5.75
N SER I 103 13.57 0.74 5.97
CA SER I 103 13.04 0.70 7.33
C SER I 103 13.43 -0.58 8.04
N LEU I 104 13.32 -1.72 7.35
CA LEU I 104 13.56 -3.01 7.97
C LEU I 104 15.02 -3.23 8.30
N VAL I 105 15.94 -2.75 7.46
CA VAL I 105 17.35 -2.83 7.81
C VAL I 105 17.67 -1.94 8.99
N ALA I 106 17.21 -0.68 8.92
CA ALA I 106 17.43 0.28 10.00
C ALA I 106 16.95 -0.22 11.36
N SER I 107 15.75 -0.79 11.42
CA SER I 107 15.23 -1.26 12.71
C SER I 107 16.02 -2.45 13.25
N SER I 108 16.57 -3.30 12.38
CA SER I 108 17.33 -4.44 12.86
C SER I 108 18.61 -3.99 13.54
N GLY I 109 19.27 -2.99 12.98
CA GLY I 109 20.40 -2.41 13.67
C GLY I 109 21.69 -3.18 13.63
N THR I 110 21.89 -4.03 12.63
CA THR I 110 23.12 -4.80 12.51
C THR I 110 23.35 -5.09 11.04
N LEU I 111 24.62 -5.09 10.65
CA LEU I 111 25.04 -5.47 9.31
C LEU I 111 25.76 -6.80 9.32
N GLU I 112 25.65 -7.54 10.42
CA GLU I 112 26.26 -8.86 10.54
C GLU I 112 25.93 -9.71 9.33
N PHE I 113 26.96 -10.18 8.64
CA PHE I 113 26.80 -10.93 7.40
C PHE I 113 27.55 -12.23 7.54
N ASN I 114 26.91 -13.32 7.16
CA ASN I 114 27.56 -14.62 7.14
C ASN I 114 27.55 -15.13 5.70
N ASN I 115 28.73 -15.45 5.17
CA ASN I 115 28.75 -15.98 3.82
C ASN I 115 28.13 -17.36 3.82
N GLU I 116 27.42 -17.69 2.76
CA GLU I 116 26.82 -19.00 2.63
C GLU I 116 27.20 -19.58 1.28
N SER I 117 27.45 -20.89 1.25
CA SER I 117 27.85 -21.60 0.04
C SER I 117 26.68 -22.09 -0.82
N PHE I 118 26.29 -21.28 -1.80
CA PHE I 118 25.29 -21.72 -2.75
C PHE I 118 26.00 -22.53 -3.82
N ASN I 119 25.32 -23.56 -4.35
CA ASN I 119 25.93 -24.35 -5.42
C ASN I 119 25.57 -23.75 -6.77
N TRP I 120 26.42 -22.86 -7.27
CA TRP I 120 26.26 -22.25 -8.59
C TRP I 120 27.08 -22.97 -9.64
N THR I 121 26.98 -24.28 -9.72
CA THR I 121 27.70 -25.03 -10.74
C THR I 121 27.18 -24.69 -12.13
N GLY I 122 28.07 -24.27 -13.03
CA GLY I 122 27.71 -24.02 -14.40
C GLY I 122 27.66 -22.56 -14.85
N VAL I 123 27.93 -21.60 -13.97
CA VAL I 123 27.90 -20.19 -14.34
C VAL I 123 29.16 -19.50 -13.84
N THR I 124 29.47 -18.36 -14.45
CA THR I 124 30.60 -17.54 -14.02
C THR I 124 30.24 -16.67 -12.84
N GLN I 125 31.08 -16.70 -11.81
CA GLN I 125 30.90 -15.93 -10.59
C GLN I 125 31.77 -14.68 -10.59
N ASN I 126 31.55 -13.85 -9.57
CA ASN I 126 32.35 -12.65 -9.31
C ASN I 126 32.38 -11.67 -10.49
N GLY I 127 31.24 -11.48 -11.13
CA GLY I 127 31.07 -10.46 -12.14
C GLY I 127 31.45 -9.06 -11.66
N THR I 128 31.84 -8.17 -12.57
CA THR I 128 32.52 -6.93 -12.22
C THR I 128 32.16 -5.89 -13.26
N SER I 129 32.21 -4.61 -12.87
CA SER I 129 31.76 -3.55 -13.77
C SER I 129 32.65 -2.32 -13.66
N SER I 130 32.73 -1.56 -14.75
CA SER I 130 33.51 -0.33 -14.76
C SER I 130 32.78 0.86 -14.15
N ALA I 131 31.53 0.71 -13.77
CA ALA I 131 30.84 1.79 -13.09
C ALA I 131 31.10 1.79 -11.60
N CYS I 132 31.66 0.72 -11.05
CA CYS I 132 31.89 0.57 -9.62
C CYS I 132 33.32 0.07 -9.39
N ILE I 133 34.26 1.00 -9.40
CA ILE I 133 35.69 0.73 -9.22
C ILE I 133 36.08 0.88 -7.76
N ARG I 134 36.73 -0.15 -7.21
CA ARG I 134 37.17 -0.12 -5.81
C ARG I 134 38.56 0.49 -5.66
N ARG I 135 39.58 -0.15 -6.22
CA ARG I 135 40.96 0.31 -6.11
C ARG I 135 41.55 0.30 -7.51
N SER I 136 40.95 1.10 -8.38
CA SER I 136 41.29 1.24 -9.79
C SER I 136 41.08 -0.04 -10.57
N ASN I 137 40.53 -1.07 -9.92
CA ASN I 137 40.12 -2.29 -10.61
C ASN I 137 38.60 -2.33 -10.63
N ASN I 138 38.07 -2.96 -11.68
CA ASN I 138 36.65 -3.23 -11.77
C ASN I 138 36.17 -4.13 -10.63
N SER I 139 35.03 -3.78 -10.03
CA SER I 139 34.55 -4.60 -8.92
C SER I 139 33.02 -4.55 -8.92
N PHE I 140 32.41 -4.81 -7.78
CA PHE I 140 30.96 -4.86 -7.70
C PHE I 140 30.55 -4.71 -6.25
N PHE I 141 29.24 -4.74 -6.00
CA PHE I 141 28.77 -4.72 -4.62
C PHE I 141 29.35 -5.92 -3.88
N SER I 142 29.99 -5.64 -2.75
CA SER I 142 30.67 -6.71 -2.02
C SER I 142 29.74 -7.83 -1.58
N ARG I 143 28.47 -7.54 -1.35
CA ARG I 143 27.53 -8.53 -0.83
C ARG I 143 26.70 -9.23 -1.89
N LEU I 144 26.82 -8.86 -3.15
CA LEU I 144 26.06 -9.47 -4.22
C LEU I 144 27.04 -10.21 -5.12
N ASN I 145 26.55 -11.24 -5.79
CA ASN I 145 27.40 -12.08 -6.63
C ASN I 145 26.81 -12.11 -8.02
N TRP I 146 27.45 -11.41 -8.95
CA TRP I 146 26.97 -11.29 -10.31
C TRP I 146 27.32 -12.53 -11.11
N LEU I 147 26.31 -13.29 -11.50
CA LEU I 147 26.52 -14.51 -12.26
C LEU I 147 26.39 -14.15 -13.72
N THR I 148 27.31 -14.65 -14.53
CA THR I 148 27.24 -14.49 -15.96
C THR I 148 27.41 -15.87 -16.61
N HIS I 149 27.35 -15.89 -17.94
CA HIS I 149 27.49 -17.12 -18.70
C HIS I 149 28.88 -17.72 -18.56
N LEU I 150 28.95 -19.03 -18.77
CA LEU I 150 30.24 -19.74 -18.88
C LEU I 150 30.20 -20.56 -20.15
N ASN I 151 31.18 -20.35 -21.03
CA ASN I 151 31.22 -21.00 -22.33
C ASN I 151 29.95 -20.70 -23.12
N PHE I 152 29.41 -19.49 -22.94
CA PHE I 152 28.25 -19.04 -23.68
C PHE I 152 27.01 -19.89 -23.42
N LYS I 153 26.94 -20.47 -22.24
CA LYS I 153 25.74 -21.18 -21.81
C LYS I 153 25.43 -20.71 -20.40
N TYR I 154 24.14 -20.58 -20.12
CA TYR I 154 23.64 -20.25 -18.80
C TYR I 154 22.59 -21.28 -18.46
N PRO I 155 22.97 -22.35 -17.78
CA PRO I 155 21.99 -23.41 -17.49
C PRO I 155 20.94 -22.90 -16.53
N ALA I 156 19.76 -23.50 -16.62
CA ALA I 156 18.70 -23.16 -15.68
C ALA I 156 19.15 -23.48 -14.28
N LEU I 157 19.13 -22.49 -13.39
CA LEU I 157 19.52 -22.75 -12.03
C LEU I 157 18.32 -23.19 -11.21
N ASN I 158 18.58 -24.04 -10.23
CA ASN I 158 17.58 -24.55 -9.31
C ASN I 158 18.31 -24.84 -8.02
N VAL I 159 18.67 -23.78 -7.32
CA VAL I 159 19.57 -23.87 -6.18
C VAL I 159 18.74 -23.79 -4.92
N THR I 160 19.09 -24.59 -3.93
CA THR I 160 18.32 -24.63 -2.70
C THR I 160 19.27 -24.40 -1.54
N MET I 161 18.75 -23.82 -0.49
CA MET I 161 19.59 -23.62 0.66
C MET I 161 18.70 -23.67 1.88
N PRO I 162 18.78 -24.70 2.72
CA PRO I 162 17.88 -24.78 3.87
C PRO I 162 18.35 -23.94 5.04
N ASN I 163 17.38 -23.42 5.77
CA ASN I 163 17.60 -22.74 7.04
C ASN I 163 17.47 -23.73 8.18
N ASN I 164 18.60 -24.20 8.71
CA ASN I 164 18.57 -25.11 9.84
C ASN I 164 19.04 -24.45 11.12
N GLU I 165 19.05 -23.13 11.17
CA GLU I 165 19.37 -22.37 12.37
C GLU I 165 18.09 -22.06 13.15
N GLN I 166 18.20 -21.18 14.13
CA GLN I 166 17.08 -20.82 14.99
C GLN I 166 16.68 -19.36 14.87
N PHE I 167 17.27 -18.63 13.92
CA PHE I 167 16.94 -17.23 13.70
C PHE I 167 16.56 -17.02 12.25
N ASP I 168 15.88 -15.91 11.99
CA ASP I 168 15.50 -15.59 10.62
C ASP I 168 16.72 -15.15 9.82
N LYS I 169 16.62 -15.31 8.52
CA LYS I 169 17.66 -14.88 7.60
C LYS I 169 17.08 -13.86 6.63
N LEU I 170 17.80 -12.77 6.40
CA LEU I 170 17.42 -11.79 5.39
C LEU I 170 18.32 -11.98 4.19
N TYR I 171 17.76 -12.42 3.07
CA TYR I 171 18.49 -12.57 1.81
C TYR I 171 18.24 -11.38 0.91
N ILE I 172 19.31 -10.78 0.40
CA ILE I 172 19.22 -9.72 -0.60
C ILE I 172 19.71 -10.24 -1.94
N TRP I 173 18.91 -10.10 -2.99
CA TRP I 173 19.31 -10.51 -4.32
C TRP I 173 18.76 -9.50 -5.30
N GLY I 174 19.09 -9.64 -6.58
CA GLY I 174 18.67 -8.64 -7.52
C GLY I 174 18.48 -9.19 -8.91
N VAL I 175 17.86 -8.38 -9.76
CA VAL I 175 17.62 -8.71 -11.15
C VAL I 175 18.24 -7.63 -12.02
N HIS I 176 19.00 -8.02 -13.02
CA HIS I 176 19.65 -7.07 -13.91
C HIS I 176 18.78 -6.80 -15.13
N HIS I 177 18.58 -5.51 -15.45
CA HIS I 177 17.82 -5.08 -16.63
C HIS I 177 18.79 -4.46 -17.62
N PRO I 178 19.27 -5.21 -18.60
CA PRO I 178 20.18 -4.64 -19.58
C PRO I 178 19.51 -3.56 -20.42
N GLY I 179 20.31 -2.63 -20.92
CA GLY I 179 19.71 -1.59 -21.70
C GLY I 179 19.44 -1.89 -23.15
N THR I 180 19.97 -2.99 -23.68
CA THR I 180 19.70 -3.36 -25.06
C THR I 180 19.47 -4.87 -25.12
N ASP I 181 18.65 -5.30 -26.08
CA ASP I 181 18.57 -6.74 -26.32
C ASP I 181 19.93 -7.32 -26.72
N LYS I 182 20.76 -6.51 -27.36
CA LYS I 182 22.12 -6.92 -27.71
C LYS I 182 22.92 -7.27 -26.47
N ASP I 183 22.93 -6.36 -25.48
CA ASP I 183 23.65 -6.58 -24.23
C ASP I 183 23.16 -7.81 -23.49
N GLN I 184 21.87 -8.10 -23.57
CA GLN I 184 21.33 -9.30 -22.94
C GLN I 184 22.06 -10.56 -23.40
N ILE I 185 22.26 -10.70 -24.71
CA ILE I 185 22.99 -11.85 -25.23
C ILE I 185 24.44 -11.89 -24.71
N PHE I 186 25.19 -10.78 -24.83
CA PHE I 186 26.57 -10.80 -24.36
C PHE I 186 26.68 -11.29 -22.94
N LEU I 187 25.72 -10.93 -22.09
CA LEU I 187 25.91 -11.34 -20.71
C LEU I 187 25.40 -12.75 -20.46
N TYR I 188 24.23 -13.12 -20.95
CA TYR I 188 23.67 -14.39 -20.50
C TYR I 188 23.41 -15.41 -21.60
N ALA I 189 23.70 -15.10 -22.85
CA ALA I 189 23.42 -16.02 -23.95
C ALA I 189 21.97 -16.40 -24.16
N GLN I 190 21.04 -15.87 -23.36
CA GLN I 190 19.63 -16.15 -23.52
C GLN I 190 18.84 -14.86 -23.69
N ALA I 191 18.05 -14.79 -24.75
CA ALA I 191 17.34 -13.56 -25.08
C ALA I 191 16.32 -13.19 -24.02
N SER I 192 15.55 -14.14 -23.56
CA SER I 192 14.49 -13.90 -22.59
C SER I 192 15.02 -14.16 -21.19
N GLY I 193 14.12 -14.17 -20.23
CA GLY I 193 14.54 -14.31 -18.84
C GLY I 193 13.42 -14.19 -17.85
N ARG I 194 13.52 -14.94 -16.76
CA ARG I 194 12.48 -14.93 -15.73
C ARG I 194 13.11 -15.51 -14.48
N ILE I 195 12.82 -14.88 -13.35
CA ILE I 195 13.38 -15.25 -12.05
C ILE I 195 12.23 -15.53 -11.12
N THR I 196 12.38 -16.54 -10.29
CA THR I 196 11.32 -16.92 -9.36
C THR I 196 12.01 -17.47 -8.11
N VAL I 197 11.92 -16.73 -7.01
CA VAL I 197 12.45 -17.22 -5.75
C VAL I 197 11.30 -17.44 -4.79
N SER I 198 11.33 -18.57 -4.11
CA SER I 198 10.19 -19.02 -3.35
C SER I 198 10.64 -19.53 -1.99
N THR I 199 9.73 -19.47 -1.04
CA THR I 199 9.84 -20.15 0.23
C THR I 199 8.55 -20.94 0.42
N LYS I 200 8.43 -21.62 1.55
CA LYS I 200 7.17 -22.29 1.84
C LYS I 200 6.03 -21.28 1.93
N ARG I 201 6.30 -20.03 2.30
CA ARG I 201 5.23 -19.07 2.51
C ARG I 201 5.06 -18.06 1.39
N SER I 202 6.09 -17.78 0.60
CA SER I 202 6.04 -16.68 -0.36
C SER I 202 6.58 -17.09 -1.72
N GLN I 203 6.16 -16.35 -2.73
CA GLN I 203 6.69 -16.49 -4.09
C GLN I 203 6.88 -15.09 -4.68
N GLN I 204 8.09 -14.81 -5.16
CA GLN I 204 8.39 -13.57 -5.87
C GLN I 204 8.87 -13.86 -7.29
N ALA I 205 8.04 -13.58 -8.28
CA ALA I 205 8.37 -13.86 -9.66
C ALA I 205 8.61 -12.54 -10.36
N VAL I 206 9.85 -12.32 -10.81
CA VAL I 206 10.26 -11.08 -11.47
C VAL I 206 10.71 -11.39 -12.89
N ILE I 207 10.23 -10.60 -13.84
CA ILE I 207 10.60 -10.69 -15.25
C ILE I 207 11.38 -9.44 -15.65
N PRO I 208 12.66 -9.56 -15.99
CA PRO I 208 13.46 -8.37 -16.31
C PRO I 208 12.91 -7.66 -17.54
N ASN I 209 13.20 -6.37 -17.66
CA ASN I 209 12.70 -5.56 -18.77
C ASN I 209 13.84 -4.99 -19.57
N ILE I 210 14.08 -5.57 -20.74
CA ILE I 210 15.13 -5.10 -21.63
C ILE I 210 14.69 -3.79 -22.28
N GLY I 211 15.57 -2.80 -22.22
CA GLY I 211 15.26 -1.49 -22.76
C GLY I 211 16.27 -0.48 -22.27
N SER I 212 16.50 0.57 -23.04
CA SER I 212 17.41 1.63 -22.65
C SER I 212 16.71 2.64 -21.77
N ARG I 213 17.36 2.98 -20.69
CA ARG I 213 16.98 4.02 -19.75
C ARG I 213 17.95 5.18 -19.87
N PRO I 214 17.62 6.35 -19.35
CA PRO I 214 18.59 7.44 -19.37
C PRO I 214 19.92 7.06 -18.74
N ARG I 215 21.01 7.45 -19.40
CA ARG I 215 22.31 6.98 -18.94
C ARG I 215 22.69 7.73 -17.67
N VAL I 216 22.79 7.03 -16.56
CA VAL I 216 23.32 7.60 -15.34
C VAL I 216 24.73 7.05 -15.13
N ARG I 217 25.69 7.97 -15.14
CA ARG I 217 27.12 7.69 -15.15
C ARG I 217 27.50 6.65 -16.20
N ASN I 218 27.02 6.86 -17.43
CA ASN I 218 27.34 6.05 -18.59
C ASN I 218 26.78 4.64 -18.52
N ILE I 219 25.77 4.37 -17.70
CA ILE I 219 25.14 3.07 -17.65
C ILE I 219 23.66 3.18 -18.04
N PRO I 220 23.21 2.52 -19.09
CA PRO I 220 21.82 2.60 -19.50
C PRO I 220 20.96 1.52 -18.86
N SER I 221 21.58 0.65 -18.09
CA SER I 221 20.95 -0.47 -17.42
C SER I 221 20.79 -0.17 -15.92
N ARG I 222 20.02 -1.02 -15.26
CA ARG I 222 19.69 -0.84 -13.85
C ARG I 222 19.76 -2.18 -13.16
N ILE I 223 19.86 -2.15 -11.84
CA ILE I 223 19.69 -3.33 -11.01
C ILE I 223 18.53 -3.11 -10.04
N SER I 224 17.57 -4.00 -10.06
CA SER I 224 16.47 -3.95 -9.11
C SER I 224 16.80 -4.87 -7.93
N ILE I 225 16.65 -4.36 -6.72
CA ILE I 225 17.02 -5.09 -5.52
C ILE I 225 15.78 -5.65 -4.87
N TYR I 226 15.82 -6.90 -4.44
CA TYR I 226 14.69 -7.52 -3.76
C TYR I 226 15.21 -8.17 -2.50
N TRP I 227 14.30 -8.45 -1.58
CA TRP I 227 14.70 -9.13 -0.36
C TRP I 227 13.67 -10.21 -0.07
N THR I 228 14.10 -11.26 0.62
CA THR I 228 13.22 -12.31 1.09
C THR I 228 13.70 -12.76 2.45
N ILE I 229 12.76 -12.97 3.34
CA ILE I 229 13.02 -13.44 4.69
C ILE I 229 12.69 -14.93 4.76
N VAL I 230 13.60 -15.69 5.38
CA VAL I 230 13.45 -17.13 5.53
C VAL I 230 13.42 -17.42 7.01
N LYS I 231 12.30 -17.91 7.49
CA LYS I 231 12.14 -18.20 8.90
C LYS I 231 12.72 -19.57 9.24
N PRO I 232 13.00 -19.82 10.51
CA PRO I 232 13.51 -21.14 10.93
C PRO I 232 12.61 -22.27 10.45
N GLY I 233 13.23 -23.31 9.89
CA GLY I 233 12.49 -24.44 9.39
C GLY I 233 12.11 -24.37 7.93
N ASP I 234 12.15 -23.18 7.33
CA ASP I 234 11.84 -22.98 5.93
C ASP I 234 13.08 -23.13 5.08
N ILE I 235 12.90 -23.02 3.78
CA ILE I 235 13.97 -23.27 2.82
C ILE I 235 13.82 -22.24 1.71
N LEU I 236 14.93 -21.63 1.31
CA LEU I 236 14.95 -20.75 0.15
C LEU I 236 15.25 -21.56 -1.10
N LEU I 237 14.52 -21.30 -2.17
CA LEU I 237 14.73 -21.96 -3.45
C LEU I 237 14.75 -20.94 -4.56
N ILE I 238 15.86 -20.84 -5.28
CA ILE I 238 16.00 -19.86 -6.35
C ILE I 238 16.02 -20.59 -7.69
N ASN I 239 14.98 -20.42 -8.48
CA ASN I 239 14.96 -20.88 -9.86
C ASN I 239 15.22 -19.64 -10.69
N SER I 240 16.24 -19.67 -11.53
CA SER I 240 16.55 -18.57 -12.44
C SER I 240 17.02 -19.07 -13.80
N THR I 241 16.47 -18.48 -14.86
CA THR I 241 16.95 -18.74 -16.21
C THR I 241 17.76 -17.58 -16.78
N GLY I 242 18.28 -16.72 -15.92
CA GLY I 242 19.11 -15.60 -16.34
C GLY I 242 18.89 -14.31 -15.57
N ASN I 243 19.81 -13.37 -15.70
CA ASN I 243 19.72 -12.02 -15.17
C ASN I 243 19.71 -11.99 -13.65
N LEU I 244 20.03 -13.09 -13.00
CA LEU I 244 20.03 -13.15 -11.54
C LEU I 244 21.32 -12.60 -10.96
N ILE I 245 21.22 -11.58 -10.13
CA ILE I 245 22.33 -11.11 -9.31
C ILE I 245 22.21 -11.87 -8.00
N ALA I 246 23.04 -12.84 -7.82
CA ALA I 246 22.88 -13.80 -6.75
C ALA I 246 23.41 -13.28 -5.42
N PRO I 247 22.81 -13.69 -4.32
CA PRO I 247 23.34 -13.37 -3.00
C PRO I 247 24.54 -14.23 -2.62
N ARG I 248 25.39 -13.68 -1.76
CA ARG I 248 26.55 -14.39 -1.27
C ARG I 248 26.33 -14.94 0.12
N GLY I 249 25.16 -14.72 0.69
CA GLY I 249 24.88 -15.17 2.04
C GLY I 249 23.64 -14.50 2.57
N TYR I 250 23.52 -14.48 3.88
CA TYR I 250 22.36 -13.91 4.52
C TYR I 250 22.76 -12.91 5.58
N PHE I 251 21.85 -12.00 5.88
CA PHE I 251 22.01 -11.11 7.00
C PHE I 251 21.29 -11.67 8.20
N LYS I 252 21.89 -11.56 9.37
CA LYS I 252 21.15 -11.81 10.59
C LYS I 252 20.14 -10.69 10.75
N ILE I 253 18.95 -11.02 11.25
CA ILE I 253 17.94 -10.00 11.50
C ILE I 253 17.53 -10.08 12.96
N ARG I 254 17.62 -8.95 13.64
CA ARG I 254 17.33 -8.81 15.05
C ARG I 254 16.16 -7.86 15.22
N SER I 255 15.64 -7.81 16.43
CA SER I 255 14.64 -6.82 16.82
C SER I 255 15.20 -6.02 17.98
N GLY I 256 14.99 -4.70 17.96
CA GLY I 256 15.50 -3.88 19.04
C GLY I 256 15.25 -2.39 18.91
N LYS I 257 16.10 -1.60 19.55
CA LYS I 257 15.90 -0.16 19.65
C LYS I 257 16.58 0.63 18.54
N SER I 258 17.06 -0.03 17.49
CA SER I 258 17.84 0.69 16.50
C SER I 258 16.92 1.46 15.57
N SER I 259 17.45 2.51 14.96
CA SER I 259 16.67 3.30 14.01
C SER I 259 17.61 4.04 13.08
N ILE I 260 17.07 4.97 12.30
CA ILE I 260 17.85 5.73 11.33
C ILE I 260 17.35 7.17 11.33
N MET I 261 18.26 8.11 11.04
CA MET I 261 17.90 9.51 11.07
C MET I 261 18.70 10.31 10.04
N ARG I 262 18.03 11.21 9.34
CA ARG I 262 18.67 12.15 8.43
C ARG I 262 19.07 13.41 9.20
N SER I 263 20.35 13.78 9.15
CA SER I 263 20.82 14.95 9.89
C SER I 263 22.17 15.36 9.37
N ASP I 264 22.47 16.66 9.46
CA ASP I 264 23.77 17.19 9.05
C ASP I 264 24.60 17.71 10.22
N ALA I 265 24.16 17.47 11.44
CA ALA I 265 24.91 17.88 12.63
C ALA I 265 26.17 17.03 12.84
N PRO I 266 27.29 17.66 13.20
CA PRO I 266 28.51 16.88 13.47
C PRO I 266 28.31 15.98 14.68
N ILE I 267 29.04 14.87 14.71
CA ILE I 267 29.00 13.96 15.85
C ILE I 267 29.91 14.45 16.98
N GLY I 268 29.38 14.46 18.20
CA GLY I 268 30.07 14.88 19.40
C GLY I 268 30.37 13.86 20.49
N LYS I 269 31.33 14.20 21.35
CA LYS I 269 31.76 13.41 22.52
C LYS I 269 30.98 13.88 23.75
N CYS I 270 29.76 13.36 23.93
CA CYS I 270 28.91 13.86 25.01
C CYS I 270 27.90 12.80 25.40
N ASN I 271 27.06 13.16 26.38
CA ASN I 271 26.08 12.26 26.97
C ASN I 271 24.74 13.01 26.90
N SER I 272 23.81 12.53 26.09
CA SER I 272 22.48 13.10 25.97
C SER I 272 21.54 11.99 25.54
N GLU I 273 20.35 11.91 26.12
CA GLU I 273 19.58 10.73 25.77
C GLU I 273 18.81 10.82 24.45
N CYS I 274 18.32 11.99 24.02
CA CYS I 274 17.54 12.03 22.80
C CYS I 274 18.32 12.73 21.70
N ILE I 275 18.40 12.13 20.53
CA ILE I 275 19.12 12.75 19.44
C ILE I 275 18.08 13.10 18.40
N THR I 276 18.16 14.33 17.89
CA THR I 276 17.41 14.88 16.77
C THR I 276 18.33 15.46 15.70
N PRO I 277 17.82 15.69 14.50
CA PRO I 277 18.65 16.30 13.44
C PRO I 277 19.19 17.68 13.78
N ASN I 278 18.61 18.40 14.73
CA ASN I 278 19.21 19.67 15.10
C ASN I 278 20.38 19.46 16.05
N GLY I 279 20.48 18.27 16.63
CA GLY I 279 21.44 17.96 17.66
C GLY I 279 20.79 17.32 18.86
N SER I 280 21.63 16.88 19.78
CA SER I 280 21.12 16.29 21.00
C SER I 280 20.48 17.38 21.83
N ILE I 281 19.46 17.03 22.60
CA ILE I 281 18.83 18.04 23.44
C ILE I 281 18.70 17.56 24.89
N PRO I 282 18.78 18.44 25.88
CA PRO I 282 18.48 18.04 27.26
C PRO I 282 17.04 17.56 27.35
N ASN I 283 16.78 16.67 28.30
CA ASN I 283 15.44 16.13 28.48
C ASN I 283 14.88 16.41 29.87
N ASP I 284 15.38 17.44 30.54
CA ASP I 284 14.83 17.85 31.84
C ASP I 284 13.43 18.43 31.73
N LYS I 285 13.09 19.10 30.58
CA LYS I 285 11.79 19.73 30.39
C LYS I 285 10.80 18.75 29.80
N PRO I 286 9.50 18.83 30.10
CA PRO I 286 8.56 17.85 29.53
C PRO I 286 8.25 18.07 28.07
N PHE I 287 8.38 19.28 27.53
CA PHE I 287 8.07 19.54 26.14
C PHE I 287 9.23 20.20 25.44
N GLN I 288 9.21 20.17 24.12
CA GLN I 288 10.25 20.77 23.31
C GLN I 288 9.67 21.15 21.96
N ASN I 289 10.26 22.14 21.31
CA ASN I 289 9.71 22.74 20.11
C ASN I 289 10.70 22.67 18.95
N VAL I 290 11.79 21.92 19.11
CA VAL I 290 12.91 21.95 18.17
C VAL I 290 12.61 21.14 16.93
N ASN I 291 12.19 19.89 17.07
CA ASN I 291 11.90 19.07 15.90
C ASN I 291 10.99 17.94 16.29
N ARG I 292 10.00 17.67 15.43
CA ARG I 292 9.10 16.53 15.65
C ARG I 292 9.75 15.18 15.44
N ILE I 293 10.85 15.10 14.70
CA ILE I 293 11.55 13.83 14.51
C ILE I 293 12.57 13.71 15.64
N THR I 294 12.44 12.66 16.45
CA THR I 294 13.31 12.47 17.59
C THR I 294 13.67 11.01 17.81
N TYR I 295 14.70 10.78 18.61
CA TYR I 295 15.06 9.45 19.05
C TYR I 295 15.56 9.47 20.49
N GLY I 296 15.02 8.56 21.29
CA GLY I 296 15.34 8.30 22.69
C GLY I 296 14.27 8.83 23.62
N ALA I 297 14.60 8.92 24.92
CA ALA I 297 13.60 9.50 25.84
C ALA I 297 13.61 11.02 25.89
N CYS I 298 12.83 11.66 25.05
CA CYS I 298 12.92 13.11 24.91
C CYS I 298 11.55 13.74 25.10
N PRO I 299 11.50 14.99 25.49
CA PRO I 299 10.20 15.66 25.59
C PRO I 299 9.48 15.71 24.26
N ARG I 300 8.16 15.85 24.37
CA ARG I 300 7.25 15.83 23.24
C ARG I 300 7.19 17.15 22.50
N TYR I 301 7.17 17.06 21.18
CA TYR I 301 7.10 18.22 20.31
C TYR I 301 5.75 18.90 20.39
N VAL I 302 5.72 20.21 20.61
CA VAL I 302 4.48 20.96 20.60
C VAL I 302 4.68 22.18 19.70
N LYS I 303 3.55 22.75 19.27
CA LYS I 303 3.60 23.92 18.39
C LYS I 303 3.87 25.22 19.12
N GLN I 304 3.51 25.33 20.39
CA GLN I 304 3.73 26.56 21.11
C GLN I 304 5.22 26.85 21.27
N SER I 305 5.57 28.13 21.19
CA SER I 305 6.93 28.58 21.37
C SER I 305 7.29 28.84 22.83
N THR I 306 6.31 29.04 23.70
CA THR I 306 6.60 29.29 25.10
C THR I 306 5.42 28.88 25.96
N LEU I 307 5.75 28.37 27.17
CA LEU I 307 4.75 27.98 28.16
C LEU I 307 5.39 28.20 29.53
N LYS I 308 4.98 29.26 30.21
CA LYS I 308 5.59 29.65 31.48
C LYS I 308 4.82 29.00 32.62
N LEU I 309 5.52 28.23 33.44
CA LEU I 309 4.92 27.62 34.62
C LEU I 309 5.22 28.49 35.83
N ALA I 310 4.17 28.99 36.47
CA ALA I 310 4.35 29.80 37.67
C ALA I 310 5.02 29.02 38.79
N THR I 311 5.98 29.66 39.44
CA THR I 311 6.70 29.10 40.58
C THR I 311 6.67 30.05 41.78
N GLY I 312 5.75 31.01 41.80
CA GLY I 312 5.66 31.94 42.91
C GLY I 312 4.27 32.51 43.09
N MET I 313 4.12 33.30 44.15
CA MET I 313 2.85 33.90 44.51
C MET I 313 2.45 35.00 43.53
N ARG I 314 1.22 35.47 43.68
CA ARG I 314 0.72 36.63 42.95
C ARG I 314 1.58 37.88 43.17
N ASN I 315 1.86 38.57 42.07
CA ASN I 315 2.65 39.80 42.05
C ASN I 315 1.73 41.01 42.15
N VAL I 316 1.81 41.76 43.23
CA VAL I 316 0.92 42.92 43.39
C VAL I 316 1.80 44.16 43.52
N PRO I 317 2.10 44.84 42.41
CA PRO I 317 2.97 46.03 42.38
C PRO I 317 2.31 47.39 42.58
N GLU I 318 2.07 47.73 43.86
CA GLU I 318 1.73 49.10 44.21
C GLU I 318 2.33 49.46 45.56
CA PHE I 331 -7.39 41.77 51.20
C PHE I 331 -6.11 42.54 51.48
N ILE I 332 -4.98 41.84 51.43
CA ILE I 332 -3.67 42.45 51.67
C ILE I 332 -3.46 43.49 50.58
N GLU I 333 -3.49 44.76 50.99
CA GLU I 333 -3.54 45.86 50.03
C GLU I 333 -2.36 45.88 49.07
N ASN I 334 -1.14 45.63 49.55
CA ASN I 334 -0.02 45.61 48.61
C ASN I 334 1.17 44.85 49.15
N GLY I 335 2.09 44.58 48.23
CA GLY I 335 3.36 43.92 48.50
C GLY I 335 4.40 44.88 49.06
N TRP I 336 5.51 44.31 49.52
CA TRP I 336 6.59 45.07 50.10
C TRP I 336 7.83 45.17 49.22
N GLU I 337 8.14 44.13 48.47
CA GLU I 337 9.27 44.12 47.53
C GLU I 337 10.60 44.27 48.27
N GLY I 338 10.61 43.94 49.57
CA GLY I 338 11.82 44.04 50.36
C GLY I 338 11.98 42.92 51.36
N MET I 339 11.03 41.98 51.38
CA MET I 339 11.13 40.79 52.22
C MET I 339 11.62 39.70 51.28
N VAL I 340 12.93 39.43 51.32
CA VAL I 340 13.62 38.55 50.38
C VAL I 340 14.24 37.34 51.08
N ASP I 341 13.96 37.13 52.36
CA ASP I 341 14.52 36.00 53.09
C ASP I 341 13.47 34.94 53.44
N GLY I 342 12.26 35.05 52.91
CA GLY I 342 11.23 34.08 53.19
C GLY I 342 9.96 34.44 52.45
N TRP I 343 9.03 33.49 52.43
CA TRP I 343 7.79 33.70 51.70
C TRP I 343 6.69 34.26 52.58
N TYR I 344 6.73 33.98 53.86
CA TYR I 344 5.74 34.48 54.80
C TYR I 344 6.49 35.12 55.94
N GLY I 345 5.85 36.05 56.63
CA GLY I 345 6.54 36.70 57.73
C GLY I 345 5.64 37.69 58.44
N PHE I 346 6.27 38.44 59.34
CA PHE I 346 5.58 39.41 60.17
C PHE I 346 6.16 40.80 59.95
N ARG I 347 5.29 41.80 59.92
CA ARG I 347 5.67 43.20 60.00
C ARG I 347 4.95 43.84 61.16
N HIS I 348 5.65 44.67 61.92
CA HIS I 348 5.08 45.27 63.10
C HIS I 348 5.39 46.76 63.12
N GLN I 349 4.59 47.49 63.88
CA GLN I 349 4.93 48.87 64.21
C GLN I 349 4.67 49.09 65.69
N ASN I 350 5.70 49.54 66.39
CA ASN I 350 5.64 49.88 67.80
C ASN I 350 6.46 51.15 67.97
N SER I 351 6.83 51.45 69.21
CA SER I 351 7.62 52.63 69.50
C SER I 351 9.00 52.56 68.84
N GLU I 352 9.57 51.35 68.70
CA GLU I 352 10.93 51.25 68.16
C GLU I 352 11.01 51.18 66.64
N GLY I 353 9.89 51.11 65.90
CA GLY I 353 10.11 51.06 64.47
C GLY I 353 9.31 50.01 63.74
N ARG I 354 9.85 49.65 62.58
CA ARG I 354 9.31 48.70 61.60
C ARG I 354 10.35 47.64 61.31
N GLY I 355 9.94 46.36 61.28
CA GLY I 355 10.87 45.27 61.05
C GLY I 355 10.26 44.20 60.18
N GLN I 356 11.11 43.28 59.76
CA GLN I 356 10.71 42.18 58.87
C GLN I 356 11.39 40.89 59.27
N ALA I 357 10.65 39.79 59.16
CA ALA I 357 11.15 38.47 59.50
C ALA I 357 10.38 37.45 58.66
N ALA I 358 10.70 36.18 58.84
CA ALA I 358 10.06 35.12 58.08
C ALA I 358 9.51 34.03 58.99
N ASP I 359 8.44 33.39 58.51
CA ASP I 359 7.87 32.20 59.13
C ASP I 359 8.33 30.98 58.33
N LEU I 360 9.08 30.10 58.99
CA LEU I 360 9.76 29.03 58.28
C LEU I 360 8.82 27.88 57.93
N LYS I 361 7.91 27.53 58.83
CA LYS I 361 7.03 26.39 58.59
C LYS I 361 6.15 26.63 57.36
N SER I 362 5.53 27.81 57.28
CA SER I 362 4.70 28.12 56.11
C SER I 362 5.56 28.28 54.86
N THR I 363 6.72 28.93 54.98
CA THR I 363 7.65 29.01 53.86
C THR I 363 8.00 27.64 53.33
N GLN I 364 8.39 26.72 54.21
CA GLN I 364 8.81 25.40 53.76
C GLN I 364 7.65 24.60 53.18
N ALA I 365 6.44 24.76 53.72
CA ALA I 365 5.29 24.05 53.18
C ALA I 365 5.02 24.45 51.74
N ALA I 366 5.08 25.75 51.46
CA ALA I 366 4.90 26.25 50.10
C ALA I 366 6.04 25.81 49.19
N ILE I 367 7.29 25.95 49.66
CA ILE I 367 8.44 25.58 48.85
C ILE I 367 8.41 24.10 48.50
N ASP I 368 8.00 23.26 49.45
CA ASP I 368 7.91 21.83 49.19
C ASP I 368 6.89 21.56 48.09
N GLN I 369 5.77 22.28 48.10
CA GLN I 369 4.73 22.09 47.09
C GLN I 369 5.18 22.51 45.70
N ILE I 370 5.93 23.61 45.60
CA ILE I 370 6.40 24.03 44.28
C ILE I 370 7.40 23.04 43.70
N ASN I 371 8.31 22.52 44.53
CA ASN I 371 9.22 21.48 44.06
C ASN I 371 8.46 20.22 43.67
N GLY I 372 7.34 19.97 44.34
CA GLY I 372 6.48 18.87 43.98
C GLY I 372 5.91 18.95 42.57
N LYS I 373 5.55 20.16 42.12
CA LYS I 373 5.06 20.30 40.76
C LYS I 373 6.14 19.98 39.73
N LEU I 374 7.35 20.49 39.91
CA LEU I 374 8.40 20.20 38.93
C LEU I 374 8.68 18.70 38.86
N ASN I 375 8.70 18.03 40.00
CA ASN I 375 8.94 16.58 40.02
C ASN I 375 7.88 15.81 39.26
N ARG I 376 6.65 16.32 39.20
CA ARG I 376 5.61 15.64 38.44
C ARG I 376 5.74 15.85 36.93
N LEU I 377 6.41 16.91 36.50
CA LEU I 377 6.44 17.30 35.11
C LEU I 377 7.82 17.14 34.48
N ILE I 378 8.86 17.37 35.26
CA ILE I 378 10.24 17.37 34.77
C ILE I 378 10.82 15.98 34.92
N GLY I 379 11.43 15.50 33.85
CA GLY I 379 12.13 14.22 33.85
C GLY I 379 11.18 13.05 33.97
N LYS I 380 10.03 13.12 33.27
CA LYS I 380 8.99 12.09 33.27
C LYS I 380 8.58 11.99 31.81
N THR I 381 9.30 11.17 31.05
CA THR I 381 9.07 11.04 29.62
C THR I 381 9.14 9.57 29.23
N ASN I 382 8.59 9.25 28.06
CA ASN I 382 8.53 7.87 27.61
C ASN I 382 9.40 7.66 26.37
N GLU I 383 10.12 6.55 26.37
CA GLU I 383 11.10 6.22 25.35
C GLU I 383 10.45 5.74 24.06
N LYS I 384 10.80 6.38 22.95
CA LYS I 384 10.45 5.87 21.63
C LYS I 384 11.73 5.68 20.85
N PHE I 385 11.76 4.64 20.00
CA PHE I 385 12.93 4.33 19.22
C PHE I 385 12.56 4.40 17.75
N HIS I 386 12.37 3.27 17.08
CA HIS I 386 12.01 3.30 15.69
C HIS I 386 10.57 3.75 15.53
N GLN I 387 10.35 4.75 14.70
CA GLN I 387 9.03 5.32 14.53
C GLN I 387 8.66 5.29 13.05
N ILE I 388 8.00 6.32 12.57
CA ILE I 388 7.71 6.44 11.16
C ILE I 388 8.50 7.63 10.63
N GLU I 389 8.65 7.68 9.31
CA GLU I 389 9.28 8.85 8.73
C GLU I 389 8.32 10.01 8.82
N LYS I 390 8.86 11.22 8.95
CA LYS I 390 8.04 12.38 9.22
C LYS I 390 8.38 13.55 8.32
N GLU I 391 9.37 13.40 7.45
CA GLU I 391 9.67 14.36 6.40
C GLU I 391 9.86 13.56 5.12
N PHE I 392 9.46 14.16 4.00
CA PHE I 392 9.43 13.44 2.75
C PHE I 392 9.99 14.32 1.66
N SER I 393 10.82 13.75 0.81
CA SER I 393 11.45 14.50 -0.26
C SER I 393 10.70 14.42 -1.57
N GLU I 394 9.83 13.43 -1.75
CA GLU I 394 9.06 13.30 -2.96
C GLU I 394 7.59 13.10 -2.68
N VAL I 395 6.76 13.66 -3.55
CA VAL I 395 5.32 13.41 -3.55
C VAL I 395 5.03 11.94 -3.84
N GLU I 396 4.16 11.36 -3.03
CA GLU I 396 3.78 9.96 -3.14
C GLU I 396 2.27 9.76 -3.11
N GLY I 397 1.51 10.71 -2.59
CA GLY I 397 0.07 10.59 -2.51
C GLY I 397 -0.43 9.84 -1.30
N ARG I 398 -1.31 8.86 -1.53
CA ARG I 398 -2.16 8.29 -0.50
C ARG I 398 -1.41 7.93 0.78
N ILE I 399 -0.39 7.08 0.68
CA ILE I 399 0.29 6.63 1.90
C ILE I 399 1.02 7.79 2.57
N GLN I 400 1.63 8.68 1.79
CA GLN I 400 2.30 9.83 2.38
C GLN I 400 1.30 10.80 3.00
N ASP I 401 0.13 10.96 2.38
CA ASP I 401 -0.91 11.78 2.99
C ASP I 401 -1.30 11.25 4.36
N LEU I 402 -1.41 9.94 4.49
CA LEU I 402 -1.82 9.37 5.77
C LEU I 402 -0.76 9.59 6.82
N GLU I 403 0.50 9.34 6.49
CA GLU I 403 1.59 9.58 7.43
C GLU I 403 1.62 11.05 7.84
N LYS I 404 1.39 11.95 6.89
CA LYS I 404 1.38 13.37 7.22
C LYS I 404 0.19 13.67 8.12
N TYR I 405 -0.97 13.08 7.82
CA TYR I 405 -2.16 13.35 8.62
C TYR I 405 -2.02 12.80 10.02
N VAL I 406 -1.40 11.64 10.17
CA VAL I 406 -1.21 11.07 11.50
C VAL I 406 -0.37 11.99 12.36
N GLU I 407 0.72 12.52 11.81
CA GLU I 407 1.55 13.40 12.62
C GLU I 407 0.84 14.71 12.93
N ASP I 408 0.15 15.31 11.97
CA ASP I 408 -0.56 16.56 12.28
C ASP I 408 -1.64 16.39 13.33
N THR I 409 -2.39 15.29 13.30
CA THR I 409 -3.38 15.07 14.35
C THR I 409 -2.71 14.93 15.72
N LYS I 410 -1.64 14.13 15.78
CA LYS I 410 -0.93 13.91 17.03
C LYS I 410 -0.35 15.20 17.60
N ILE I 411 0.26 16.03 16.74
CA ILE I 411 0.86 17.27 17.21
C ILE I 411 -0.19 18.20 17.78
N ASP I 412 -1.35 18.30 17.13
CA ASP I 412 -2.41 19.16 17.67
C ASP I 412 -2.89 18.68 19.02
N LEU I 413 -2.97 17.37 19.24
CA LEU I 413 -3.47 16.87 20.51
C LEU I 413 -2.46 17.07 21.64
N TRP I 414 -1.17 16.87 21.38
CA TRP I 414 -0.18 17.18 22.41
C TRP I 414 -0.01 18.67 22.63
N SER I 415 -0.11 19.47 21.58
CA SER I 415 -0.01 20.91 21.78
C SER I 415 -1.16 21.41 22.64
N TYR I 416 -2.36 20.88 22.43
CA TYR I 416 -3.47 21.22 23.29
C TYR I 416 -3.22 20.77 24.72
N ASN I 417 -2.82 19.51 24.90
CA ASN I 417 -2.56 18.98 26.24
C ASN I 417 -1.55 19.83 26.98
N ALA I 418 -0.47 20.23 26.33
CA ALA I 418 0.55 21.01 27.01
C ALA I 418 0.01 22.37 27.44
N GLU I 419 -0.75 23.02 26.56
CA GLU I 419 -1.30 24.33 26.90
C GLU I 419 -2.23 24.23 28.09
N LEU I 420 -3.14 23.26 28.06
CA LEU I 420 -4.10 23.10 29.16
C LEU I 420 -3.40 22.66 30.44
N LEU I 421 -2.43 21.75 30.35
CA LEU I 421 -1.71 21.29 31.53
C LEU I 421 -1.11 22.44 32.31
N VAL I 422 -0.39 23.34 31.65
CA VAL I 422 0.21 24.46 32.36
C VAL I 422 -0.87 25.36 32.93
N ALA I 423 -1.92 25.64 32.14
CA ALA I 423 -2.99 26.51 32.61
C ALA I 423 -3.69 25.94 33.84
N LEU I 424 -3.97 24.63 33.88
CA LEU I 424 -4.60 24.09 35.07
C LEU I 424 -3.67 24.12 36.27
N GLU I 425 -2.44 23.62 36.10
CA GLU I 425 -1.49 23.61 37.20
C GLU I 425 -1.16 25.02 37.67
N ASN I 426 -1.01 25.95 36.74
CA ASN I 426 -0.63 27.30 37.14
C ASN I 426 -1.74 27.99 37.92
N GLN I 427 -2.98 27.88 37.45
CA GLN I 427 -4.10 28.41 38.21
C GLN I 427 -4.18 27.82 39.61
N HIS I 428 -4.02 26.50 39.73
CA HIS I 428 -4.12 25.85 41.03
C HIS I 428 -2.97 26.25 41.95
N THR I 429 -1.76 26.38 41.41
CA THR I 429 -0.63 26.80 42.23
C THR I 429 -0.86 28.18 42.82
N ILE I 430 -1.36 29.12 42.02
CA ILE I 430 -1.69 30.45 42.51
C ILE I 430 -2.77 30.40 43.59
N ASP I 431 -3.73 29.49 43.44
CA ASP I 431 -4.76 29.36 44.47
C ASP I 431 -4.21 28.71 45.73
N LEU I 432 -3.27 27.78 45.60
CA LEU I 432 -2.73 27.15 46.79
C LEU I 432 -1.86 28.11 47.57
N THR I 433 -1.15 29.01 46.88
CA THR I 433 -0.33 29.98 47.59
C THR I 433 -1.21 31.00 48.30
N ASP I 434 -2.34 31.35 47.68
CA ASP I 434 -3.34 32.21 48.30
C ASP I 434 -3.98 31.54 49.51
N SER I 435 -4.26 30.24 49.39
CA SER I 435 -4.82 29.47 50.49
C SER I 435 -3.94 29.52 51.72
N GLU I 436 -2.63 29.34 51.54
CA GLU I 436 -1.73 29.37 52.69
C GLU I 436 -1.81 30.70 53.42
N MET I 437 -1.94 31.80 52.67
CA MET I 437 -2.06 33.10 53.33
C MET I 437 -3.35 33.18 54.15
N ASN I 438 -4.46 32.71 53.59
CA ASN I 438 -5.71 32.75 54.34
C ASN I 438 -5.64 31.87 55.57
N LYS I 439 -5.07 30.66 55.43
CA LYS I 439 -4.94 29.78 56.58
C LYS I 439 -4.09 30.40 57.67
N LEU I 440 -2.98 31.03 57.30
CA LEU I 440 -2.12 31.67 58.29
C LEU I 440 -2.84 32.81 58.97
N PHE I 441 -3.55 33.62 58.19
CA PHE I 441 -4.33 34.72 58.75
C PHE I 441 -5.40 34.18 59.69
N GLU I 442 -6.12 33.15 59.25
CA GLU I 442 -7.16 32.57 60.09
C GLU I 442 -6.57 31.92 61.33
N LYS I 443 -5.44 31.22 61.18
CA LYS I 443 -4.80 30.60 62.32
C LYS I 443 -4.39 31.66 63.33
N THR I 444 -3.82 32.77 62.85
CA THR I 444 -3.45 33.83 63.78
C THR I 444 -4.70 34.41 64.41
N LYS I 445 -5.75 34.59 63.59
CA LYS I 445 -6.99 35.12 64.11
C LYS I 445 -7.53 34.20 65.20
N LYS I 446 -7.53 32.88 64.96
CA LYS I 446 -8.09 31.97 65.95
C LYS I 446 -7.26 31.95 67.23
N GLN I 447 -5.92 31.99 67.13
CA GLN I 447 -5.14 32.06 68.37
C GLN I 447 -5.59 33.28 69.16
N LEU I 448 -5.79 34.40 68.46
CA LEU I 448 -6.10 35.66 69.08
C LEU I 448 -7.59 35.59 69.44
N ARG I 449 -8.18 36.70 69.83
CA ARG I 449 -9.61 36.75 70.15
C ARG I 449 -10.19 38.11 69.83
N GLU I 450 -10.82 38.73 70.82
CA GLU I 450 -11.45 40.03 70.71
C GLU I 450 -10.47 41.15 71.03
N ASN I 451 -9.18 40.81 71.07
CA ASN I 451 -8.10 41.68 71.50
C ASN I 451 -7.51 42.43 70.30
N ALA I 452 -8.06 42.21 69.11
CA ALA I 452 -7.52 42.83 67.91
C ALA I 452 -8.66 42.98 66.91
N GLU I 453 -8.45 43.85 65.92
CA GLU I 453 -9.42 44.00 64.86
C GLU I 453 -8.74 43.96 63.50
N ASP I 454 -9.41 43.34 62.54
CA ASP I 454 -8.90 43.24 61.18
C ASP I 454 -9.10 44.58 60.45
N MET I 455 -8.02 45.18 59.97
CA MET I 455 -8.16 46.45 59.25
C MET I 455 -8.43 46.22 57.77
N GLY I 456 -8.46 44.97 57.33
CA GLY I 456 -8.84 44.69 55.96
C GLY I 456 -7.69 44.59 54.99
N ASN I 457 -6.46 44.77 55.45
CA ASN I 457 -5.31 44.70 54.56
C ASN I 457 -4.32 43.63 55.00
N GLY I 458 -4.81 42.62 55.72
CA GLY I 458 -4.02 41.55 56.28
C GLY I 458 -3.35 41.84 57.60
N CYS I 459 -3.57 43.02 58.18
CA CYS I 459 -2.96 43.40 59.44
C CYS I 459 -3.96 43.43 60.58
N PHE I 460 -3.52 43.06 61.77
CA PHE I 460 -4.35 43.18 62.97
C PHE I 460 -3.80 44.29 63.85
N LYS I 461 -4.68 45.16 64.33
CA LYS I 461 -4.36 46.11 65.40
C LYS I 461 -4.71 45.40 66.69
N ILE I 462 -3.73 45.13 67.54
CA ILE I 462 -4.02 44.38 68.75
C ILE I 462 -4.29 45.30 69.94
N TYR I 463 -5.50 45.15 70.49
CA TYR I 463 -6.16 45.95 71.52
C TYR I 463 -5.79 45.38 72.87
N HIS I 464 -4.55 44.93 72.91
CA HIS I 464 -3.87 44.37 74.08
C HIS I 464 -2.41 44.72 73.85
N LYS I 465 -1.89 45.53 74.76
CA LYS I 465 -0.49 45.91 74.79
C LYS I 465 0.47 44.73 74.85
N CYS I 466 1.36 44.69 73.85
CA CYS I 466 2.41 43.69 73.72
C CYS I 466 3.65 44.47 73.35
N ASP I 467 4.83 43.94 73.68
CA ASP I 467 6.09 44.62 73.36
C ASP I 467 7.16 43.73 72.70
N ASN I 468 6.88 43.20 71.50
CA ASN I 468 7.77 42.29 70.77
C ASN I 468 7.68 40.85 71.26
N ALA I 469 7.45 40.66 72.56
CA ALA I 469 7.31 39.32 73.10
C ALA I 469 6.07 38.65 72.52
N CYS I 470 5.02 39.44 72.29
CA CYS I 470 3.81 38.94 71.67
C CYS I 470 4.10 38.43 70.26
N ILE I 471 4.80 39.23 69.47
CA ILE I 471 5.17 38.83 68.11
C ILE I 471 5.93 37.52 68.10
N GLY I 472 6.94 37.37 68.97
CA GLY I 472 7.65 36.10 69.00
C GLY I 472 6.76 34.92 69.30
N SER I 473 5.83 35.10 70.24
CA SER I 473 4.89 34.05 70.61
C SER I 473 3.93 33.72 69.47
N ILE I 474 3.57 34.74 68.69
CA ILE I 474 2.73 34.58 67.51
C ILE I 474 3.41 33.72 66.45
N ARG I 475 4.69 33.97 66.18
CA ARG I 475 5.34 33.19 65.13
C ARG I 475 5.37 31.71 65.43
N ASN I 476 5.47 31.29 66.71
CA ASN I 476 5.48 29.87 66.98
C ASN I 476 4.16 29.36 67.55
N GLY I 477 3.11 30.19 67.52
CA GLY I 477 1.78 29.73 67.86
C GLY I 477 1.56 29.48 69.34
N THR I 478 2.32 30.15 70.20
CA THR I 478 2.19 29.98 71.64
C THR I 478 1.73 31.24 72.38
N TYR I 479 1.35 32.29 71.67
CA TYR I 479 0.90 33.50 72.34
C TYR I 479 -0.34 33.25 73.19
N ASP I 480 -0.24 33.58 74.47
CA ASP I 480 -1.34 33.47 75.42
C ASP I 480 -1.87 34.88 75.62
N HIS I 481 -3.02 35.17 75.02
CA HIS I 481 -3.58 36.52 75.02
C HIS I 481 -3.96 37.01 76.41
N ASP I 482 -4.38 36.09 77.28
CA ASP I 482 -4.82 36.43 78.63
C ASP I 482 -3.88 37.10 79.63
N VAL I 483 -3.37 38.31 79.37
CA VAL I 483 -2.54 38.90 80.42
C VAL I 483 -3.19 40.25 80.73
N TYR I 484 -3.65 40.92 79.67
CA TYR I 484 -4.23 42.26 79.67
C TYR I 484 -5.70 42.20 79.30
N ARG I 485 -6.15 41.02 78.91
CA ARG I 485 -7.45 40.76 78.30
C ARG I 485 -8.64 41.31 79.10
N ASP I 486 -8.64 41.16 80.42
CA ASP I 486 -9.77 41.59 81.25
C ASP I 486 -10.11 43.08 81.11
N GLU I 487 -9.14 44.00 81.19
CA GLU I 487 -9.51 45.40 80.97
C GLU I 487 -10.11 45.66 79.58
N ALA I 488 -10.78 44.65 79.02
CA ALA I 488 -11.31 44.71 77.66
C ALA I 488 -12.39 45.78 77.46
N LEU I 489 -13.39 45.86 78.35
CA LEU I 489 -14.42 46.89 78.16
C LEU I 489 -13.84 48.30 78.11
N ASN I 490 -12.87 48.63 78.97
CA ASN I 490 -12.31 49.97 78.85
C ASN I 490 -11.66 50.12 77.47
N ASN I 491 -10.94 49.09 77.05
CA ASN I 491 -10.30 49.04 75.74
C ASN I 491 -11.30 48.93 74.60
N ARG I 492 -11.47 49.98 73.80
CA ARG I 492 -12.40 49.93 72.66
C ARG I 492 -13.91 49.96 72.93
N PHE I 493 -14.44 49.28 73.95
CA PHE I 493 -15.90 49.13 74.06
C PHE I 493 -16.48 50.00 75.17
N GLN I 494 -16.83 51.23 74.82
CA GLN I 494 -17.35 52.16 75.82
C GLN I 494 -18.88 52.17 75.85
N ILE I 495 -19.47 53.27 76.30
CA ILE I 495 -20.93 53.39 76.30
C ILE I 495 -21.35 54.78 75.83
#